data_7FVZ
# 
_entry.id   7FVZ 
# 
_audit_conform.dict_name       mmcif_pdbx.dic 
_audit_conform.dict_version    5.404 
_audit_conform.dict_location   http://mmcif.pdb.org/dictionaries/ascii/mmcif_pdbx.dic 
# 
loop_
_database_2.database_id 
_database_2.database_code 
_database_2.pdbx_database_accession 
_database_2.pdbx_DOI 
PDB   7FVZ         pdb_00007fvz 10.2210/pdb7fvz/pdb 
WWPDB D_1001405416 ?            ?                   
# 
loop_
_pdbx_audit_revision_history.ordinal 
_pdbx_audit_revision_history.data_content_type 
_pdbx_audit_revision_history.major_revision 
_pdbx_audit_revision_history.minor_revision 
_pdbx_audit_revision_history.revision_date 
_pdbx_audit_revision_history.part_number 
1 'Structure model' 1 0 2023-06-14 ? 
2 'Structure model' 1 1 2024-04-03 ? 
3 'Structure model' 1 2 2025-08-13 ? 
# 
_pdbx_audit_revision_details.ordinal             1 
_pdbx_audit_revision_details.revision_ordinal    1 
_pdbx_audit_revision_details.data_content_type   'Structure model' 
_pdbx_audit_revision_details.provider            repository 
_pdbx_audit_revision_details.type                'Initial release' 
_pdbx_audit_revision_details.description         ? 
_pdbx_audit_revision_details.details             ? 
# 
loop_
_pdbx_audit_revision_group.ordinal 
_pdbx_audit_revision_group.revision_ordinal 
_pdbx_audit_revision_group.data_content_type 
_pdbx_audit_revision_group.group 
1 2 'Structure model' 'Data collection'        
2 2 'Structure model' 'Refinement description' 
3 3 'Structure model' 'Database references'    
4 3 'Structure model' 'Structure summary'      
# 
loop_
_pdbx_audit_revision_category.ordinal 
_pdbx_audit_revision_category.revision_ordinal 
_pdbx_audit_revision_category.data_content_type 
_pdbx_audit_revision_category.category 
1 2 'Structure model' chem_comp_atom                
2 2 'Structure model' chem_comp_bond                
3 2 'Structure model' pdbx_initial_refinement_model 
4 3 'Structure model' citation                      
5 3 'Structure model' citation_author               
6 3 'Structure model' pdbx_entry_details            
# 
loop_
_pdbx_audit_revision_item.ordinal 
_pdbx_audit_revision_item.revision_ordinal 
_pdbx_audit_revision_item.data_content_type 
_pdbx_audit_revision_item.item 
1  3 'Structure model' '_citation.journal_abbrev'                     
2  3 'Structure model' '_citation.journal_id_CSD'                     
3  3 'Structure model' '_citation.journal_id_ISSN'                    
4  3 'Structure model' '_citation.journal_volume'                     
5  3 'Structure model' '_citation.page_first'                         
6  3 'Structure model' '_citation.page_last'                          
7  3 'Structure model' '_citation.pdbx_database_id_DOI'               
8  3 'Structure model' '_citation.pdbx_database_id_PubMed'            
9  3 'Structure model' '_citation.title'                              
10 3 'Structure model' '_citation.year'                               
11 3 'Structure model' '_pdbx_entry_details.has_protein_modification' 
# 
_pdbx_database_status.entry_id                        7FVZ 
_pdbx_database_status.status_code                     REL 
_pdbx_database_status.status_code_sf                  REL 
_pdbx_database_status.status_code_mr                  ? 
_pdbx_database_status.status_code_cs                  ? 
_pdbx_database_status.recvd_initial_deposition_date   2023-04-27 
_pdbx_database_status.status_code_nmr_data            ? 
_pdbx_database_status.deposit_site                    RCSB 
_pdbx_database_status.process_site                    RCSB 
_pdbx_database_status.SG_entry                        ? 
_pdbx_database_status.pdb_format_compatible           Y 
_pdbx_database_status.methods_development_category    ? 
# 
_pdbx_contact_author.id                 1 
_pdbx_contact_author.name_first         Markus 
_pdbx_contact_author.name_last          Rudolph 
_pdbx_contact_author.name_mi            G. 
_pdbx_contact_author.role               'principal investigator/group leader' 
_pdbx_contact_author.email              Markus.Rudolph@roche.com 
_pdbx_contact_author.identifier_ORCID   0000-0003-0447-1101 
# 
loop_
_audit_author.pdbx_ordinal 
_audit_author.name 
1 'Ehler, A.'     
2 'Benz, J.'      
3 'Obst, U.'      
4 'Rudolph, M.G.' 
# 
_citation.id                        primary 
_citation.journal_abbrev            'Acta Crystallogr D Struct Biol' 
_citation.title                     
'A high-resolution data set of fatty acid-binding protein structures. III. Unexpectedly high occurrence of wrong ligands.' 
_citation.year                      2025 
_citation.journal_volume            81 
_citation.page_first                451 
_citation.page_last                 464 
_citation.journal_id_ASTM           ? 
_citation.country                   ? 
_citation.journal_id_ISSN           2059-7983 
_citation.journal_id_CSD            ? 
_citation.book_publisher            ? 
_citation.pdbx_database_id_PubMed   40748031 
_citation.pdbx_database_id_DOI      10.1107/S2059798325006096 
# 
loop_
_citation_author.citation_id 
_citation_author.name 
_citation_author.ordinal 
_citation_author.identifier_ORCID 
primary 'Ehler, A.'     1 ?                   
primary 'Bartelmus, C.' 2 0000-0002-1527-4325 
primary 'Benz, J.'      3 ?                   
primary 'Plitzko, I.'   4 ?                   
primary 'Rudolph, M.G.' 5 0000-0003-0447-1101 
# 
loop_
_entity.id 
_entity.type 
_entity.src_method 
_entity.pdbx_description 
_entity.formula_weight 
_entity.pdbx_number_of_molecules 
_entity.pdbx_ec 
_entity.pdbx_mutation 
_entity.pdbx_fragment 
_entity.details 
1 polymer     man 'Fatty acid-binding protein, adipocyte'                                           15022.176 1   ? 
V24L,V33M,A34G,M41C,S54T,F58L,H94Q,S125C ? ? 
2 non-polymer syn '(4E)-6-(5-methoxy-3,6,7-trimethyl-1,2-benzoxazol-4-yl)-4-methylhex-4-enoic acid' 317.380   1   ? ? ? ? 
3 non-polymer syn 'SULFATE ION'                                                                     96.063    2   ? ? ? ? 
4 non-polymer syn 'FORMIC ACID'                                                                     46.025    1   ? ? ? ? 
5 water       nat water                                                                             18.015    165 ? ? ? ? 
# 
_entity_name_com.entity_id   1 
_entity_name_com.name        
'Adipocyte lipid-binding protein,ALBP,Adipocyte-type fatty acid-binding protein,A-FABP,AFABP,Fatty acid-binding protein 4' 
# 
_entity_poly.entity_id                      1 
_entity_poly.type                           'polypeptide(L)' 
_entity_poly.nstd_linkage                   no 
_entity_poly.nstd_monomer                   no 
_entity_poly.pdbx_seq_one_letter_code       
;GSHMCDAFVGTWKLVSSENFDDYMKEVGVGFATRKVAGMAKPNMIISVNGDVITIKSESTFKNTEISFILGQEFDEVTAD
DRKVKSTITLDGGVLVHVQKWDGKSTTIKRKREDDKLVVECVMKGVTSTRVYERA
;
_entity_poly.pdbx_seq_one_letter_code_can   
;GSHMCDAFVGTWKLVSSENFDDYMKEVGVGFATRKVAGMAKPNMIISVNGDVITIKSESTFKNTEISFILGQEFDEVTAD
DRKVKSTITLDGGVLVHVQKWDGKSTTIKRKREDDKLVVECVMKGVTSTRVYERA
;
_entity_poly.pdbx_strand_id                 A 
_entity_poly.pdbx_target_identifier         ? 
# 
loop_
_pdbx_entity_nonpoly.entity_id 
_pdbx_entity_nonpoly.name 
_pdbx_entity_nonpoly.comp_id 
2 '(4E)-6-(5-methoxy-3,6,7-trimethyl-1,2-benzoxazol-4-yl)-4-methylhex-4-enoic acid' IZ7 
3 'SULFATE ION'                                                                     SO4 
4 'FORMIC ACID'                                                                     FMT 
5 water                                                                             HOH 
# 
loop_
_entity_poly_seq.entity_id 
_entity_poly_seq.num 
_entity_poly_seq.mon_id 
_entity_poly_seq.hetero 
1 1   GLY n 
1 2   SER n 
1 3   HIS n 
1 4   MET n 
1 5   CYS n 
1 6   ASP n 
1 7   ALA n 
1 8   PHE n 
1 9   VAL n 
1 10  GLY n 
1 11  THR n 
1 12  TRP n 
1 13  LYS n 
1 14  LEU n 
1 15  VAL n 
1 16  SER n 
1 17  SER n 
1 18  GLU n 
1 19  ASN n 
1 20  PHE n 
1 21  ASP n 
1 22  ASP n 
1 23  TYR n 
1 24  MET n 
1 25  LYS n 
1 26  GLU n 
1 27  VAL n 
1 28  GLY n 
1 29  VAL n 
1 30  GLY n 
1 31  PHE n 
1 32  ALA n 
1 33  THR n 
1 34  ARG n 
1 35  LYS n 
1 36  VAL n 
1 37  ALA n 
1 38  GLY n 
1 39  MET n 
1 40  ALA n 
1 41  LYS n 
1 42  PRO n 
1 43  ASN n 
1 44  MET n 
1 45  ILE n 
1 46  ILE n 
1 47  SER n 
1 48  VAL n 
1 49  ASN n 
1 50  GLY n 
1 51  ASP n 
1 52  VAL n 
1 53  ILE n 
1 54  THR n 
1 55  ILE n 
1 56  LYS n 
1 57  SER n 
1 58  GLU n 
1 59  SER n 
1 60  THR n 
1 61  PHE n 
1 62  LYS n 
1 63  ASN n 
1 64  THR n 
1 65  GLU n 
1 66  ILE n 
1 67  SER n 
1 68  PHE n 
1 69  ILE n 
1 70  LEU n 
1 71  GLY n 
1 72  GLN n 
1 73  GLU n 
1 74  PHE n 
1 75  ASP n 
1 76  GLU n 
1 77  VAL n 
1 78  THR n 
1 79  ALA n 
1 80  ASP n 
1 81  ASP n 
1 82  ARG n 
1 83  LYS n 
1 84  VAL n 
1 85  LYS n 
1 86  SER n 
1 87  THR n 
1 88  ILE n 
1 89  THR n 
1 90  LEU n 
1 91  ASP n 
1 92  GLY n 
1 93  GLY n 
1 94  VAL n 
1 95  LEU n 
1 96  VAL n 
1 97  HIS n 
1 98  VAL n 
1 99  GLN n 
1 100 LYS n 
1 101 TRP n 
1 102 ASP n 
1 103 GLY n 
1 104 LYS n 
1 105 SER n 
1 106 THR n 
1 107 THR n 
1 108 ILE n 
1 109 LYS n 
1 110 ARG n 
1 111 LYS n 
1 112 ARG n 
1 113 GLU n 
1 114 ASP n 
1 115 ASP n 
1 116 LYS n 
1 117 LEU n 
1 118 VAL n 
1 119 VAL n 
1 120 GLU n 
1 121 CYS n 
1 122 VAL n 
1 123 MET n 
1 124 LYS n 
1 125 GLY n 
1 126 VAL n 
1 127 THR n 
1 128 SER n 
1 129 THR n 
1 130 ARG n 
1 131 VAL n 
1 132 TYR n 
1 133 GLU n 
1 134 ARG n 
1 135 ALA n 
# 
_entity_src_gen.entity_id                          1 
_entity_src_gen.pdbx_src_id                        1 
_entity_src_gen.pdbx_alt_source_flag               sample 
_entity_src_gen.pdbx_seq_type                      'Biological sequence' 
_entity_src_gen.pdbx_beg_seq_num                   1 
_entity_src_gen.pdbx_end_seq_num                   135 
_entity_src_gen.gene_src_common_name               human 
_entity_src_gen.gene_src_genus                     ? 
_entity_src_gen.pdbx_gene_src_gene                 FABP4 
_entity_src_gen.gene_src_species                   ? 
_entity_src_gen.gene_src_strain                    ? 
_entity_src_gen.gene_src_tissue                    ? 
_entity_src_gen.gene_src_tissue_fraction           ? 
_entity_src_gen.gene_src_details                   ? 
_entity_src_gen.pdbx_gene_src_fragment             ? 
_entity_src_gen.pdbx_gene_src_scientific_name      'Homo sapiens' 
_entity_src_gen.pdbx_gene_src_ncbi_taxonomy_id     9606 
_entity_src_gen.pdbx_gene_src_variant              ? 
_entity_src_gen.pdbx_gene_src_cell_line            ? 
_entity_src_gen.pdbx_gene_src_atcc                 ? 
_entity_src_gen.pdbx_gene_src_organ                ? 
_entity_src_gen.pdbx_gene_src_organelle            ? 
_entity_src_gen.pdbx_gene_src_cell                 ? 
_entity_src_gen.pdbx_gene_src_cellular_location    ? 
_entity_src_gen.host_org_common_name               ? 
_entity_src_gen.pdbx_host_org_scientific_name      'Escherichia coli BL21(DE3)' 
_entity_src_gen.pdbx_host_org_ncbi_taxonomy_id     469008 
_entity_src_gen.host_org_genus                     ? 
_entity_src_gen.pdbx_host_org_gene                 ? 
_entity_src_gen.pdbx_host_org_organ                ? 
_entity_src_gen.host_org_species                   ? 
_entity_src_gen.pdbx_host_org_tissue               ? 
_entity_src_gen.pdbx_host_org_tissue_fraction      ? 
_entity_src_gen.pdbx_host_org_strain               ? 
_entity_src_gen.pdbx_host_org_variant              ? 
_entity_src_gen.pdbx_host_org_cell_line            ? 
_entity_src_gen.pdbx_host_org_atcc                 ? 
_entity_src_gen.pdbx_host_org_culture_collection   ? 
_entity_src_gen.pdbx_host_org_cell                 ? 
_entity_src_gen.pdbx_host_org_organelle            ? 
_entity_src_gen.pdbx_host_org_cellular_location    ? 
_entity_src_gen.pdbx_host_org_vector_type          plasmid 
_entity_src_gen.pdbx_host_org_vector               ? 
_entity_src_gen.host_org_details                   ? 
_entity_src_gen.expression_system_id               ? 
_entity_src_gen.plasmid_name                       PET15b 
_entity_src_gen.plasmid_details                    ? 
_entity_src_gen.pdbx_description                   ? 
# 
loop_
_chem_comp.id 
_chem_comp.type 
_chem_comp.mon_nstd_flag 
_chem_comp.name 
_chem_comp.pdbx_synonyms 
_chem_comp.formula 
_chem_comp.formula_weight 
ALA 'L-peptide linking' y ALANINE                                                                           ? 'C3 H7 N O2'     
89.093  
ARG 'L-peptide linking' y ARGININE                                                                          ? 'C6 H15 N4 O2 1' 
175.209 
ASN 'L-peptide linking' y ASPARAGINE                                                                        ? 'C4 H8 N2 O3'    
132.118 
ASP 'L-peptide linking' y 'ASPARTIC ACID'                                                                   ? 'C4 H7 N O4'     
133.103 
CYS 'L-peptide linking' y CYSTEINE                                                                          ? 'C3 H7 N O2 S'   
121.158 
FMT non-polymer         . 'FORMIC ACID'                                                                     ? 'C H2 O2'        
46.025  
GLN 'L-peptide linking' y GLUTAMINE                                                                         ? 'C5 H10 N2 O3'   
146.144 
GLU 'L-peptide linking' y 'GLUTAMIC ACID'                                                                   ? 'C5 H9 N O4'     
147.129 
GLY 'peptide linking'   y GLYCINE                                                                           ? 'C2 H5 N O2'     
75.067  
HIS 'L-peptide linking' y HISTIDINE                                                                         ? 'C6 H10 N3 O2 1' 
156.162 
HOH non-polymer         . WATER                                                                             ? 'H2 O'           
18.015  
ILE 'L-peptide linking' y ISOLEUCINE                                                                        ? 'C6 H13 N O2'    
131.173 
IZ7 non-polymer         . '(4E)-6-(5-methoxy-3,6,7-trimethyl-1,2-benzoxazol-4-yl)-4-methylhex-4-enoic acid' ? 'C18 H23 N O4'   
317.380 
LEU 'L-peptide linking' y LEUCINE                                                                           ? 'C6 H13 N O2'    
131.173 
LYS 'L-peptide linking' y LYSINE                                                                            ? 'C6 H15 N2 O2 1' 
147.195 
MET 'L-peptide linking' y METHIONINE                                                                        ? 'C5 H11 N O2 S'  
149.211 
PHE 'L-peptide linking' y PHENYLALANINE                                                                     ? 'C9 H11 N O2'    
165.189 
PRO 'L-peptide linking' y PROLINE                                                                           ? 'C5 H9 N O2'     
115.130 
SER 'L-peptide linking' y SERINE                                                                            ? 'C3 H7 N O3'     
105.093 
SO4 non-polymer         . 'SULFATE ION'                                                                     ? 'O4 S -2'        
96.063  
THR 'L-peptide linking' y THREONINE                                                                         ? 'C4 H9 N O3'     
119.119 
TRP 'L-peptide linking' y TRYPTOPHAN                                                                        ? 'C11 H12 N2 O2'  
204.225 
TYR 'L-peptide linking' y TYROSINE                                                                          ? 'C9 H11 N O3'    
181.189 
VAL 'L-peptide linking' y VALINE                                                                            ? 'C5 H11 N O2'    
117.146 
# 
loop_
_pdbx_poly_seq_scheme.asym_id 
_pdbx_poly_seq_scheme.entity_id 
_pdbx_poly_seq_scheme.seq_id 
_pdbx_poly_seq_scheme.mon_id 
_pdbx_poly_seq_scheme.ndb_seq_num 
_pdbx_poly_seq_scheme.pdb_seq_num 
_pdbx_poly_seq_scheme.auth_seq_num 
_pdbx_poly_seq_scheme.pdb_mon_id 
_pdbx_poly_seq_scheme.auth_mon_id 
_pdbx_poly_seq_scheme.pdb_strand_id 
_pdbx_poly_seq_scheme.pdb_ins_code 
_pdbx_poly_seq_scheme.hetero 
A 1 1   GLY 1   -3  ?   ?   ?   A . n 
A 1 2   SER 2   -2  ?   ?   ?   A . n 
A 1 3   HIS 3   -1  -1  HIS HIS A . n 
A 1 4   MET 4   0   0   MET MET A . n 
A 1 5   CYS 5   1   1   CYS CYS A . n 
A 1 6   ASP 6   2   2   ASP ASP A . n 
A 1 7   ALA 7   3   3   ALA ALA A . n 
A 1 8   PHE 8   4   4   PHE PHE A . n 
A 1 9   VAL 9   5   5   VAL VAL A . n 
A 1 10  GLY 10  6   6   GLY GLY A . n 
A 1 11  THR 11  7   7   THR THR A . n 
A 1 12  TRP 12  8   8   TRP TRP A . n 
A 1 13  LYS 13  9   9   LYS LYS A . n 
A 1 14  LEU 14  10  10  LEU LEU A . n 
A 1 15  VAL 15  11  11  VAL VAL A . n 
A 1 16  SER 16  12  12  SER SER A . n 
A 1 17  SER 17  13  13  SER SER A . n 
A 1 18  GLU 18  14  14  GLU GLU A . n 
A 1 19  ASN 19  15  15  ASN ASN A . n 
A 1 20  PHE 20  16  16  PHE PHE A . n 
A 1 21  ASP 21  17  17  ASP ASP A . n 
A 1 22  ASP 22  18  18  ASP ASP A . n 
A 1 23  TYR 23  19  19  TYR TYR A . n 
A 1 24  MET 24  20  20  MET MET A . n 
A 1 25  LYS 25  21  21  LYS LYS A . n 
A 1 26  GLU 26  22  22  GLU GLU A . n 
A 1 27  VAL 27  23  23  VAL VAL A . n 
A 1 28  GLY 28  24  24  GLY GLY A . n 
A 1 29  VAL 29  25  25  VAL VAL A . n 
A 1 30  GLY 30  26  26  GLY GLY A . n 
A 1 31  PHE 31  27  27  PHE PHE A . n 
A 1 32  ALA 32  28  28  ALA ALA A . n 
A 1 33  THR 33  29  29  THR THR A . n 
A 1 34  ARG 34  30  30  ARG ARG A . n 
A 1 35  LYS 35  31  31  LYS LYS A . n 
A 1 36  VAL 36  32  32  VAL VAL A . n 
A 1 37  ALA 37  33  33  ALA ALA A . n 
A 1 38  GLY 38  34  34  GLY GLY A . n 
A 1 39  MET 39  35  35  MET MET A . n 
A 1 40  ALA 40  36  36  ALA ALA A . n 
A 1 41  LYS 41  37  37  LYS LYS A . n 
A 1 42  PRO 42  38  38  PRO PRO A . n 
A 1 43  ASN 43  39  39  ASN ASN A . n 
A 1 44  MET 44  40  40  MET MET A . n 
A 1 45  ILE 45  41  41  ILE ILE A . n 
A 1 46  ILE 46  42  42  ILE ILE A . n 
A 1 47  SER 47  43  43  SER SER A . n 
A 1 48  VAL 48  44  44  VAL VAL A . n 
A 1 49  ASN 49  45  45  ASN ASN A . n 
A 1 50  GLY 50  46  46  GLY GLY A . n 
A 1 51  ASP 51  47  47  ASP ASP A . n 
A 1 52  VAL 52  48  48  VAL VAL A . n 
A 1 53  ILE 53  49  49  ILE ILE A . n 
A 1 54  THR 54  50  50  THR THR A . n 
A 1 55  ILE 55  51  51  ILE ILE A . n 
A 1 56  LYS 56  52  52  LYS LYS A . n 
A 1 57  SER 57  53  53  SER SER A . n 
A 1 58  GLU 58  54  54  GLU GLU A . n 
A 1 59  SER 59  55  55  SER SER A . n 
A 1 60  THR 60  56  56  THR THR A . n 
A 1 61  PHE 61  57  57  PHE PHE A . n 
A 1 62  LYS 62  58  58  LYS LYS A . n 
A 1 63  ASN 63  59  59  ASN ASN A . n 
A 1 64  THR 64  60  60  THR THR A . n 
A 1 65  GLU 65  61  61  GLU GLU A . n 
A 1 66  ILE 66  62  62  ILE ILE A . n 
A 1 67  SER 67  63  63  SER SER A . n 
A 1 68  PHE 68  64  64  PHE PHE A . n 
A 1 69  ILE 69  65  65  ILE ILE A . n 
A 1 70  LEU 70  66  66  LEU LEU A . n 
A 1 71  GLY 71  67  67  GLY GLY A . n 
A 1 72  GLN 72  68  68  GLN GLN A . n 
A 1 73  GLU 73  69  69  GLU GLU A . n 
A 1 74  PHE 74  70  70  PHE PHE A . n 
A 1 75  ASP 75  71  71  ASP ASP A . n 
A 1 76  GLU 76  72  72  GLU GLU A . n 
A 1 77  VAL 77  73  73  VAL VAL A . n 
A 1 78  THR 78  74  74  THR THR A . n 
A 1 79  ALA 79  75  75  ALA ALA A . n 
A 1 80  ASP 80  76  76  ASP ASP A . n 
A 1 81  ASP 81  77  77  ASP ASP A . n 
A 1 82  ARG 82  78  78  ARG ARG A . n 
A 1 83  LYS 83  79  79  LYS LYS A . n 
A 1 84  VAL 84  80  80  VAL VAL A . n 
A 1 85  LYS 85  81  81  LYS LYS A . n 
A 1 86  SER 86  82  82  SER SER A . n 
A 1 87  THR 87  83  83  THR THR A . n 
A 1 88  ILE 88  84  84  ILE ILE A . n 
A 1 89  THR 89  85  85  THR THR A . n 
A 1 90  LEU 90  86  86  LEU LEU A . n 
A 1 91  ASP 91  87  87  ASP ASP A . n 
A 1 92  GLY 92  88  88  GLY GLY A . n 
A 1 93  GLY 93  89  89  GLY GLY A . n 
A 1 94  VAL 94  90  90  VAL VAL A . n 
A 1 95  LEU 95  91  91  LEU LEU A . n 
A 1 96  VAL 96  92  92  VAL VAL A . n 
A 1 97  HIS 97  93  93  HIS HIS A . n 
A 1 98  VAL 98  94  94  VAL VAL A . n 
A 1 99  GLN 99  95  95  GLN GLN A . n 
A 1 100 LYS 100 96  96  LYS LYS A . n 
A 1 101 TRP 101 97  97  TRP TRP A . n 
A 1 102 ASP 102 98  98  ASP ASP A . n 
A 1 103 GLY 103 99  99  GLY GLY A . n 
A 1 104 LYS 104 100 100 LYS LYS A . n 
A 1 105 SER 105 101 101 SER SER A . n 
A 1 106 THR 106 102 102 THR THR A . n 
A 1 107 THR 107 103 103 THR THR A . n 
A 1 108 ILE 108 104 104 ILE ILE A . n 
A 1 109 LYS 109 105 105 LYS LYS A . n 
A 1 110 ARG 110 106 106 ARG ARG A . n 
A 1 111 LYS 111 107 107 LYS LYS A . n 
A 1 112 ARG 112 108 108 ARG ARG A . n 
A 1 113 GLU 113 109 109 GLU GLU A . n 
A 1 114 ASP 114 110 110 ASP ASP A . n 
A 1 115 ASP 115 111 111 ASP ASP A . n 
A 1 116 LYS 116 112 112 LYS LYS A . n 
A 1 117 LEU 117 113 113 LEU LEU A . n 
A 1 118 VAL 118 114 114 VAL VAL A . n 
A 1 119 VAL 119 115 115 VAL VAL A . n 
A 1 120 GLU 120 116 116 GLU GLU A . n 
A 1 121 CYS 121 117 117 CYS CYS A . n 
A 1 122 VAL 122 118 118 VAL VAL A . n 
A 1 123 MET 123 119 119 MET MET A . n 
A 1 124 LYS 124 120 120 LYS LYS A . n 
A 1 125 GLY 125 121 121 GLY GLY A . n 
A 1 126 VAL 126 122 122 VAL VAL A . n 
A 1 127 THR 127 123 123 THR THR A . n 
A 1 128 SER 128 124 124 SER SER A . n 
A 1 129 THR 129 125 125 THR THR A . n 
A 1 130 ARG 130 126 126 ARG ARG A . n 
A 1 131 VAL 131 127 127 VAL VAL A . n 
A 1 132 TYR 132 128 128 TYR TYR A . n 
A 1 133 GLU 133 129 129 GLU GLU A . n 
A 1 134 ARG 134 130 130 ARG ARG A . n 
A 1 135 ALA 135 131 131 ALA ALA A . n 
# 
_pdbx_entity_instance_feature.ordinal        1 
_pdbx_entity_instance_feature.comp_id        IZ7 
_pdbx_entity_instance_feature.asym_id        ? 
_pdbx_entity_instance_feature.seq_num        ? 
_pdbx_entity_instance_feature.auth_comp_id   IZ7 
_pdbx_entity_instance_feature.auth_asym_id   ? 
_pdbx_entity_instance_feature.auth_seq_num   ? 
_pdbx_entity_instance_feature.feature_type   'SUBJECT OF INVESTIGATION' 
_pdbx_entity_instance_feature.details        ? 
# 
loop_
_pdbx_nonpoly_scheme.asym_id 
_pdbx_nonpoly_scheme.entity_id 
_pdbx_nonpoly_scheme.mon_id 
_pdbx_nonpoly_scheme.ndb_seq_num 
_pdbx_nonpoly_scheme.pdb_seq_num 
_pdbx_nonpoly_scheme.auth_seq_num 
_pdbx_nonpoly_scheme.pdb_mon_id 
_pdbx_nonpoly_scheme.auth_mon_id 
_pdbx_nonpoly_scheme.pdb_strand_id 
_pdbx_nonpoly_scheme.pdb_ins_code 
B 2 IZ7 1   201 1    IZ7 L0R A . 
C 3 SO4 1   202 1    SO4 SO4 A . 
D 3 SO4 1   203 2    SO4 SO4 A . 
E 4 FMT 1   204 3613 FMT FMT A . 
F 5 HOH 1   301 118  HOH HOH A . 
F 5 HOH 2   302 94   HOH HOH A . 
F 5 HOH 3   303 124  HOH HOH A . 
F 5 HOH 4   304 120  HOH HOH A . 
F 5 HOH 5   305 137  HOH HOH A . 
F 5 HOH 6   306 54   HOH HOH A . 
F 5 HOH 7   307 68   HOH HOH A . 
F 5 HOH 8   308 96   HOH HOH A . 
F 5 HOH 9   309 161  HOH HOH A . 
F 5 HOH 10  310 32   HOH HOH A . 
F 5 HOH 11  311 115  HOH HOH A . 
F 5 HOH 12  312 70   HOH HOH A . 
F 5 HOH 13  313 145  HOH HOH A . 
F 5 HOH 14  314 38   HOH HOH A . 
F 5 HOH 15  315 50   HOH HOH A . 
F 5 HOH 16  316 128  HOH HOH A . 
F 5 HOH 17  317 101  HOH HOH A . 
F 5 HOH 18  318 126  HOH HOH A . 
F 5 HOH 19  319 31   HOH HOH A . 
F 5 HOH 20  320 80   HOH HOH A . 
F 5 HOH 21  321 34   HOH HOH A . 
F 5 HOH 22  322 43   HOH HOH A . 
F 5 HOH 23  323 40   HOH HOH A . 
F 5 HOH 24  324 39   HOH HOH A . 
F 5 HOH 25  325 48   HOH HOH A . 
F 5 HOH 26  326 62   HOH HOH A . 
F 5 HOH 27  327 11   HOH HOH A . 
F 5 HOH 28  328 5    HOH HOH A . 
F 5 HOH 29  329 153  HOH HOH A . 
F 5 HOH 30  330 132  HOH HOH A . 
F 5 HOH 31  331 45   HOH HOH A . 
F 5 HOH 32  332 91   HOH HOH A . 
F 5 HOH 33  333 28   HOH HOH A . 
F 5 HOH 34  334 143  HOH HOH A . 
F 5 HOH 35  335 78   HOH HOH A . 
F 5 HOH 36  336 79   HOH HOH A . 
F 5 HOH 37  337 83   HOH HOH A . 
F 5 HOH 38  338 117  HOH HOH A . 
F 5 HOH 39  339 99   HOH HOH A . 
F 5 HOH 40  340 95   HOH HOH A . 
F 5 HOH 41  341 6    HOH HOH A . 
F 5 HOH 42  342 111  HOH HOH A . 
F 5 HOH 43  343 133  HOH HOH A . 
F 5 HOH 44  344 66   HOH HOH A . 
F 5 HOH 45  345 86   HOH HOH A . 
F 5 HOH 46  346 9    HOH HOH A . 
F 5 HOH 47  347 61   HOH HOH A . 
F 5 HOH 48  348 18   HOH HOH A . 
F 5 HOH 49  349 89   HOH HOH A . 
F 5 HOH 50  350 13   HOH HOH A . 
F 5 HOH 51  351 7    HOH HOH A . 
F 5 HOH 52  352 57   HOH HOH A . 
F 5 HOH 53  353 106  HOH HOH A . 
F 5 HOH 54  354 59   HOH HOH A . 
F 5 HOH 55  355 72   HOH HOH A . 
F 5 HOH 56  356 19   HOH HOH A . 
F 5 HOH 57  357 4    HOH HOH A . 
F 5 HOH 58  358 142  HOH HOH A . 
F 5 HOH 59  359 159  HOH HOH A . 
F 5 HOH 60  360 8    HOH HOH A . 
F 5 HOH 61  361 107  HOH HOH A . 
F 5 HOH 62  362 36   HOH HOH A . 
F 5 HOH 63  363 29   HOH HOH A . 
F 5 HOH 64  364 135  HOH HOH A . 
F 5 HOH 65  365 3    HOH HOH A . 
F 5 HOH 66  366 67   HOH HOH A . 
F 5 HOH 67  367 27   HOH HOH A . 
F 5 HOH 68  368 164  HOH HOH A . 
F 5 HOH 69  369 37   HOH HOH A . 
F 5 HOH 70  370 149  HOH HOH A . 
F 5 HOH 71  371 122  HOH HOH A . 
F 5 HOH 72  372 81   HOH HOH A . 
F 5 HOH 73  373 21   HOH HOH A . 
F 5 HOH 74  374 75   HOH HOH A . 
F 5 HOH 75  375 33   HOH HOH A . 
F 5 HOH 76  376 141  HOH HOH A . 
F 5 HOH 77  377 1    HOH HOH A . 
F 5 HOH 78  378 15   HOH HOH A . 
F 5 HOH 79  379 10   HOH HOH A . 
F 5 HOH 80  380 156  HOH HOH A . 
F 5 HOH 81  381 163  HOH HOH A . 
F 5 HOH 82  382 26   HOH HOH A . 
F 5 HOH 83  383 113  HOH HOH A . 
F 5 HOH 84  384 12   HOH HOH A . 
F 5 HOH 85  385 116  HOH HOH A . 
F 5 HOH 86  386 123  HOH HOH A . 
F 5 HOH 87  387 136  HOH HOH A . 
F 5 HOH 88  388 56   HOH HOH A . 
F 5 HOH 89  389 53   HOH HOH A . 
F 5 HOH 90  390 41   HOH HOH A . 
F 5 HOH 91  391 17   HOH HOH A . 
F 5 HOH 92  392 30   HOH HOH A . 
F 5 HOH 93  393 165  HOH HOH A . 
F 5 HOH 94  394 65   HOH HOH A . 
F 5 HOH 95  395 20   HOH HOH A . 
F 5 HOH 96  396 109  HOH HOH A . 
F 5 HOH 97  397 25   HOH HOH A . 
F 5 HOH 98  398 74   HOH HOH A . 
F 5 HOH 99  399 46   HOH HOH A . 
F 5 HOH 100 400 14   HOH HOH A . 
F 5 HOH 101 401 105  HOH HOH A . 
F 5 HOH 102 402 35   HOH HOH A . 
F 5 HOH 103 403 110  HOH HOH A . 
F 5 HOH 104 404 16   HOH HOH A . 
F 5 HOH 105 405 108  HOH HOH A . 
F 5 HOH 106 406 2    HOH HOH A . 
F 5 HOH 107 407 22   HOH HOH A . 
F 5 HOH 108 408 73   HOH HOH A . 
F 5 HOH 109 409 93   HOH HOH A . 
F 5 HOH 110 410 162  HOH HOH A . 
F 5 HOH 111 411 69   HOH HOH A . 
F 5 HOH 112 412 49   HOH HOH A . 
F 5 HOH 113 413 129  HOH HOH A . 
F 5 HOH 114 414 52   HOH HOH A . 
F 5 HOH 115 415 85   HOH HOH A . 
F 5 HOH 116 416 42   HOH HOH A . 
F 5 HOH 117 417 88   HOH HOH A . 
F 5 HOH 118 418 121  HOH HOH A . 
F 5 HOH 119 419 76   HOH HOH A . 
F 5 HOH 120 420 130  HOH HOH A . 
F 5 HOH 121 421 90   HOH HOH A . 
F 5 HOH 122 422 24   HOH HOH A . 
F 5 HOH 123 423 100  HOH HOH A . 
F 5 HOH 124 424 87   HOH HOH A . 
F 5 HOH 125 425 146  HOH HOH A . 
F 5 HOH 126 426 60   HOH HOH A . 
F 5 HOH 127 427 44   HOH HOH A . 
F 5 HOH 128 428 102  HOH HOH A . 
F 5 HOH 129 429 160  HOH HOH A . 
F 5 HOH 130 430 104  HOH HOH A . 
F 5 HOH 131 431 112  HOH HOH A . 
F 5 HOH 132 432 23   HOH HOH A . 
F 5 HOH 133 433 158  HOH HOH A . 
F 5 HOH 134 434 51   HOH HOH A . 
F 5 HOH 135 435 98   HOH HOH A . 
F 5 HOH 136 436 63   HOH HOH A . 
F 5 HOH 137 437 82   HOH HOH A . 
F 5 HOH 138 438 151  HOH HOH A . 
F 5 HOH 139 439 157  HOH HOH A . 
F 5 HOH 140 440 84   HOH HOH A . 
F 5 HOH 141 441 92   HOH HOH A . 
F 5 HOH 142 442 125  HOH HOH A . 
F 5 HOH 143 443 154  HOH HOH A . 
F 5 HOH 144 444 47   HOH HOH A . 
F 5 HOH 145 445 134  HOH HOH A . 
F 5 HOH 146 446 139  HOH HOH A . 
F 5 HOH 147 447 58   HOH HOH A . 
F 5 HOH 148 448 155  HOH HOH A . 
F 5 HOH 149 449 147  HOH HOH A . 
F 5 HOH 150 450 148  HOH HOH A . 
F 5 HOH 151 451 103  HOH HOH A . 
F 5 HOH 152 452 77   HOH HOH A . 
F 5 HOH 153 453 150  HOH HOH A . 
F 5 HOH 154 454 131  HOH HOH A . 
F 5 HOH 155 455 71   HOH HOH A . 
F 5 HOH 156 456 64   HOH HOH A . 
F 5 HOH 157 457 144  HOH HOH A . 
F 5 HOH 158 458 55   HOH HOH A . 
F 5 HOH 159 459 140  HOH HOH A . 
F 5 HOH 160 460 119  HOH HOH A . 
F 5 HOH 161 461 97   HOH HOH A . 
F 5 HOH 162 462 152  HOH HOH A . 
F 5 HOH 163 463 138  HOH HOH A . 
F 5 HOH 164 464 114  HOH HOH A . 
F 5 HOH 165 465 127  HOH HOH A . 
# 
loop_
_software.pdbx_ordinal 
_software.name 
_software.version 
_software.date 
_software.type 
_software.contact_author 
_software.contact_author_email 
_software.classification 
_software.location 
_software.language 
_software.citation_id 
1 XSCALE      .        ?               package 'Wolfgang Kabsch'    ?                        'data scaling'    
http://www.mpimf-heidelberg.mpg.de/~kabsch/xds/html_doc/xscale_program.html ?          ? 
2 REFMAC      5.6.0119 ?               program 'Garib N. Murshudov' garib@ysbl.york.ac.uk    refinement        
http://www.ccp4.ac.uk/dist/html/refmac5.html                                Fortran_77 ? 
3 PDB_EXTRACT 3.27     'Oct. 31, 2020' package PDB                  deposit@deposit.rcsb.org 'data extraction' 
http://sw-tools.pdb.org/apps/PDB_EXTRACT/                                   C++        ? 
4 XDS         .        ?               ?       ?                    ?                        'data reduction'  ? ?          ? 
5 PHASER      .        ?               ?       ?                    ?                        phasing           ? ?          ? 
# 
_cell.entry_id           7FVZ 
_cell.length_a           32.445 
_cell.length_b           53.811 
_cell.length_c           75.017 
_cell.angle_alpha        90.000 
_cell.angle_beta         90.000 
_cell.angle_gamma        90.000 
_cell.Z_PDB              4 
_cell.pdbx_unique_axis   ? 
# 
_symmetry.entry_id                         7FVZ 
_symmetry.space_group_name_H-M             'P 21 21 21' 
_symmetry.pdbx_full_space_group_name_H-M   ? 
_symmetry.cell_setting                     ? 
_symmetry.Int_Tables_number                19 
# 
_exptl.crystals_number   1 
_exptl.entry_id          7FVZ 
_exptl.method            'X-RAY DIFFRACTION' 
# 
_exptl_crystal.id                    1 
_exptl_crystal.density_meas          ? 
_exptl_crystal.density_Matthews      2.18 
_exptl_crystal.density_percent_sol   43.57 
_exptl_crystal.description           ? 
_exptl_crystal.preparation           ? 
# 
_exptl_crystal_grow.crystal_id      1 
_exptl_crystal_grow.method          'VAPOR DIFFUSION, SITTING DROP' 
_exptl_crystal_grow.pH              7.0 
_exptl_crystal_grow.temp            293 
_exptl_crystal_grow.pdbx_details    'protein in 25mM Tris/HCl pH 7.5 100mM NaCl, see also PMID 27658368' 
_exptl_crystal_grow.temp_details    ? 
_exptl_crystal_grow.pdbx_pH_range   ? 
# 
_diffrn.id                               1 
_diffrn.crystal_id                       1 
_diffrn.ambient_temp                     100 
_diffrn.ambient_temp_details             ? 
_diffrn.pdbx_serial_crystal_experiment   ? 
# 
_diffrn_detector.diffrn_id              1 
_diffrn_detector.detector               PIXEL 
_diffrn_detector.type                   'PSI PILATUS 6M' 
_diffrn_detector.pdbx_collection_date   2011-10-22 
_diffrn_detector.details                ? 
# 
_diffrn_radiation.diffrn_id                        1 
_diffrn_radiation.pdbx_diffrn_protocol             'SINGLE WAVELENGTH' 
_diffrn_radiation.monochromator                    ? 
_diffrn_radiation.pdbx_monochromatic_or_laue_m_l   M 
_diffrn_radiation.wavelength_id                    1 
_diffrn_radiation.pdbx_scattering_type             x-ray 
# 
_diffrn_radiation_wavelength.id           1 
_diffrn_radiation_wavelength.wavelength   1.000000 
_diffrn_radiation_wavelength.wt           1.0 
# 
_diffrn_source.diffrn_id                   1 
_diffrn_source.source                      SYNCHROTRON 
_diffrn_source.type                        'SLS BEAMLINE X10SA' 
_diffrn_source.pdbx_wavelength_list        1.000000 
_diffrn_source.pdbx_synchrotron_site       SLS 
_diffrn_source.pdbx_synchrotron_beamline   X10SA 
_diffrn_source.pdbx_wavelength             ? 
# 
_reflns.entry_id                     7FVZ 
_reflns.pdbx_diffrn_id               1 
_reflns.pdbx_ordinal                 1 
_reflns.observed_criterion_sigma_I   ? 
_reflns.observed_criterion_sigma_F   ? 
_reflns.d_resolution_low             37.51 
_reflns.d_resolution_high            1.120 
_reflns.number_obs                   50131 
_reflns.number_all                   ? 
_reflns.percent_possible_obs         98.200 
_reflns.pdbx_Rmerge_I_obs            0.027 
_reflns.pdbx_Rsym_value              0.027 
_reflns.pdbx_netI_over_sigmaI        31.380 
_reflns.B_iso_Wilson_estimate        13.938 
_reflns.pdbx_redundancy              6.120 
_reflns.pdbx_Rrim_I_all              0.028 
_reflns.pdbx_Rpim_I_all              ? 
_reflns.pdbx_CC_half                 1.000 
_reflns.pdbx_netI_over_av_sigmaI     ? 
_reflns.pdbx_number_measured_all     310052 
_reflns.pdbx_scaling_rejects         ? 
_reflns.pdbx_chi_squared             0.975 
_reflns.Rmerge_F_all                 ? 
_reflns.Rmerge_F_obs                 ? 
_reflns.observed_criterion_F_max     ? 
_reflns.observed_criterion_F_min     ? 
_reflns.observed_criterion_I_max     ? 
_reflns.observed_criterion_I_min     ? 
_reflns.pdbx_d_res_high_opt          ? 
_reflns.pdbx_d_res_low_opt           ? 
_reflns.details                      ? 
_reflns.pdbx_CC_star                 ? 
# 
loop_
_reflns_shell.pdbx_diffrn_id 
_reflns_shell.pdbx_ordinal 
_reflns_shell.d_res_high 
_reflns_shell.d_res_low 
_reflns_shell.number_measured_obs 
_reflns_shell.number_measured_all 
_reflns_shell.number_unique_obs 
_reflns_shell.pdbx_rejects 
_reflns_shell.Rmerge_I_obs 
_reflns_shell.meanI_over_sigI_obs 
_reflns_shell.pdbx_Rsym_value 
_reflns_shell.pdbx_chi_squared 
_reflns_shell.pdbx_redundancy 
_reflns_shell.percent_possible_obs 
_reflns_shell.pdbx_netI_over_sigmaI_obs 
_reflns_shell.number_possible 
_reflns_shell.number_unique_all 
_reflns_shell.Rmerge_F_all 
_reflns_shell.Rmerge_F_obs 
_reflns_shell.Rmerge_I_all 
_reflns_shell.meanI_over_sigI_all 
_reflns_shell.percent_possible_all 
_reflns_shell.pdbx_Rrim_I_all 
_reflns_shell.pdbx_Rpim_I_all 
_reflns_shell.pdbx_CC_half 
_reflns_shell.pdbx_CC_star 
1 1  1.120 1.150  15428 ? 3154 ? 0.118 10.490 ? ? 4.892 ? ? 3711 ? ? ? ? ? 85.000 0.132 ? 0.988 ? 
1 2  1.150 1.180  21288 ? 3463 ? 0.108 13.550 ? ? 6.147 ? ? 3605 ? ? ? ? ? 96.100 0.118 ? 0.993 ? 
1 3  1.180 1.220  20651 ? 3425 ? 0.098 14.510 ? ? 6.029 ? ? 3537 ? ? ? ? ? 96.800 0.108 ? 0.994 ? 
1 4  1.220 1.250  20255 ? 3408 ? 0.090 15.930 ? ? 5.943 ? ? 3465 ? ? ? ? ? 98.400 0.099 ? 0.995 ? 
1 5  1.250 1.300  21066 ? 3278 ? 0.079 18.460 ? ? 6.426 ? ? 3321 ? ? ? ? ? 98.700 0.086 ? 0.996 ? 
1 6  1.300 1.340  20317 ? 3192 ? 0.071 21.010 ? ? 6.365 ? ? 3216 ? ? ? ? ? 99.300 0.077 ? 0.997 ? 
1 7  1.340 1.390  19248 ? 3096 ? 0.063 23.260 ? ? 6.217 ? ? 3107 ? ? ? ? ? 99.600 0.068 ? 0.997 ? 
1 8  1.390 1.450  18326 ? 3002 ? 0.054 26.670 ? ? 6.105 ? ? 3011 ? ? ? ? ? 99.700 0.059 ? 0.998 ? 
1 9  1.450 1.510  18885 ? 2866 ? 0.049 30.740 ? ? 6.589 ? ? 2873 ? ? ? ? ? 99.800 0.053 ? 0.998 ? 
1 10 1.510 1.590  18063 ? 2750 ? 0.040 36.560 ? ? 6.568 ? ? 2757 ? ? ? ? ? 99.700 0.043 ? 0.999 ? 
1 11 1.590 1.670  16921 ? 2628 ? 0.036 41.260 ? ? 6.439 ? ? 2644 ? ? ? ? ? 99.400 0.039 ? 0.999 ? 
1 12 1.670 1.770  15024 ? 2484 ? 0.032 45.310 ? ? 6.048 ? ? 2491 ? ? ? ? ? 99.700 0.035 ? 0.999 ? 
1 13 1.770 1.900  16006 ? 2370 ? 0.028 54.250 ? ? 6.754 ? ? 2375 ? ? ? ? ? 99.800 0.030 ? 0.999 ? 
1 14 1.900 2.050  14519 ? 2201 ? 0.024 60.800 ? ? 6.597 ? ? 2205 ? ? ? ? ? 99.800 0.026 ? 0.999 ? 
1 15 2.050 2.240  12904 ? 2021 ? 0.022 65.130 ? ? 6.385 ? ? 2025 ? ? ? ? ? 99.800 0.024 ? 0.999 ? 
1 16 2.240 2.510  10738 ? 1853 ? 0.022 64.130 ? ? 5.795 ? ? 1867 ? ? ? ? ? 99.300 0.024 ? 0.999 ? 
1 17 2.510 2.900  10870 ? 1636 ? 0.021 72.580 ? ? 6.644 ? ? 1641 ? ? ? ? ? 99.700 0.023 ? 0.999 ? 
1 18 2.900 3.550  9055  ? 1411 ? 0.019 74.470 ? ? 6.417 ? ? 1419 ? ? ? ? ? 99.400 0.021 ? 1.000 ? 
1 19 3.550 5.020  6307  ? 1107 ? 0.020 72.790 ? ? 5.697 ? ? 1116 ? ? ? ? ? 99.200 0.022 ? 0.999 ? 
1 20 5.020 37.500 4181  ? 672  ? 0.021 75.050 ? ? 6.222 ? ? 680  ? ? ? ? ? 98.800 0.023 ? 0.999 ? 
# 
_refine.entry_id                                 7FVZ 
_refine.pdbx_refine_id                           'X-RAY DIFFRACTION' 
_refine.ls_d_res_high                            1.1200 
_refine.ls_d_res_low                             37.5000 
_refine.pdbx_ls_sigma_F                          0.000 
_refine.pdbx_data_cutoff_high_absF               ? 
_refine.pdbx_data_cutoff_low_absF                ? 
_refine.ls_percent_reflns_obs                    97.7000 
_refine.ls_number_reflns_obs                     47324 
_refine.ls_number_reflns_all                     ? 
_refine.pdbx_ls_cross_valid_method               THROUGHOUT 
_refine.ls_matrix_type                           ? 
_refine.pdbx_R_Free_selection_details            RANDOM 
_refine.details                                  
;compound is maybe by-product of synthesis of 1053263; has swapped N and C atoms with C-atom carrying methyl group; N atom engages in H-bond with water; two conformations of ligand present;
;
_refine.ls_R_factor_all                          ? 
_refine.ls_R_factor_obs                          0.1870 
_refine.ls_R_factor_R_work                       0.1857 
_refine.ls_wR_factor_R_work                      ? 
_refine.ls_R_factor_R_free                       0.2114 
_refine.ls_wR_factor_R_free                      ? 
_refine.ls_percent_reflns_R_free                 5.0000 
_refine.ls_number_reflns_R_free                  2501 
_refine.ls_number_reflns_R_work                  ? 
_refine.ls_R_factor_R_free_error                 ? 
_refine.B_iso_mean                               10.7180 
_refine.solvent_model_param_bsol                 ? 
_refine.solvent_model_param_ksol                 ? 
_refine.pdbx_isotropic_thermal_model             ? 
_refine.aniso_B[1][1]                            0.5700 
_refine.aniso_B[2][2]                            -0.3900 
_refine.aniso_B[3][3]                            -0.1800 
_refine.aniso_B[1][2]                            0.0000 
_refine.aniso_B[1][3]                            0.0000 
_refine.aniso_B[2][3]                            0.0000 
_refine.correlation_coeff_Fo_to_Fc               0.9650 
_refine.correlation_coeff_Fo_to_Fc_free          0.9560 
_refine.overall_SU_R_Cruickshank_DPI             ? 
_refine.pdbx_overall_SU_R_free_Cruickshank_DPI   ? 
_refine.pdbx_overall_SU_R_Blow_DPI               ? 
_refine.pdbx_overall_SU_R_free_Blow_DPI          ? 
_refine.overall_SU_R_free                        ? 
_refine.pdbx_overall_ESU_R                       0.0380 
_refine.pdbx_overall_ESU_R_Free                  0.0410 
_refine.overall_SU_ML                            0.0250 
_refine.overall_SU_B                             0.4940 
_refine.solvent_model_details                    'BABINET MODEL WITH MASK' 
_refine.pdbx_solvent_vdw_probe_radii             1.2000 
_refine.pdbx_solvent_ion_probe_radii             0.8000 
_refine.pdbx_solvent_shrinkage_radii             0.8000 
_refine.ls_number_parameters                     ? 
_refine.ls_number_restraints                     ? 
_refine.pdbx_starting_model                      'inhouse model' 
_refine.pdbx_method_to_determine_struct          'MOLECULAR REPLACEMENT' 
_refine.pdbx_stereochemistry_target_values       'MAXIMUM LIKELIHOOD' 
_refine.pdbx_stereochem_target_val_spec_case     ? 
_refine.overall_FOM_work_R_set                   ? 
_refine.B_iso_max                                35.940 
_refine.B_iso_min                                4.190 
_refine.pdbx_overall_phase_error                 ? 
_refine.occupancy_max                            ? 
_refine.occupancy_min                            ? 
_refine.pdbx_diffrn_id                           1 
_refine.pdbx_TLS_residual_ADP_flag               ? 
_refine.pdbx_ls_sigma_I                          ? 
_refine.pdbx_data_cutoff_high_rms_absF           ? 
_refine.ls_R_factor_R_free_error_details         ? 
# 
_refine_hist.cycle_id                         final 
_refine_hist.pdbx_refine_id                   'X-RAY DIFFRACTION' 
_refine_hist.d_res_high                       1.1200 
_refine_hist.d_res_low                        37.5000 
_refine_hist.pdbx_number_atoms_ligand         59 
_refine_hist.number_atoms_solvent             166 
_refine_hist.number_atoms_total               1265 
_refine_hist.pdbx_number_residues_total       133 
_refine_hist.pdbx_B_iso_mean_ligand           16.99 
_refine_hist.pdbx_B_iso_mean_solvent          20.73 
_refine_hist.pdbx_number_atoms_protein        1040 
_refine_hist.pdbx_number_atoms_nucleic_acid   0 
# 
loop_
_refine_ls_restr.pdbx_refine_id 
_refine_ls_restr.type 
_refine_ls_restr.number 
_refine_ls_restr.dev_ideal 
_refine_ls_restr.dev_ideal_target 
_refine_ls_restr.weight 
_refine_ls_restr.pdbx_restraint_function 
'X-RAY DIFFRACTION' r_bond_refined_d       1202 0.024  0.020  ? ? 
'X-RAY DIFFRACTION' r_bond_other_d         794  0.003  0.020  ? ? 
'X-RAY DIFFRACTION' r_angle_refined_deg    1633 2.359  2.007  ? ? 
'X-RAY DIFFRACTION' r_angle_other_deg      1964 1.051  3.000  ? ? 
'X-RAY DIFFRACTION' r_dihedral_angle_1_deg 156  6.601  5.000  ? ? 
'X-RAY DIFFRACTION' r_dihedral_angle_2_deg 48   32.282 25.000 ? ? 
'X-RAY DIFFRACTION' r_dihedral_angle_3_deg 235  13.236 15.000 ? ? 
'X-RAY DIFFRACTION' r_dihedral_angle_4_deg 6    16.556 15.000 ? ? 
'X-RAY DIFFRACTION' r_chiral_restr         182  0.128  0.200  ? ? 
'X-RAY DIFFRACTION' r_gen_planes_refined   1313 0.013  0.020  ? ? 
'X-RAY DIFFRACTION' r_gen_planes_other     225  0.002  0.020  ? ? 
# 
_refine_ls_shell.d_res_high                       1.1220 
_refine_ls_shell.d_res_low                        1.1520 
_refine_ls_shell.pdbx_total_number_of_bins_used   20 
_refine_ls_shell.percent_reflns_obs               83.1600 
_refine_ls_shell.number_reflns_R_work             2805 
_refine_ls_shell.R_factor_all                     ? 
_refine_ls_shell.R_factor_R_work                  0.2190 
_refine_ls_shell.R_factor_R_free                  0.2510 
_refine_ls_shell.percent_reflns_R_free            ? 
_refine_ls_shell.number_reflns_R_free             139 
_refine_ls_shell.R_factor_R_free_error            0.0000 
_refine_ls_shell.number_reflns_all                2944 
_refine_ls_shell.number_reflns_obs                ? 
_refine_ls_shell.pdbx_refine_id                   'X-RAY DIFFRACTION' 
_refine_ls_shell.R_factor_obs                     ? 
# 
_struct.entry_id                  7FVZ 
_struct.title                     
'Crystal Structure of human FABP4 in complex with (E)-6-(5-methoxy-3,6,7-trimethyl-1,2-benzoxazol-4-yl)-4-methyl-hex-4-enoic acid' 
_struct.pdbx_model_details        ? 
_struct.pdbx_CASP_flag            ? 
_struct.pdbx_model_type_details   ? 
# 
_struct_keywords.entry_id        7FVZ 
_struct_keywords.text            
'LIPID BINDING PROTEIN, FATTY ACID BINDING PROTEIN, CYTOPLASM, LIPID-BINDING, TRANSPORT, PROTEIN BINDING' 
_struct_keywords.pdbx_keywords   'LIPID BINDING PROTEIN' 
# 
loop_
_struct_asym.id 
_struct_asym.pdbx_blank_PDB_chainid_flag 
_struct_asym.pdbx_modified 
_struct_asym.entity_id 
_struct_asym.details 
A N N 1 ? 
B N N 2 ? 
C N N 3 ? 
D N N 3 ? 
E N N 4 ? 
F N N 5 ? 
# 
_struct_ref.id                         1 
_struct_ref.db_name                    UNP 
_struct_ref.db_code                    FABP4_HUMAN 
_struct_ref.pdbx_db_accession          P15090 
_struct_ref.pdbx_db_isoform            ? 
_struct_ref.entity_id                  1 
_struct_ref.pdbx_seq_one_letter_code   
;MCDAFVGTWKLVSSENFDDYMKEVGVGFATRKVAGMAKPNMIISVNGDVITIKSESTFKNTEISFILGQEFDEVTADDRK
VKSTITLDGGVLVHVQKWDGKSTTIKRKREDDKLVVECVMKGVTSTRVYERA
;
_struct_ref.pdbx_align_begin           1 
# 
_struct_ref_seq.align_id                      1 
_struct_ref_seq.ref_id                        1 
_struct_ref_seq.pdbx_PDB_id_code              7FVZ 
_struct_ref_seq.pdbx_strand_id                A 
_struct_ref_seq.seq_align_beg                 4 
_struct_ref_seq.pdbx_seq_align_beg_ins_code   ? 
_struct_ref_seq.seq_align_end                 135 
_struct_ref_seq.pdbx_seq_align_end_ins_code   ? 
_struct_ref_seq.pdbx_db_accession             P15090 
_struct_ref_seq.db_align_beg                  1 
_struct_ref_seq.pdbx_db_align_beg_ins_code    ? 
_struct_ref_seq.db_align_end                  132 
_struct_ref_seq.pdbx_db_align_end_ins_code    ? 
_struct_ref_seq.pdbx_auth_seq_align_beg       0 
_struct_ref_seq.pdbx_auth_seq_align_end       131 
# 
loop_
_struct_ref_seq_dif.align_id 
_struct_ref_seq_dif.pdbx_pdb_id_code 
_struct_ref_seq_dif.mon_id 
_struct_ref_seq_dif.pdbx_pdb_strand_id 
_struct_ref_seq_dif.seq_num 
_struct_ref_seq_dif.pdbx_pdb_ins_code 
_struct_ref_seq_dif.pdbx_seq_db_name 
_struct_ref_seq_dif.pdbx_seq_db_accession_code 
_struct_ref_seq_dif.db_mon_id 
_struct_ref_seq_dif.pdbx_seq_db_seq_num 
_struct_ref_seq_dif.details 
_struct_ref_seq_dif.pdbx_auth_seq_num 
_struct_ref_seq_dif.pdbx_ordinal 
1 7FVZ GLY A 1 ? UNP P15090 ? ? 'expression tag' -3 1 
1 7FVZ SER A 2 ? UNP P15090 ? ? 'expression tag' -2 2 
1 7FVZ HIS A 3 ? UNP P15090 ? ? 'expression tag' -1 3 
# 
_pdbx_struct_assembly.id                   1 
_pdbx_struct_assembly.details              author_and_software_defined_assembly 
_pdbx_struct_assembly.method_details       PISA 
_pdbx_struct_assembly.oligomeric_details   monomeric 
_pdbx_struct_assembly.oligomeric_count     1 
# 
_pdbx_struct_assembly_gen.assembly_id       1 
_pdbx_struct_assembly_gen.oper_expression   1 
_pdbx_struct_assembly_gen.asym_id_list      A,B,C,D,E,F 
# 
_pdbx_struct_assembly_auth_evidence.id                     1 
_pdbx_struct_assembly_auth_evidence.assembly_id            1 
_pdbx_struct_assembly_auth_evidence.experimental_support   'gel filtration' 
_pdbx_struct_assembly_auth_evidence.details                'elutes as a monomer' 
# 
_pdbx_struct_oper_list.id                   1 
_pdbx_struct_oper_list.type                 'identity operation' 
_pdbx_struct_oper_list.name                 1_555 
_pdbx_struct_oper_list.symmetry_operation   x,y,z 
_pdbx_struct_oper_list.matrix[1][1]         1.0000000000 
_pdbx_struct_oper_list.matrix[1][2]         0.0000000000 
_pdbx_struct_oper_list.matrix[1][3]         0.0000000000 
_pdbx_struct_oper_list.vector[1]            0.0000000000 
_pdbx_struct_oper_list.matrix[2][1]         0.0000000000 
_pdbx_struct_oper_list.matrix[2][2]         1.0000000000 
_pdbx_struct_oper_list.matrix[2][3]         0.0000000000 
_pdbx_struct_oper_list.vector[2]            0.0000000000 
_pdbx_struct_oper_list.matrix[3][1]         0.0000000000 
_pdbx_struct_oper_list.matrix[3][2]         0.0000000000 
_pdbx_struct_oper_list.matrix[3][3]         1.0000000000 
_pdbx_struct_oper_list.vector[3]            0.0000000000 
# 
loop_
_struct_conf.conf_type_id 
_struct_conf.id 
_struct_conf.pdbx_PDB_helix_id 
_struct_conf.beg_label_comp_id 
_struct_conf.beg_label_asym_id 
_struct_conf.beg_label_seq_id 
_struct_conf.pdbx_beg_PDB_ins_code 
_struct_conf.end_label_comp_id 
_struct_conf.end_label_asym_id 
_struct_conf.end_label_seq_id 
_struct_conf.pdbx_end_PDB_ins_code 
_struct_conf.beg_auth_comp_id 
_struct_conf.beg_auth_asym_id 
_struct_conf.beg_auth_seq_id 
_struct_conf.end_auth_comp_id 
_struct_conf.end_auth_asym_id 
_struct_conf.end_auth_seq_id 
_struct_conf.pdbx_PDB_helix_class 
_struct_conf.details 
_struct_conf.pdbx_PDB_helix_length 
HELX_P HELX_P1 AA1 CYS A 5  ? VAL A 9  ? CYS A 1  VAL A 5  5 ? 5  
HELX_P HELX_P2 AA2 ASN A 19 ? GLY A 28 ? ASN A 15 GLY A 24 1 ? 10 
HELX_P HELX_P3 AA3 GLY A 30 ? ALA A 40 ? GLY A 26 ALA A 36 1 ? 11 
# 
_struct_conf_type.id          HELX_P 
_struct_conf_type.criteria    ? 
_struct_conf_type.reference   ? 
# 
_struct_sheet.id               AA1 
_struct_sheet.type             ? 
_struct_sheet.number_strands   10 
_struct_sheet.details          ? 
# 
loop_
_struct_sheet_order.sheet_id 
_struct_sheet_order.range_id_1 
_struct_sheet_order.range_id_2 
_struct_sheet_order.offset 
_struct_sheet_order.sense 
AA1 1 2  ? anti-parallel 
AA1 2 3  ? anti-parallel 
AA1 3 4  ? anti-parallel 
AA1 4 5  ? anti-parallel 
AA1 5 6  ? anti-parallel 
AA1 6 7  ? anti-parallel 
AA1 7 8  ? anti-parallel 
AA1 8 9  ? anti-parallel 
AA1 9 10 ? anti-parallel 
# 
loop_
_struct_sheet_range.sheet_id 
_struct_sheet_range.id 
_struct_sheet_range.beg_label_comp_id 
_struct_sheet_range.beg_label_asym_id 
_struct_sheet_range.beg_label_seq_id 
_struct_sheet_range.pdbx_beg_PDB_ins_code 
_struct_sheet_range.end_label_comp_id 
_struct_sheet_range.end_label_asym_id 
_struct_sheet_range.end_label_seq_id 
_struct_sheet_range.pdbx_end_PDB_ins_code 
_struct_sheet_range.beg_auth_comp_id 
_struct_sheet_range.beg_auth_asym_id 
_struct_sheet_range.beg_auth_seq_id 
_struct_sheet_range.end_auth_comp_id 
_struct_sheet_range.end_auth_asym_id 
_struct_sheet_range.end_auth_seq_id 
AA1 1  ASN A 63  ? PHE A 68  ? ASN A 59  PHE A 64  
AA1 2  VAL A 52  ? GLU A 58  ? VAL A 48  GLU A 54  
AA1 3  ASN A 43  ? ASN A 49  ? ASN A 39  ASN A 45  
AA1 4  GLY A 10  ? GLU A 18  ? GLY A 6   GLU A 14  
AA1 5  VAL A 126 ? ARG A 134 ? VAL A 122 ARG A 130 
AA1 6  LYS A 116 ? MET A 123 ? LYS A 112 MET A 119 
AA1 7  LYS A 104 ? GLU A 113 ? LYS A 100 GLU A 109 
AA1 8  VAL A 94  ? TRP A 101 ? VAL A 90  TRP A 97  
AA1 9  LYS A 83  ? ASP A 91  ? LYS A 79  ASP A 87  
AA1 10 PHE A 74  ? VAL A 77  ? PHE A 70  VAL A 73  
# 
loop_
_pdbx_struct_sheet_hbond.sheet_id 
_pdbx_struct_sheet_hbond.range_id_1 
_pdbx_struct_sheet_hbond.range_id_2 
_pdbx_struct_sheet_hbond.range_1_label_atom_id 
_pdbx_struct_sheet_hbond.range_1_label_comp_id 
_pdbx_struct_sheet_hbond.range_1_label_asym_id 
_pdbx_struct_sheet_hbond.range_1_label_seq_id 
_pdbx_struct_sheet_hbond.range_1_PDB_ins_code 
_pdbx_struct_sheet_hbond.range_1_auth_atom_id 
_pdbx_struct_sheet_hbond.range_1_auth_comp_id 
_pdbx_struct_sheet_hbond.range_1_auth_asym_id 
_pdbx_struct_sheet_hbond.range_1_auth_seq_id 
_pdbx_struct_sheet_hbond.range_2_label_atom_id 
_pdbx_struct_sheet_hbond.range_2_label_comp_id 
_pdbx_struct_sheet_hbond.range_2_label_asym_id 
_pdbx_struct_sheet_hbond.range_2_label_seq_id 
_pdbx_struct_sheet_hbond.range_2_PDB_ins_code 
_pdbx_struct_sheet_hbond.range_2_auth_atom_id 
_pdbx_struct_sheet_hbond.range_2_auth_comp_id 
_pdbx_struct_sheet_hbond.range_2_auth_asym_id 
_pdbx_struct_sheet_hbond.range_2_auth_seq_id 
AA1 1 2  O PHE A 68  ? O PHE A 64  N ILE A 53  ? N ILE A 49  
AA1 2 3  O THR A 54  ? O THR A 50  N SER A 47  ? N SER A 43  
AA1 3 4  O MET A 44  ? O MET A 40  N TRP A 12  ? N TRP A 8   
AA1 4 5  N VAL A 15  ? N VAL A 11  O VAL A 131 ? O VAL A 127 
AA1 5 6  O ARG A 130 ? O ARG A 126 N VAL A 119 ? N VAL A 115 
AA1 6 7  O VAL A 118 ? O VAL A 114 N LYS A 111 ? N LYS A 107 
AA1 7 8  O LYS A 104 ? O LYS A 100 N TRP A 101 ? N TRP A 97  
AA1 8 9  O VAL A 96  ? O VAL A 92  N THR A 89  ? N THR A 85  
AA1 9 10 O SER A 86  ? O SER A 82  N PHE A 74  ? N PHE A 70  
# 
_pdbx_entry_details.entry_id                   7FVZ 
_pdbx_entry_details.compound_details           ? 
_pdbx_entry_details.source_details             ? 
_pdbx_entry_details.nonpolymer_details         ? 
_pdbx_entry_details.sequence_details           ? 
_pdbx_entry_details.has_ligand_of_interest     Y 
_pdbx_entry_details.has_protein_modification   N 
# 
loop_
_pdbx_validate_close_contact.id 
_pdbx_validate_close_contact.PDB_model_num 
_pdbx_validate_close_contact.auth_atom_id_1 
_pdbx_validate_close_contact.auth_asym_id_1 
_pdbx_validate_close_contact.auth_comp_id_1 
_pdbx_validate_close_contact.auth_seq_id_1 
_pdbx_validate_close_contact.PDB_ins_code_1 
_pdbx_validate_close_contact.label_alt_id_1 
_pdbx_validate_close_contact.auth_atom_id_2 
_pdbx_validate_close_contact.auth_asym_id_2 
_pdbx_validate_close_contact.auth_comp_id_2 
_pdbx_validate_close_contact.auth_seq_id_2 
_pdbx_validate_close_contact.PDB_ins_code_2 
_pdbx_validate_close_contact.label_alt_id_2 
_pdbx_validate_close_contact.dist 
1 1 OE2 A GLU 69  ? ? O A HOH 302 ? ? 1.88 
2 1 O   A HOH 364 ? ? O A HOH 399 ? ? 2.09 
3 1 OG1 A THR 125 ? ? O A HOH 304 ? ? 2.17 
# 
_pdbx_validate_symm_contact.id                1 
_pdbx_validate_symm_contact.PDB_model_num     1 
_pdbx_validate_symm_contact.auth_atom_id_1    O 
_pdbx_validate_symm_contact.auth_asym_id_1    A 
_pdbx_validate_symm_contact.auth_comp_id_1    HOH 
_pdbx_validate_symm_contact.auth_seq_id_1     310 
_pdbx_validate_symm_contact.PDB_ins_code_1    ? 
_pdbx_validate_symm_contact.label_alt_id_1    ? 
_pdbx_validate_symm_contact.site_symmetry_1   1_555 
_pdbx_validate_symm_contact.auth_atom_id_2    O 
_pdbx_validate_symm_contact.auth_asym_id_2    A 
_pdbx_validate_symm_contact.auth_comp_id_2    HOH 
_pdbx_validate_symm_contact.auth_seq_id_2     383 
_pdbx_validate_symm_contact.PDB_ins_code_2    ? 
_pdbx_validate_symm_contact.label_alt_id_2    ? 
_pdbx_validate_symm_contact.site_symmetry_2   3_545 
_pdbx_validate_symm_contact.dist              1.62 
# 
_pdbx_validate_rmsd_bond.id                        1 
_pdbx_validate_rmsd_bond.PDB_model_num             1 
_pdbx_validate_rmsd_bond.auth_atom_id_1            CB 
_pdbx_validate_rmsd_bond.auth_asym_id_1            A 
_pdbx_validate_rmsd_bond.auth_comp_id_1            SER 
_pdbx_validate_rmsd_bond.auth_seq_id_1             12 
_pdbx_validate_rmsd_bond.PDB_ins_code_1            ? 
_pdbx_validate_rmsd_bond.label_alt_id_1            ? 
_pdbx_validate_rmsd_bond.auth_atom_id_2            OG 
_pdbx_validate_rmsd_bond.auth_asym_id_2            A 
_pdbx_validate_rmsd_bond.auth_comp_id_2            SER 
_pdbx_validate_rmsd_bond.auth_seq_id_2             12 
_pdbx_validate_rmsd_bond.PDB_ins_code_2            ? 
_pdbx_validate_rmsd_bond.label_alt_id_2            ? 
_pdbx_validate_rmsd_bond.bond_value                1.307 
_pdbx_validate_rmsd_bond.bond_target_value         1.418 
_pdbx_validate_rmsd_bond.bond_deviation            -0.111 
_pdbx_validate_rmsd_bond.bond_standard_deviation   0.013 
_pdbx_validate_rmsd_bond.linker_flag               N 
# 
loop_
_pdbx_validate_rmsd_angle.id 
_pdbx_validate_rmsd_angle.PDB_model_num 
_pdbx_validate_rmsd_angle.auth_atom_id_1 
_pdbx_validate_rmsd_angle.auth_asym_id_1 
_pdbx_validate_rmsd_angle.auth_comp_id_1 
_pdbx_validate_rmsd_angle.auth_seq_id_1 
_pdbx_validate_rmsd_angle.PDB_ins_code_1 
_pdbx_validate_rmsd_angle.label_alt_id_1 
_pdbx_validate_rmsd_angle.auth_atom_id_2 
_pdbx_validate_rmsd_angle.auth_asym_id_2 
_pdbx_validate_rmsd_angle.auth_comp_id_2 
_pdbx_validate_rmsd_angle.auth_seq_id_2 
_pdbx_validate_rmsd_angle.PDB_ins_code_2 
_pdbx_validate_rmsd_angle.label_alt_id_2 
_pdbx_validate_rmsd_angle.auth_atom_id_3 
_pdbx_validate_rmsd_angle.auth_asym_id_3 
_pdbx_validate_rmsd_angle.auth_comp_id_3 
_pdbx_validate_rmsd_angle.auth_seq_id_3 
_pdbx_validate_rmsd_angle.PDB_ins_code_3 
_pdbx_validate_rmsd_angle.label_alt_id_3 
_pdbx_validate_rmsd_angle.angle_value 
_pdbx_validate_rmsd_angle.angle_target_value 
_pdbx_validate_rmsd_angle.angle_deviation 
_pdbx_validate_rmsd_angle.angle_standard_deviation 
_pdbx_validate_rmsd_angle.linker_flag 
1 1 CA A MET 0   ? ? CB A MET 0   ? ? CG  A MET 0   ? ? 123.59 113.30 10.29 1.70 N 
2 1 CB A MET 0   ? ? CG A MET 0   ? ? SD  A MET 0   ? ? 131.51 112.40 19.11 3.00 N 
3 1 CB A ASP 17  ? ? CG A ASP 17  ? ? OD1 A ASP 17  ? ? 123.87 118.30 5.57  0.90 N 
4 1 N  A SER 55  ? ? CA A SER 55  ? ? CB  A SER 55  ? ? 119.54 110.50 9.04  1.50 N 
5 1 C  A ASP 71  ? B N  A GLU 72  ? ? CA  A GLU 72  ? ? 136.98 121.70 15.28 2.50 Y 
6 1 NE A ARG 126 ? ? CZ A ARG 126 ? ? NH2 A ARG 126 ? ? 115.72 120.30 -4.58 0.50 N 
7 1 NE A ARG 130 ? ? CZ A ARG 130 ? ? NH2 A ARG 130 ? ? 117.16 120.30 -3.14 0.50 N 
# 
loop_
_pdbx_validate_torsion.id 
_pdbx_validate_torsion.PDB_model_num 
_pdbx_validate_torsion.auth_comp_id 
_pdbx_validate_torsion.auth_asym_id 
_pdbx_validate_torsion.auth_seq_id 
_pdbx_validate_torsion.PDB_ins_code 
_pdbx_validate_torsion.label_alt_id 
_pdbx_validate_torsion.phi 
_pdbx_validate_torsion.psi 
1 1 CYS A 1   ? ? -94.98 30.13   
2 1 PHE A 57  ? ? -76.93 -84.35  
3 1 ASP A 110 ? ? 54.72  -133.89 
4 1 LYS A 120 ? ? 53.71  -121.56 
# 
loop_
_pdbx_validate_main_chain_plane.id 
_pdbx_validate_main_chain_plane.PDB_model_num 
_pdbx_validate_main_chain_plane.auth_comp_id 
_pdbx_validate_main_chain_plane.auth_asym_id 
_pdbx_validate_main_chain_plane.auth_seq_id 
_pdbx_validate_main_chain_plane.PDB_ins_code 
_pdbx_validate_main_chain_plane.label_alt_id 
_pdbx_validate_main_chain_plane.improper_torsion_angle 
1 1 PHE A 57 ? ? -10.11 
2 1 PHE A 57 ? ? 10.67  
3 1 PHE A 70 ? ? 12.65  
# 
loop_
_pdbx_unobs_or_zero_occ_residues.id 
_pdbx_unobs_or_zero_occ_residues.PDB_model_num 
_pdbx_unobs_or_zero_occ_residues.polymer_flag 
_pdbx_unobs_or_zero_occ_residues.occupancy_flag 
_pdbx_unobs_or_zero_occ_residues.auth_asym_id 
_pdbx_unobs_or_zero_occ_residues.auth_comp_id 
_pdbx_unobs_or_zero_occ_residues.auth_seq_id 
_pdbx_unobs_or_zero_occ_residues.PDB_ins_code 
_pdbx_unobs_or_zero_occ_residues.label_asym_id 
_pdbx_unobs_or_zero_occ_residues.label_comp_id 
_pdbx_unobs_or_zero_occ_residues.label_seq_id 
1 1 Y 1 A GLY -3 ? A GLY 1 
2 1 Y 1 A SER -2 ? A SER 2 
# 
loop_
_chem_comp_atom.comp_id 
_chem_comp_atom.atom_id 
_chem_comp_atom.type_symbol 
_chem_comp_atom.pdbx_aromatic_flag 
_chem_comp_atom.pdbx_stereo_config 
_chem_comp_atom.pdbx_ordinal 
ALA N    N N N 1   
ALA CA   C N S 2   
ALA C    C N N 3   
ALA O    O N N 4   
ALA CB   C N N 5   
ALA OXT  O N N 6   
ALA H    H N N 7   
ALA H2   H N N 8   
ALA HA   H N N 9   
ALA HB1  H N N 10  
ALA HB2  H N N 11  
ALA HB3  H N N 12  
ALA HXT  H N N 13  
ARG N    N N N 14  
ARG CA   C N S 15  
ARG C    C N N 16  
ARG O    O N N 17  
ARG CB   C N N 18  
ARG CG   C N N 19  
ARG CD   C N N 20  
ARG NE   N N N 21  
ARG CZ   C N N 22  
ARG NH1  N N N 23  
ARG NH2  N N N 24  
ARG OXT  O N N 25  
ARG H    H N N 26  
ARG H2   H N N 27  
ARG HA   H N N 28  
ARG HB2  H N N 29  
ARG HB3  H N N 30  
ARG HG2  H N N 31  
ARG HG3  H N N 32  
ARG HD2  H N N 33  
ARG HD3  H N N 34  
ARG HE   H N N 35  
ARG HH11 H N N 36  
ARG HH12 H N N 37  
ARG HH21 H N N 38  
ARG HH22 H N N 39  
ARG HXT  H N N 40  
ASN N    N N N 41  
ASN CA   C N S 42  
ASN C    C N N 43  
ASN O    O N N 44  
ASN CB   C N N 45  
ASN CG   C N N 46  
ASN OD1  O N N 47  
ASN ND2  N N N 48  
ASN OXT  O N N 49  
ASN H    H N N 50  
ASN H2   H N N 51  
ASN HA   H N N 52  
ASN HB2  H N N 53  
ASN HB3  H N N 54  
ASN HD21 H N N 55  
ASN HD22 H N N 56  
ASN HXT  H N N 57  
ASP N    N N N 58  
ASP CA   C N S 59  
ASP C    C N N 60  
ASP O    O N N 61  
ASP CB   C N N 62  
ASP CG   C N N 63  
ASP OD1  O N N 64  
ASP OD2  O N N 65  
ASP OXT  O N N 66  
ASP H    H N N 67  
ASP H2   H N N 68  
ASP HA   H N N 69  
ASP HB2  H N N 70  
ASP HB3  H N N 71  
ASP HD2  H N N 72  
ASP HXT  H N N 73  
CYS N    N N N 74  
CYS CA   C N R 75  
CYS C    C N N 76  
CYS O    O N N 77  
CYS CB   C N N 78  
CYS SG   S N N 79  
CYS OXT  O N N 80  
CYS H    H N N 81  
CYS H2   H N N 82  
CYS HA   H N N 83  
CYS HB2  H N N 84  
CYS HB3  H N N 85  
CYS HG   H N N 86  
CYS HXT  H N N 87  
FMT C    C N N 88  
FMT O1   O N N 89  
FMT O2   O N N 90  
FMT H    H N N 91  
FMT HO2  H N N 92  
GLN N    N N N 93  
GLN CA   C N S 94  
GLN C    C N N 95  
GLN O    O N N 96  
GLN CB   C N N 97  
GLN CG   C N N 98  
GLN CD   C N N 99  
GLN OE1  O N N 100 
GLN NE2  N N N 101 
GLN OXT  O N N 102 
GLN H    H N N 103 
GLN H2   H N N 104 
GLN HA   H N N 105 
GLN HB2  H N N 106 
GLN HB3  H N N 107 
GLN HG2  H N N 108 
GLN HG3  H N N 109 
GLN HE21 H N N 110 
GLN HE22 H N N 111 
GLN HXT  H N N 112 
GLU N    N N N 113 
GLU CA   C N S 114 
GLU C    C N N 115 
GLU O    O N N 116 
GLU CB   C N N 117 
GLU CG   C N N 118 
GLU CD   C N N 119 
GLU OE1  O N N 120 
GLU OE2  O N N 121 
GLU OXT  O N N 122 
GLU H    H N N 123 
GLU H2   H N N 124 
GLU HA   H N N 125 
GLU HB2  H N N 126 
GLU HB3  H N N 127 
GLU HG2  H N N 128 
GLU HG3  H N N 129 
GLU HE2  H N N 130 
GLU HXT  H N N 131 
GLY N    N N N 132 
GLY CA   C N N 133 
GLY C    C N N 134 
GLY O    O N N 135 
GLY OXT  O N N 136 
GLY H    H N N 137 
GLY H2   H N N 138 
GLY HA2  H N N 139 
GLY HA3  H N N 140 
GLY HXT  H N N 141 
HIS N    N N N 142 
HIS CA   C N S 143 
HIS C    C N N 144 
HIS O    O N N 145 
HIS CB   C N N 146 
HIS CG   C Y N 147 
HIS ND1  N Y N 148 
HIS CD2  C Y N 149 
HIS CE1  C Y N 150 
HIS NE2  N Y N 151 
HIS OXT  O N N 152 
HIS H    H N N 153 
HIS H2   H N N 154 
HIS HA   H N N 155 
HIS HB2  H N N 156 
HIS HB3  H N N 157 
HIS HD1  H N N 158 
HIS HD2  H N N 159 
HIS HE1  H N N 160 
HIS HE2  H N N 161 
HIS HXT  H N N 162 
HOH O    O N N 163 
HOH H1   H N N 164 
HOH H2   H N N 165 
ILE N    N N N 166 
ILE CA   C N S 167 
ILE C    C N N 168 
ILE O    O N N 169 
ILE CB   C N S 170 
ILE CG1  C N N 171 
ILE CG2  C N N 172 
ILE CD1  C N N 173 
ILE OXT  O N N 174 
ILE H    H N N 175 
ILE H2   H N N 176 
ILE HA   H N N 177 
ILE HB   H N N 178 
ILE HG12 H N N 179 
ILE HG13 H N N 180 
ILE HG21 H N N 181 
ILE HG22 H N N 182 
ILE HG23 H N N 183 
ILE HD11 H N N 184 
ILE HD12 H N N 185 
ILE HD13 H N N 186 
ILE HXT  H N N 187 
IZ7 C10  C Y N 188 
IZ7 C13  C N N 189 
IZ7 C15  C N N 190 
IZ7 C16  C N N 191 
IZ7 C17  C N N 192 
IZ7 C18  C N N 193 
IZ7 C19  C N N 194 
IZ7 C20  C N N 195 
IZ7 C21  C N N 196 
IZ7 C23  C N N 197 
IZ7 C1   C Y N 198 
IZ7 C2   C Y N 199 
IZ7 C3   C Y N 200 
IZ7 C4   C Y N 201 
IZ7 C5   C Y N 202 
IZ7 C6   C N N 203 
IZ7 C7   C Y N 204 
IZ7 O8   O Y N 205 
IZ7 N9   N Y N 206 
IZ7 O11  O N N 207 
IZ7 C12  C N N 208 
IZ7 O22  O N N 209 
IZ7 O23  O N N 210 
IZ7 H1   H N N 211 
IZ7 H2   H N N 212 
IZ7 H3   H N N 213 
IZ7 H4   H N N 214 
IZ7 H5   H N N 215 
IZ7 H6   H N N 216 
IZ7 H7   H N N 217 
IZ7 H8   H N N 218 
IZ7 H9   H N N 219 
IZ7 H10  H N N 220 
IZ7 H11  H N N 221 
IZ7 H12  H N N 222 
IZ7 H13  H N N 223 
IZ7 H14  H N N 224 
IZ7 H15  H N N 225 
IZ7 H16  H N N 226 
IZ7 H17  H N N 227 
IZ7 H18  H N N 228 
IZ7 H19  H N N 229 
IZ7 H20  H N N 230 
IZ7 H21  H N N 231 
IZ7 H22  H N N 232 
IZ7 H23  H N N 233 
LEU N    N N N 234 
LEU CA   C N S 235 
LEU C    C N N 236 
LEU O    O N N 237 
LEU CB   C N N 238 
LEU CG   C N N 239 
LEU CD1  C N N 240 
LEU CD2  C N N 241 
LEU OXT  O N N 242 
LEU H    H N N 243 
LEU H2   H N N 244 
LEU HA   H N N 245 
LEU HB2  H N N 246 
LEU HB3  H N N 247 
LEU HG   H N N 248 
LEU HD11 H N N 249 
LEU HD12 H N N 250 
LEU HD13 H N N 251 
LEU HD21 H N N 252 
LEU HD22 H N N 253 
LEU HD23 H N N 254 
LEU HXT  H N N 255 
LYS N    N N N 256 
LYS CA   C N S 257 
LYS C    C N N 258 
LYS O    O N N 259 
LYS CB   C N N 260 
LYS CG   C N N 261 
LYS CD   C N N 262 
LYS CE   C N N 263 
LYS NZ   N N N 264 
LYS OXT  O N N 265 
LYS H    H N N 266 
LYS H2   H N N 267 
LYS HA   H N N 268 
LYS HB2  H N N 269 
LYS HB3  H N N 270 
LYS HG2  H N N 271 
LYS HG3  H N N 272 
LYS HD2  H N N 273 
LYS HD3  H N N 274 
LYS HE2  H N N 275 
LYS HE3  H N N 276 
LYS HZ1  H N N 277 
LYS HZ2  H N N 278 
LYS HZ3  H N N 279 
LYS HXT  H N N 280 
MET N    N N N 281 
MET CA   C N S 282 
MET C    C N N 283 
MET O    O N N 284 
MET CB   C N N 285 
MET CG   C N N 286 
MET SD   S N N 287 
MET CE   C N N 288 
MET OXT  O N N 289 
MET H    H N N 290 
MET H2   H N N 291 
MET HA   H N N 292 
MET HB2  H N N 293 
MET HB3  H N N 294 
MET HG2  H N N 295 
MET HG3  H N N 296 
MET HE1  H N N 297 
MET HE2  H N N 298 
MET HE3  H N N 299 
MET HXT  H N N 300 
PHE N    N N N 301 
PHE CA   C N S 302 
PHE C    C N N 303 
PHE O    O N N 304 
PHE CB   C N N 305 
PHE CG   C Y N 306 
PHE CD1  C Y N 307 
PHE CD2  C Y N 308 
PHE CE1  C Y N 309 
PHE CE2  C Y N 310 
PHE CZ   C Y N 311 
PHE OXT  O N N 312 
PHE H    H N N 313 
PHE H2   H N N 314 
PHE HA   H N N 315 
PHE HB2  H N N 316 
PHE HB3  H N N 317 
PHE HD1  H N N 318 
PHE HD2  H N N 319 
PHE HE1  H N N 320 
PHE HE2  H N N 321 
PHE HZ   H N N 322 
PHE HXT  H N N 323 
PRO N    N N N 324 
PRO CA   C N S 325 
PRO C    C N N 326 
PRO O    O N N 327 
PRO CB   C N N 328 
PRO CG   C N N 329 
PRO CD   C N N 330 
PRO OXT  O N N 331 
PRO H    H N N 332 
PRO HA   H N N 333 
PRO HB2  H N N 334 
PRO HB3  H N N 335 
PRO HG2  H N N 336 
PRO HG3  H N N 337 
PRO HD2  H N N 338 
PRO HD3  H N N 339 
PRO HXT  H N N 340 
SER N    N N N 341 
SER CA   C N S 342 
SER C    C N N 343 
SER O    O N N 344 
SER CB   C N N 345 
SER OG   O N N 346 
SER OXT  O N N 347 
SER H    H N N 348 
SER H2   H N N 349 
SER HA   H N N 350 
SER HB2  H N N 351 
SER HB3  H N N 352 
SER HG   H N N 353 
SER HXT  H N N 354 
SO4 S    S N N 355 
SO4 O1   O N N 356 
SO4 O2   O N N 357 
SO4 O3   O N N 358 
SO4 O4   O N N 359 
THR N    N N N 360 
THR CA   C N S 361 
THR C    C N N 362 
THR O    O N N 363 
THR CB   C N R 364 
THR OG1  O N N 365 
THR CG2  C N N 366 
THR OXT  O N N 367 
THR H    H N N 368 
THR H2   H N N 369 
THR HA   H N N 370 
THR HB   H N N 371 
THR HG1  H N N 372 
THR HG21 H N N 373 
THR HG22 H N N 374 
THR HG23 H N N 375 
THR HXT  H N N 376 
TRP N    N N N 377 
TRP CA   C N S 378 
TRP C    C N N 379 
TRP O    O N N 380 
TRP CB   C N N 381 
TRP CG   C Y N 382 
TRP CD1  C Y N 383 
TRP CD2  C Y N 384 
TRP NE1  N Y N 385 
TRP CE2  C Y N 386 
TRP CE3  C Y N 387 
TRP CZ2  C Y N 388 
TRP CZ3  C Y N 389 
TRP CH2  C Y N 390 
TRP OXT  O N N 391 
TRP H    H N N 392 
TRP H2   H N N 393 
TRP HA   H N N 394 
TRP HB2  H N N 395 
TRP HB3  H N N 396 
TRP HD1  H N N 397 
TRP HE1  H N N 398 
TRP HE3  H N N 399 
TRP HZ2  H N N 400 
TRP HZ3  H N N 401 
TRP HH2  H N N 402 
TRP HXT  H N N 403 
TYR N    N N N 404 
TYR CA   C N S 405 
TYR C    C N N 406 
TYR O    O N N 407 
TYR CB   C N N 408 
TYR CG   C Y N 409 
TYR CD1  C Y N 410 
TYR CD2  C Y N 411 
TYR CE1  C Y N 412 
TYR CE2  C Y N 413 
TYR CZ   C Y N 414 
TYR OH   O N N 415 
TYR OXT  O N N 416 
TYR H    H N N 417 
TYR H2   H N N 418 
TYR HA   H N N 419 
TYR HB2  H N N 420 
TYR HB3  H N N 421 
TYR HD1  H N N 422 
TYR HD2  H N N 423 
TYR HE1  H N N 424 
TYR HE2  H N N 425 
TYR HH   H N N 426 
TYR HXT  H N N 427 
VAL N    N N N 428 
VAL CA   C N S 429 
VAL C    C N N 430 
VAL O    O N N 431 
VAL CB   C N N 432 
VAL CG1  C N N 433 
VAL CG2  C N N 434 
VAL OXT  O N N 435 
VAL H    H N N 436 
VAL H2   H N N 437 
VAL HA   H N N 438 
VAL HB   H N N 439 
VAL HG11 H N N 440 
VAL HG12 H N N 441 
VAL HG13 H N N 442 
VAL HG21 H N N 443 
VAL HG22 H N N 444 
VAL HG23 H N N 445 
VAL HXT  H N N 446 
# 
loop_
_chem_comp_bond.comp_id 
_chem_comp_bond.atom_id_1 
_chem_comp_bond.atom_id_2 
_chem_comp_bond.value_order 
_chem_comp_bond.pdbx_aromatic_flag 
_chem_comp_bond.pdbx_stereo_config 
_chem_comp_bond.pdbx_ordinal 
ALA N   CA   sing N N 1   
ALA N   H    sing N N 2   
ALA N   H2   sing N N 3   
ALA CA  C    sing N N 4   
ALA CA  CB   sing N N 5   
ALA CA  HA   sing N N 6   
ALA C   O    doub N N 7   
ALA C   OXT  sing N N 8   
ALA CB  HB1  sing N N 9   
ALA CB  HB2  sing N N 10  
ALA CB  HB3  sing N N 11  
ALA OXT HXT  sing N N 12  
ARG N   CA   sing N N 13  
ARG N   H    sing N N 14  
ARG N   H2   sing N N 15  
ARG CA  C    sing N N 16  
ARG CA  CB   sing N N 17  
ARG CA  HA   sing N N 18  
ARG C   O    doub N N 19  
ARG C   OXT  sing N N 20  
ARG CB  CG   sing N N 21  
ARG CB  HB2  sing N N 22  
ARG CB  HB3  sing N N 23  
ARG CG  CD   sing N N 24  
ARG CG  HG2  sing N N 25  
ARG CG  HG3  sing N N 26  
ARG CD  NE   sing N N 27  
ARG CD  HD2  sing N N 28  
ARG CD  HD3  sing N N 29  
ARG NE  CZ   sing N N 30  
ARG NE  HE   sing N N 31  
ARG CZ  NH1  sing N N 32  
ARG CZ  NH2  doub N N 33  
ARG NH1 HH11 sing N N 34  
ARG NH1 HH12 sing N N 35  
ARG NH2 HH21 sing N N 36  
ARG NH2 HH22 sing N N 37  
ARG OXT HXT  sing N N 38  
ASN N   CA   sing N N 39  
ASN N   H    sing N N 40  
ASN N   H2   sing N N 41  
ASN CA  C    sing N N 42  
ASN CA  CB   sing N N 43  
ASN CA  HA   sing N N 44  
ASN C   O    doub N N 45  
ASN C   OXT  sing N N 46  
ASN CB  CG   sing N N 47  
ASN CB  HB2  sing N N 48  
ASN CB  HB3  sing N N 49  
ASN CG  OD1  doub N N 50  
ASN CG  ND2  sing N N 51  
ASN ND2 HD21 sing N N 52  
ASN ND2 HD22 sing N N 53  
ASN OXT HXT  sing N N 54  
ASP N   CA   sing N N 55  
ASP N   H    sing N N 56  
ASP N   H2   sing N N 57  
ASP CA  C    sing N N 58  
ASP CA  CB   sing N N 59  
ASP CA  HA   sing N N 60  
ASP C   O    doub N N 61  
ASP C   OXT  sing N N 62  
ASP CB  CG   sing N N 63  
ASP CB  HB2  sing N N 64  
ASP CB  HB3  sing N N 65  
ASP CG  OD1  doub N N 66  
ASP CG  OD2  sing N N 67  
ASP OD2 HD2  sing N N 68  
ASP OXT HXT  sing N N 69  
CYS N   CA   sing N N 70  
CYS N   H    sing N N 71  
CYS N   H2   sing N N 72  
CYS CA  C    sing N N 73  
CYS CA  CB   sing N N 74  
CYS CA  HA   sing N N 75  
CYS C   O    doub N N 76  
CYS C   OXT  sing N N 77  
CYS CB  SG   sing N N 78  
CYS CB  HB2  sing N N 79  
CYS CB  HB3  sing N N 80  
CYS SG  HG   sing N N 81  
CYS OXT HXT  sing N N 82  
FMT C   O1   doub N N 83  
FMT C   O2   sing N N 84  
FMT C   H    sing N N 85  
FMT O2  HO2  sing N N 86  
GLN N   CA   sing N N 87  
GLN N   H    sing N N 88  
GLN N   H2   sing N N 89  
GLN CA  C    sing N N 90  
GLN CA  CB   sing N N 91  
GLN CA  HA   sing N N 92  
GLN C   O    doub N N 93  
GLN C   OXT  sing N N 94  
GLN CB  CG   sing N N 95  
GLN CB  HB2  sing N N 96  
GLN CB  HB3  sing N N 97  
GLN CG  CD   sing N N 98  
GLN CG  HG2  sing N N 99  
GLN CG  HG3  sing N N 100 
GLN CD  OE1  doub N N 101 
GLN CD  NE2  sing N N 102 
GLN NE2 HE21 sing N N 103 
GLN NE2 HE22 sing N N 104 
GLN OXT HXT  sing N N 105 
GLU N   CA   sing N N 106 
GLU N   H    sing N N 107 
GLU N   H2   sing N N 108 
GLU CA  C    sing N N 109 
GLU CA  CB   sing N N 110 
GLU CA  HA   sing N N 111 
GLU C   O    doub N N 112 
GLU C   OXT  sing N N 113 
GLU CB  CG   sing N N 114 
GLU CB  HB2  sing N N 115 
GLU CB  HB3  sing N N 116 
GLU CG  CD   sing N N 117 
GLU CG  HG2  sing N N 118 
GLU CG  HG3  sing N N 119 
GLU CD  OE1  doub N N 120 
GLU CD  OE2  sing N N 121 
GLU OE2 HE2  sing N N 122 
GLU OXT HXT  sing N N 123 
GLY N   CA   sing N N 124 
GLY N   H    sing N N 125 
GLY N   H2   sing N N 126 
GLY CA  C    sing N N 127 
GLY CA  HA2  sing N N 128 
GLY CA  HA3  sing N N 129 
GLY C   O    doub N N 130 
GLY C   OXT  sing N N 131 
GLY OXT HXT  sing N N 132 
HIS N   CA   sing N N 133 
HIS N   H    sing N N 134 
HIS N   H2   sing N N 135 
HIS CA  C    sing N N 136 
HIS CA  CB   sing N N 137 
HIS CA  HA   sing N N 138 
HIS C   O    doub N N 139 
HIS C   OXT  sing N N 140 
HIS CB  CG   sing N N 141 
HIS CB  HB2  sing N N 142 
HIS CB  HB3  sing N N 143 
HIS CG  ND1  sing Y N 144 
HIS CG  CD2  doub Y N 145 
HIS ND1 CE1  doub Y N 146 
HIS ND1 HD1  sing N N 147 
HIS CD2 NE2  sing Y N 148 
HIS CD2 HD2  sing N N 149 
HIS CE1 NE2  sing Y N 150 
HIS CE1 HE1  sing N N 151 
HIS NE2 HE2  sing N N 152 
HIS OXT HXT  sing N N 153 
HOH O   H1   sing N N 154 
HOH O   H2   sing N N 155 
ILE N   CA   sing N N 156 
ILE N   H    sing N N 157 
ILE N   H2   sing N N 158 
ILE CA  C    sing N N 159 
ILE CA  CB   sing N N 160 
ILE CA  HA   sing N N 161 
ILE C   O    doub N N 162 
ILE C   OXT  sing N N 163 
ILE CB  CG1  sing N N 164 
ILE CB  CG2  sing N N 165 
ILE CB  HB   sing N N 166 
ILE CG1 CD1  sing N N 167 
ILE CG1 HG12 sing N N 168 
ILE CG1 HG13 sing N N 169 
ILE CG2 HG21 sing N N 170 
ILE CG2 HG22 sing N N 171 
ILE CG2 HG23 sing N N 172 
ILE CD1 HD11 sing N N 173 
ILE CD1 HD12 sing N N 174 
ILE CD1 HD13 sing N N 175 
ILE OXT HXT  sing N N 176 
IZ7 C1  C2   doub Y N 177 
IZ7 C1  C3   sing Y N 178 
IZ7 C1  C4   sing Y N 179 
IZ7 C2  C5   sing Y N 180 
IZ7 C2  C6   sing N N 181 
IZ7 C3  C7   doub Y N 182 
IZ7 C3  O8   sing Y N 183 
IZ7 C4  C23  sing N N 184 
IZ7 C4  N9   doub Y N 185 
IZ7 C5  C10  doub Y N 186 
IZ7 C5  O11  sing N N 187 
IZ7 C6  C12  sing N N 188 
IZ7 C7  C10  sing Y N 189 
IZ7 C7  C13  sing N N 190 
IZ7 O8  N9   sing Y N 191 
IZ7 C10 C15  sing N N 192 
IZ7 O11 C16  sing N N 193 
IZ7 C12 C17  doub N E 194 
IZ7 C17 C18  sing N N 195 
IZ7 C17 C19  sing N N 196 
IZ7 C18 C20  sing N N 197 
IZ7 C20 C21  sing N N 198 
IZ7 C21 O22  doub N N 199 
IZ7 C21 O23  sing N N 200 
IZ7 C13 H1   sing N N 201 
IZ7 C13 H2   sing N N 202 
IZ7 C13 H3   sing N N 203 
IZ7 C15 H4   sing N N 204 
IZ7 C15 H5   sing N N 205 
IZ7 C15 H6   sing N N 206 
IZ7 C16 H7   sing N N 207 
IZ7 C16 H8   sing N N 208 
IZ7 C16 H9   sing N N 209 
IZ7 C18 H10  sing N N 210 
IZ7 C18 H11  sing N N 211 
IZ7 C19 H12  sing N N 212 
IZ7 C19 H13  sing N N 213 
IZ7 C19 H14  sing N N 214 
IZ7 C20 H15  sing N N 215 
IZ7 C20 H16  sing N N 216 
IZ7 C23 H17  sing N N 217 
IZ7 C23 H18  sing N N 218 
IZ7 C23 H19  sing N N 219 
IZ7 C6  H20  sing N N 220 
IZ7 C6  H21  sing N N 221 
IZ7 C12 H22  sing N N 222 
IZ7 O23 H23  sing N N 223 
LEU N   CA   sing N N 224 
LEU N   H    sing N N 225 
LEU N   H2   sing N N 226 
LEU CA  C    sing N N 227 
LEU CA  CB   sing N N 228 
LEU CA  HA   sing N N 229 
LEU C   O    doub N N 230 
LEU C   OXT  sing N N 231 
LEU CB  CG   sing N N 232 
LEU CB  HB2  sing N N 233 
LEU CB  HB3  sing N N 234 
LEU CG  CD1  sing N N 235 
LEU CG  CD2  sing N N 236 
LEU CG  HG   sing N N 237 
LEU CD1 HD11 sing N N 238 
LEU CD1 HD12 sing N N 239 
LEU CD1 HD13 sing N N 240 
LEU CD2 HD21 sing N N 241 
LEU CD2 HD22 sing N N 242 
LEU CD2 HD23 sing N N 243 
LEU OXT HXT  sing N N 244 
LYS N   CA   sing N N 245 
LYS N   H    sing N N 246 
LYS N   H2   sing N N 247 
LYS CA  C    sing N N 248 
LYS CA  CB   sing N N 249 
LYS CA  HA   sing N N 250 
LYS C   O    doub N N 251 
LYS C   OXT  sing N N 252 
LYS CB  CG   sing N N 253 
LYS CB  HB2  sing N N 254 
LYS CB  HB3  sing N N 255 
LYS CG  CD   sing N N 256 
LYS CG  HG2  sing N N 257 
LYS CG  HG3  sing N N 258 
LYS CD  CE   sing N N 259 
LYS CD  HD2  sing N N 260 
LYS CD  HD3  sing N N 261 
LYS CE  NZ   sing N N 262 
LYS CE  HE2  sing N N 263 
LYS CE  HE3  sing N N 264 
LYS NZ  HZ1  sing N N 265 
LYS NZ  HZ2  sing N N 266 
LYS NZ  HZ3  sing N N 267 
LYS OXT HXT  sing N N 268 
MET N   CA   sing N N 269 
MET N   H    sing N N 270 
MET N   H2   sing N N 271 
MET CA  C    sing N N 272 
MET CA  CB   sing N N 273 
MET CA  HA   sing N N 274 
MET C   O    doub N N 275 
MET C   OXT  sing N N 276 
MET CB  CG   sing N N 277 
MET CB  HB2  sing N N 278 
MET CB  HB3  sing N N 279 
MET CG  SD   sing N N 280 
MET CG  HG2  sing N N 281 
MET CG  HG3  sing N N 282 
MET SD  CE   sing N N 283 
MET CE  HE1  sing N N 284 
MET CE  HE2  sing N N 285 
MET CE  HE3  sing N N 286 
MET OXT HXT  sing N N 287 
PHE N   CA   sing N N 288 
PHE N   H    sing N N 289 
PHE N   H2   sing N N 290 
PHE CA  C    sing N N 291 
PHE CA  CB   sing N N 292 
PHE CA  HA   sing N N 293 
PHE C   O    doub N N 294 
PHE C   OXT  sing N N 295 
PHE CB  CG   sing N N 296 
PHE CB  HB2  sing N N 297 
PHE CB  HB3  sing N N 298 
PHE CG  CD1  doub Y N 299 
PHE CG  CD2  sing Y N 300 
PHE CD1 CE1  sing Y N 301 
PHE CD1 HD1  sing N N 302 
PHE CD2 CE2  doub Y N 303 
PHE CD2 HD2  sing N N 304 
PHE CE1 CZ   doub Y N 305 
PHE CE1 HE1  sing N N 306 
PHE CE2 CZ   sing Y N 307 
PHE CE2 HE2  sing N N 308 
PHE CZ  HZ   sing N N 309 
PHE OXT HXT  sing N N 310 
PRO N   CA   sing N N 311 
PRO N   CD   sing N N 312 
PRO N   H    sing N N 313 
PRO CA  C    sing N N 314 
PRO CA  CB   sing N N 315 
PRO CA  HA   sing N N 316 
PRO C   O    doub N N 317 
PRO C   OXT  sing N N 318 
PRO CB  CG   sing N N 319 
PRO CB  HB2  sing N N 320 
PRO CB  HB3  sing N N 321 
PRO CG  CD   sing N N 322 
PRO CG  HG2  sing N N 323 
PRO CG  HG3  sing N N 324 
PRO CD  HD2  sing N N 325 
PRO CD  HD3  sing N N 326 
PRO OXT HXT  sing N N 327 
SER N   CA   sing N N 328 
SER N   H    sing N N 329 
SER N   H2   sing N N 330 
SER CA  C    sing N N 331 
SER CA  CB   sing N N 332 
SER CA  HA   sing N N 333 
SER C   O    doub N N 334 
SER C   OXT  sing N N 335 
SER CB  OG   sing N N 336 
SER CB  HB2  sing N N 337 
SER CB  HB3  sing N N 338 
SER OG  HG   sing N N 339 
SER OXT HXT  sing N N 340 
SO4 S   O1   doub N N 341 
SO4 S   O2   doub N N 342 
SO4 S   O3   sing N N 343 
SO4 S   O4   sing N N 344 
THR N   CA   sing N N 345 
THR N   H    sing N N 346 
THR N   H2   sing N N 347 
THR CA  C    sing N N 348 
THR CA  CB   sing N N 349 
THR CA  HA   sing N N 350 
THR C   O    doub N N 351 
THR C   OXT  sing N N 352 
THR CB  OG1  sing N N 353 
THR CB  CG2  sing N N 354 
THR CB  HB   sing N N 355 
THR OG1 HG1  sing N N 356 
THR CG2 HG21 sing N N 357 
THR CG2 HG22 sing N N 358 
THR CG2 HG23 sing N N 359 
THR OXT HXT  sing N N 360 
TRP N   CA   sing N N 361 
TRP N   H    sing N N 362 
TRP N   H2   sing N N 363 
TRP CA  C    sing N N 364 
TRP CA  CB   sing N N 365 
TRP CA  HA   sing N N 366 
TRP C   O    doub N N 367 
TRP C   OXT  sing N N 368 
TRP CB  CG   sing N N 369 
TRP CB  HB2  sing N N 370 
TRP CB  HB3  sing N N 371 
TRP CG  CD1  doub Y N 372 
TRP CG  CD2  sing Y N 373 
TRP CD1 NE1  sing Y N 374 
TRP CD1 HD1  sing N N 375 
TRP CD2 CE2  doub Y N 376 
TRP CD2 CE3  sing Y N 377 
TRP NE1 CE2  sing Y N 378 
TRP NE1 HE1  sing N N 379 
TRP CE2 CZ2  sing Y N 380 
TRP CE3 CZ3  doub Y N 381 
TRP CE3 HE3  sing N N 382 
TRP CZ2 CH2  doub Y N 383 
TRP CZ2 HZ2  sing N N 384 
TRP CZ3 CH2  sing Y N 385 
TRP CZ3 HZ3  sing N N 386 
TRP CH2 HH2  sing N N 387 
TRP OXT HXT  sing N N 388 
TYR N   CA   sing N N 389 
TYR N   H    sing N N 390 
TYR N   H2   sing N N 391 
TYR CA  C    sing N N 392 
TYR CA  CB   sing N N 393 
TYR CA  HA   sing N N 394 
TYR C   O    doub N N 395 
TYR C   OXT  sing N N 396 
TYR CB  CG   sing N N 397 
TYR CB  HB2  sing N N 398 
TYR CB  HB3  sing N N 399 
TYR CG  CD1  doub Y N 400 
TYR CG  CD2  sing Y N 401 
TYR CD1 CE1  sing Y N 402 
TYR CD1 HD1  sing N N 403 
TYR CD2 CE2  doub Y N 404 
TYR CD2 HD2  sing N N 405 
TYR CE1 CZ   doub Y N 406 
TYR CE1 HE1  sing N N 407 
TYR CE2 CZ   sing Y N 408 
TYR CE2 HE2  sing N N 409 
TYR CZ  OH   sing N N 410 
TYR OH  HH   sing N N 411 
TYR OXT HXT  sing N N 412 
VAL N   CA   sing N N 413 
VAL N   H    sing N N 414 
VAL N   H2   sing N N 415 
VAL CA  C    sing N N 416 
VAL CA  CB   sing N N 417 
VAL CA  HA   sing N N 418 
VAL C   O    doub N N 419 
VAL C   OXT  sing N N 420 
VAL CB  CG1  sing N N 421 
VAL CB  CG2  sing N N 422 
VAL CB  HB   sing N N 423 
VAL CG1 HG11 sing N N 424 
VAL CG1 HG12 sing N N 425 
VAL CG1 HG13 sing N N 426 
VAL CG2 HG21 sing N N 427 
VAL CG2 HG22 sing N N 428 
VAL CG2 HG23 sing N N 429 
VAL OXT HXT  sing N N 430 
# 
_pdbx_audit_support.ordinal                1 
_pdbx_audit_support.funding_organization   'F. Hoffmann-La Roche LTD' 
_pdbx_audit_support.grant_number           ? 
_pdbx_audit_support.country                Switzerland 
# 
_pdbx_deposit_group.group_id            G_1002264 
_pdbx_deposit_group.group_description   'A set of fabp crystal structures' 
_pdbx_deposit_group.group_title         'To be published' 
_pdbx_deposit_group.group_type          undefined 
# 
_pdbx_initial_refinement_model.accession_code   ? 
_pdbx_initial_refinement_model.id               1 
_pdbx_initial_refinement_model.entity_id_list   ? 
_pdbx_initial_refinement_model.type             other 
_pdbx_initial_refinement_model.source_name      ? 
_pdbx_initial_refinement_model.details          'inhouse model' 
# 
_atom_sites.entry_id                    7FVZ 
_atom_sites.fract_transf_matrix[1][1]   0.02347376 
_atom_sites.fract_transf_matrix[1][2]   -0.00452943 
_atom_sites.fract_transf_matrix[1][3]   -0.01945253 
_atom_sites.fract_transf_matrix[2][1]   0.01053459 
_atom_sites.fract_transf_matrix[2][2]   -0.00596293 
_atom_sites.fract_transf_matrix[2][3]   0.01410074 
_atom_sites.fract_transf_matrix[3][1]   -0.00418586 
_atom_sites.fract_transf_matrix[3][2]   -0.01247228 
_atom_sites.fract_transf_matrix[3][3]   -0.00214705 
_atom_sites.fract_transf_vector[1]      0.232883 
_atom_sites.fract_transf_vector[2]      0.179193 
_atom_sites.fract_transf_vector[3]      0.199246 
# 
loop_
_atom_type.symbol 
C 
N 
O 
S 
# 
loop_
_atom_site.group_PDB 
_atom_site.id 
_atom_site.type_symbol 
_atom_site.label_atom_id 
_atom_site.label_alt_id 
_atom_site.label_comp_id 
_atom_site.label_asym_id 
_atom_site.label_entity_id 
_atom_site.label_seq_id 
_atom_site.pdbx_PDB_ins_code 
_atom_site.Cartn_x 
_atom_site.Cartn_y 
_atom_site.Cartn_z 
_atom_site.occupancy 
_atom_site.B_iso_or_equiv 
_atom_site.pdbx_formal_charge 
_atom_site.auth_seq_id 
_atom_site.auth_comp_id 
_atom_site.auth_asym_id 
_atom_site.auth_atom_id 
_atom_site.pdbx_PDB_model_num 
ATOM   1    N N   . HIS A 1 3   ? 13.203  13.449  9.263   1.00 26.13 ? -1  HIS A N   1 
ATOM   2    C CA  . HIS A 1 3   ? 12.636  14.185  8.076   1.00 30.76 ? -1  HIS A CA  1 
ATOM   3    C C   . HIS A 1 3   ? 12.617  13.332  6.842   1.00 30.33 ? -1  HIS A C   1 
ATOM   4    O O   . HIS A 1 3   ? 12.337  13.867  5.703   1.00 27.42 ? -1  HIS A O   1 
ATOM   5    C CB  . HIS A 1 3   ? 13.433  15.409  7.727   1.00 29.57 ? -1  HIS A CB  1 
ATOM   6    C CG  . HIS A 1 3   ? 13.278  16.557  8.667   1.00 30.22 ? -1  HIS A CG  1 
ATOM   7    N ND1 . HIS A 1 3   ? 12.473  17.561  8.391   1.00 31.29 ? -1  HIS A ND1 1 
ATOM   8    C CD2 . HIS A 1 3   ? 13.937  16.888  9.853   1.00 33.82 ? -1  HIS A CD2 1 
ATOM   9    C CE1 . HIS A 1 3   ? 12.537  18.487  9.369   1.00 33.82 ? -1  HIS A CE1 1 
ATOM   10   N NE2 . HIS A 1 3   ? 13.446  18.076  10.260  1.00 27.75 ? -1  HIS A NE2 1 
ATOM   11   N N   . MET A 1 4   ? 12.874  12.023  7.043   1.00 29.86 ? 0   MET A N   1 
ATOM   12   C CA  . MET A 1 4   ? 12.985  11.033  5.941   1.00 28.54 ? 0   MET A CA  1 
ATOM   13   C C   . MET A 1 4   ? 11.780  11.144  5.030   1.00 26.87 ? 0   MET A C   1 
ATOM   14   O O   . MET A 1 4   ? 11.811  11.685  3.918   1.00 28.86 ? 0   MET A O   1 
ATOM   15   C CB  . MET A 1 4   ? 13.197  9.561   6.448   1.00 26.96 ? 0   MET A CB  1 
ATOM   16   C CG  . MET A 1 4   ? 12.264  8.857   7.548   1.00 29.03 ? 0   MET A CG  1 
ATOM   17   S SD  . MET A 1 4   ? 12.346  8.843   9.407   1.00 24.66 ? 0   MET A SD  1 
ATOM   18   C CE  . MET A 1 4   ? 11.197  7.562   9.829   1.00 14.30 ? 0   MET A CE  1 
ATOM   19   N N   . CYS A 1 5   ? 10.666  10.747  5.580   1.00 20.19 ? 1   CYS A N   1 
ATOM   20   C CA  . CYS A 1 5   ? 9.573   10.614  4.709   1.00 17.36 ? 1   CYS A CA  1 
ATOM   21   C C   . CYS A 1 5   ? 8.737   11.821  4.697   1.00 13.04 ? 1   CYS A C   1 
ATOM   22   O O   . CYS A 1 5   ? 7.539   11.629  4.459   1.00 12.11 ? 1   CYS A O   1 
ATOM   23   C CB  . CYS A 1 5   ? 8.749   9.346   5.123   1.00 19.84 ? 1   CYS A CB  1 
ATOM   24   S SG  . CYS A 1 5   ? 9.685   7.827   4.871   1.00 25.94 ? 1   CYS A SG  1 
ATOM   25   N N   . ASP A 1 6   ? 9.254   13.054  4.922   1.00 11.34 ? 2   ASP A N   1 
ATOM   26   C CA  . ASP A 1 6   ? 8.327   14.213  5.075   1.00 12.61 ? 2   ASP A CA  1 
ATOM   27   C C   . ASP A 1 6   ? 7.390   14.382  3.943   1.00 12.97 ? 2   ASP A C   1 
ATOM   28   O O   . ASP A 1 6   ? 6.195   14.692  4.170   1.00 13.30 ? 2   ASP A O   1 
ATOM   29   C CB  . ASP A 1 6   ? 9.142   15.499  5.183   1.00 14.39 ? 2   ASP A CB  1 
ATOM   30   C CG  . ASP A 1 6   ? 9.684   15.765  6.537   1.00 16.85 ? 2   ASP A CG  1 
ATOM   31   O OD1 . ASP A 1 6   ? 9.472   14.903  7.426   1.00 17.19 ? 2   ASP A OD1 1 
ATOM   32   O OD2 . ASP A 1 6   ? 10.406  16.783  6.656   1.00 20.72 ? 2   ASP A OD2 1 
ATOM   33   N N   . ALA A 1 7   ? 7.854   14.110  2.745   1.00 11.50 ? 3   ALA A N   1 
ATOM   34   C CA  . ALA A 1 7   ? 7.029   14.381  1.572   1.00 12.47 ? 3   ALA A CA  1 
ATOM   35   C C   . ALA A 1 7   ? 5.897   13.358  1.438   1.00 10.82 ? 3   ALA A C   1 
ATOM   36   O O   . ALA A 1 7   ? 4.982   13.622  0.653   1.00 11.62 ? 3   ALA A O   1 
ATOM   37   C CB  . ALA A 1 7   ? 7.875   14.364  0.296   1.00 15.56 ? 3   ALA A CB  1 
ATOM   38   N N   . PHE A 1 8   ? 5.945   12.249  2.139   1.00 9.54  ? 4   PHE A N   1 
ATOM   39   C CA  . PHE A 1 8   ? 4.825   11.302  2.152   1.00 7.91  ? 4   PHE A CA  1 
ATOM   40   C C   . PHE A 1 8   ? 3.757   11.629  3.174   1.00 7.76  ? 4   PHE A C   1 
ATOM   41   O O   . PHE A 1 8   ? 2.610   11.137  3.070   1.00 8.32  ? 4   PHE A O   1 
ATOM   42   C CB  . PHE A 1 8   ? 5.352   9.862   2.450   1.00 8.46  ? 4   PHE A CB  1 
ATOM   43   C CG  . PHE A 1 8   ? 6.218   9.285   1.396   1.00 9.47  ? 4   PHE A CG  1 
ATOM   44   C CD1 . PHE A 1 8   ? 5.652   8.662   0.311   1.00 10.28 ? 4   PHE A CD1 1 
ATOM   45   C CD2 . PHE A 1 8   ? 7.591   9.277   1.501   1.00 11.23 ? 4   PHE A CD2 1 
ATOM   46   C CE1 . PHE A 1 8   ? 6.429   8.094   -0.688  1.00 11.35 ? 4   PHE A CE1 1 
ATOM   47   C CE2 . PHE A 1 8   ? 8.403   8.738   0.475   1.00 12.12 ? 4   PHE A CE2 1 
ATOM   48   C CZ  . PHE A 1 8   ? 7.791   8.168   -0.612  1.00 11.99 ? 4   PHE A CZ  1 
ATOM   49   N N   . VAL A 1 9   ? 4.098   12.358  4.215   1.00 7.96  ? 5   VAL A N   1 
ATOM   50   C CA  A VAL A 1 9   ? 3.183   12.587  5.343   0.70 7.60  ? 5   VAL A CA  1 
ATOM   51   C CA  B VAL A 1 9   ? 3.153   12.466  5.317   0.30 8.27  ? 5   VAL A CA  1 
ATOM   52   C C   . VAL A 1 9   ? 1.971   13.349  4.884   1.00 8.50  ? 5   VAL A C   1 
ATOM   53   O O   . VAL A 1 9   ? 2.083   14.335  4.144   1.00 10.05 ? 5   VAL A O   1 
ATOM   54   C CB  A VAL A 1 9   ? 3.940   13.338  6.455   0.70 7.72  ? 5   VAL A CB  1 
ATOM   55   C CB  B VAL A 1 9   ? 3.802   12.875  6.680   0.30 8.75  ? 5   VAL A CB  1 
ATOM   56   C CG1 A VAL A 1 9   ? 2.963   13.862  7.515   0.70 9.16  ? 5   VAL A CG1 1 
ATOM   57   C CG1 B VAL A 1 9   ? 4.810   11.830  7.202   0.30 9.32  ? 5   VAL A CG1 1 
ATOM   58   C CG2 A VAL A 1 9   ? 4.964   12.342  7.002   0.70 9.47  ? 5   VAL A CG2 1 
ATOM   59   C CG2 B VAL A 1 9   ? 4.395   14.254  6.589   0.30 9.92  ? 5   VAL A CG2 1 
ATOM   60   N N   . GLY A 1 10  ? 0.792   12.942  5.359   1.00 8.10  ? 6   GLY A N   1 
ATOM   61   C CA  . GLY A 1 10  ? -0.412  13.671  5.090   1.00 9.21  ? 6   GLY A CA  1 
ATOM   62   C C   . GLY A 1 10  ? -1.572  12.725  4.870   1.00 7.90  ? 6   GLY A C   1 
ATOM   63   O O   . GLY A 1 10  ? -1.528  11.547  5.207   1.00 8.59  ? 6   GLY A O   1 
ATOM   64   N N   . THR A 1 11  ? -2.636  13.305  4.336   1.00 8.09  ? 7   THR A N   1 
ATOM   65   C CA  . THR A 1 11  ? -3.873  12.598  4.083   1.00 8.42  ? 7   THR A CA  1 
ATOM   66   C C   . THR A 1 11  ? -4.119  12.621  2.590   1.00 8.49  ? 7   THR A C   1 
ATOM   67   O O   . THR A 1 11  ? -4.089  13.704  2.000   1.00 9.58  ? 7   THR A O   1 
ATOM   68   C CB  . THR A 1 11  ? -5.049  13.250  4.822   1.00 10.45 ? 7   THR A CB  1 
ATOM   69   O OG1 . THR A 1 11  ? -4.679  13.465  6.188   1.00 15.78 ? 7   THR A OG1 1 
ATOM   70   C CG2 . THR A 1 11  ? -6.283  12.511  4.684   1.00 11.41 ? 7   THR A CG2 1 
ATOM   71   N N   . TRP A 1 12  ? -4.305  11.471  1.992   1.00 8.40  ? 8   TRP A N   1 
ATOM   72   C CA  . TRP A 1 12  ? -4.324  11.312  0.544   1.00 8.45  ? 8   TRP A CA  1 
ATOM   73   C C   . TRP A 1 12  ? -5.585  10.580  0.162   1.00 8.60  ? 8   TRP A C   1 
ATOM   74   O O   . TRP A 1 12  ? -6.096  9.759   0.958   1.00 10.90 ? 8   TRP A O   1 
ATOM   75   C CB  . TRP A 1 12  ? -3.118  10.434  0.142   1.00 8.03  ? 8   TRP A CB  1 
ATOM   76   C CG  . TRP A 1 12  ? -1.779  11.024  0.545   1.00 8.60  ? 8   TRP A CG  1 
ATOM   77   C CD1 . TRP A 1 12  ? -1.070  10.815  1.693   1.00 8.14  ? 8   TRP A CD1 1 
ATOM   78   C CD2 . TRP A 1 12  ? -0.954  11.882  -0.285  1.00 8.22  ? 8   TRP A CD2 1 
ATOM   79   N NE1 . TRP A 1 12  ? 0.108   11.520  1.667   1.00 8.92  ? 8   TRP A NE1 1 
ATOM   80   C CE2 . TRP A 1 12  ? 0.225   12.153  0.457   1.00 8.54  ? 8   TRP A CE2 1 
ATOM   81   C CE3 . TRP A 1 12  ? -1.105  12.426  -1.555  1.00 9.20  ? 8   TRP A CE3 1 
ATOM   82   C CZ2 . TRP A 1 12  ? 1.224   12.978  -0.058  1.00 9.34  ? 8   TRP A CZ2 1 
ATOM   83   C CZ3 . TRP A 1 12  ? -0.089  13.248  -2.045  1.00 9.92  ? 8   TRP A CZ3 1 
ATOM   84   C CH2 . TRP A 1 12  ? 1.045   13.502  -1.316  1.00 9.53  ? 8   TRP A CH2 1 
ATOM   85   N N   . LYS A 1 13  ? -6.114  10.834  -1.027  1.00 8.40  ? 9   LYS A N   1 
ATOM   86   C CA  A LYS A 1 13  ? -7.317  10.121  -1.500  0.35 8.86  ? 9   LYS A CA  1 
ATOM   87   C CA  B LYS A 1 13  ? -7.336  10.233  -1.566  0.35 8.63  ? 9   LYS A CA  1 
ATOM   88   C CA  C LYS A 1 13  ? -7.332  10.180  -1.535  0.30 8.87  ? 9   LYS A CA  1 
ATOM   89   C C   . LYS A 1 13  ? -7.025  9.514   -2.895  1.00 8.60  ? 9   LYS A C   1 
ATOM   90   O O   . LYS A 1 13  ? -6.346  10.081  -3.715  1.00 8.98  ? 9   LYS A O   1 
ATOM   91   C CB  A LYS A 1 13  ? -8.542  11.039  -1.551  0.35 9.57  ? 9   LYS A CB  1 
ATOM   92   C CB  B LYS A 1 13  ? -8.413  11.322  -1.854  0.35 9.11  ? 9   LYS A CB  1 
ATOM   93   C CB  C LYS A 1 13  ? -8.488  11.198  -1.709  0.30 9.62  ? 9   LYS A CB  1 
ATOM   94   C CG  A LYS A 1 13  ? -8.315  12.235  -2.479  0.35 11.86 ? 9   LYS A CG  1 
ATOM   95   C CG  B LYS A 1 13  ? -9.700  10.694  -2.353  0.35 10.86 ? 9   LYS A CG  1 
ATOM   96   C CG  C LYS A 1 13  ? -8.113  12.446  -2.538  0.30 11.41 ? 9   LYS A CG  1 
ATOM   97   C CD  A LYS A 1 13  ? -9.375  13.338  -2.378  0.35 13.32 ? 9   LYS A CD  1 
ATOM   98   C CD  B LYS A 1 13  ? -9.863  10.685  -3.852  0.35 12.60 ? 9   LYS A CD  1 
ATOM   99   C CD  C LYS A 1 13  ? -9.339  13.254  -2.976  0.30 12.24 ? 9   LYS A CD  1 
ATOM   100  C CE  A LYS A 1 13  ? -9.068  14.513  -3.270  0.35 14.83 ? 9   LYS A CE  1 
ATOM   101  C CE  B LYS A 1 13  ? -11.141 9.879   -4.120  0.35 11.84 ? 9   LYS A CE  1 
ATOM   102  C CE  C LYS A 1 13  ? -8.921  14.512  -3.705  0.30 13.60 ? 9   LYS A CE  1 
ATOM   103  N NZ  A LYS A 1 13  ? -9.101  14.155  -4.713  0.35 15.39 ? 9   LYS A NZ  1 
ATOM   104  N NZ  B LYS A 1 13  ? -11.624 9.714   -5.554  0.35 10.05 ? 9   LYS A NZ  1 
ATOM   105  N NZ  C LYS A 1 13  ? -8.563  15.557  -2.703  0.30 14.80 ? 9   LYS A NZ  1 
ATOM   106  N N   . LEU A 1 14  ? -7.555  8.332   -3.101  1.00 9.05  ? 10  LEU A N   1 
ATOM   107  C CA  . LEU A 1 14  ? -7.360  7.595   -4.342  1.00 9.58  ? 10  LEU A CA  1 
ATOM   108  C C   . LEU A 1 14  ? -8.035  8.297   -5.480  1.00 10.82 ? 10  LEU A C   1 
ATOM   109  O O   . LEU A 1 14  ? -9.283  8.534   -5.370  1.00 13.23 ? 10  LEU A O   1 
ATOM   110  C CB  . LEU A 1 14  ? -7.883  6.165   -4.235  1.00 10.21 ? 10  LEU A CB  1 
ATOM   111  C CG  . LEU A 1 14  ? -7.692  5.287   -5.489  1.00 10.76 ? 10  LEU A CG  1 
ATOM   112  C CD1 . LEU A 1 14  ? -6.246  5.069   -5.699  1.00 10.28 ? 10  LEU A CD1 1 
ATOM   113  C CD2 . LEU A 1 14  ? -8.419  3.944   -5.345  1.00 13.67 ? 10  LEU A CD2 1 
ATOM   114  N N   . VAL A 1 15  ? -7.364  8.610   -6.541  1.00 10.34 ? 11  VAL A N   1 
ATOM   115  C CA  . VAL A 1 15  ? -8.007  9.190   -7.679  1.00 12.76 ? 11  VAL A CA  1 
ATOM   116  C C   . VAL A 1 15  ? -7.953  8.351   -8.939  1.00 12.03 ? 11  VAL A C   1 
ATOM   117  O O   . VAL A 1 15  ? -8.755  8.650   -9.871  1.00 13.71 ? 11  VAL A O   1 
ATOM   118  C CB  . VAL A 1 15  ? -7.479  10.565  -7.995  1.00 15.56 ? 11  VAL A CB  1 
ATOM   119  C CG1 . VAL A 1 15  ? -7.765  11.486  -6.793  1.00 16.79 ? 11  VAL A CG1 1 
ATOM   120  C CG2 . VAL A 1 15  ? -6.029  10.533  -8.429  1.00 14.44 ? 11  VAL A CG2 1 
ATOM   121  N N   . SER A 1 16  ? -7.041  7.377   -9.108  1.00 10.92 ? 12  SER A N   1 
ATOM   122  C CA  . SER A 1 16  ? -7.075  6.483   -10.256 1.00 11.19 ? 12  SER A CA  1 
ATOM   123  C C   . SER A 1 16  ? -6.498  5.141   -9.900  1.00 10.01 ? 12  SER A C   1 
ATOM   124  O O   . SER A 1 16  ? -5.565  5.058   -9.033  1.00 9.67  ? 12  SER A O   1 
ATOM   125  C CB  . SER A 1 16  ? -6.375  7.137   -11.440 1.00 13.93 ? 12  SER A CB  1 
ATOM   126  O OG  . SER A 1 16  ? -5.072  7.203   -11.364 1.00 15.71 ? 12  SER A OG  1 
ATOM   127  N N   . SER A 1 17  ? -6.980  4.110   -10.557 1.00 9.93  ? 13  SER A N   1 
ATOM   128  C CA  . SER A 1 17  ? -6.394  2.822   -10.412 1.00 10.20 ? 13  SER A CA  1 
ATOM   129  C C   . SER A 1 17  ? -6.338  2.182   -11.793 1.00 9.94  ? 13  SER A C   1 
ATOM   130  O O   . SER A 1 17  ? -7.258  2.351   -12.627 1.00 12.54 ? 13  SER A O   1 
ATOM   131  C CB  . SER A 1 17  ? -7.329  2.029   -9.526  1.00 11.08 ? 13  SER A CB  1 
ATOM   132  O OG  . SER A 1 17  ? -6.884  0.703   -9.246  1.00 13.04 ? 13  SER A OG  1 
ATOM   133  N N   . GLU A 1 18  ? -5.269  1.422   -12.069 1.00 8.77  ? 14  GLU A N   1 
ATOM   134  C CA  . GLU A 1 18  ? -5.145  0.691   -13.309 1.00 9.38  ? 14  GLU A CA  1 
ATOM   135  C C   . GLU A 1 18  ? -4.631  -0.695  -13.024 1.00 9.17  ? 14  GLU A C   1 
ATOM   136  O O   . GLU A 1 18  ? -3.642  -0.867  -12.270 1.00 8.95  ? 14  GLU A O   1 
ATOM   137  C CB  . GLU A 1 18  ? -4.185  1.410   -14.234 1.00 12.95 ? 14  GLU A CB  1 
ATOM   138  C CG  . GLU A 1 18  ? -4.783  2.671   -14.905 1.00 15.97 ? 14  GLU A CG  1 
ATOM   139  C CD  . GLU A 1 18  ? -5.922  2.433   -15.941 1.00 16.39 ? 14  GLU A CD  1 
ATOM   140  O OE1 . GLU A 1 18  ? -6.227  1.281   -16.301 1.00 19.30 ? 14  GLU A OE1 1 
ATOM   141  O OE2 . GLU A 1 18  ? -6.508  3.458   -16.491 1.00 17.24 ? 14  GLU A OE2 1 
ATOM   142  N N   . ASN A 1 19  ? -5.288  -1.658  -13.578 1.00 8.76  ? 15  ASN A N   1 
ATOM   143  C CA  . ASN A 1 19  ? -4.869  -3.084  -13.605 1.00 9.14  ? 15  ASN A CA  1 
ATOM   144  C C   . ASN A 1 19  ? -4.939  -3.695  -12.223 1.00 9.52  ? 15  ASN A C   1 
ATOM   145  O O   . ASN A 1 19  ? -4.307  -4.722  -11.968 1.00 9.84  ? 15  ASN A O   1 
ATOM   146  C CB  . ASN A 1 19  ? -3.468  -3.273  -14.236 1.00 10.00 ? 15  ASN A CB  1 
ATOM   147  C CG  . ASN A 1 19  ? -3.341  -4.549  -15.030 1.00 9.88  ? 15  ASN A CG  1 
ATOM   148  O OD1 . ASN A 1 19  ? -4.265  -4.993  -15.716 1.00 10.78 ? 15  ASN A OD1 1 
ATOM   149  N ND2 . ASN A 1 19  ? -2.215  -5.225  -14.839 1.00 9.92  ? 15  ASN A ND2 1 
ATOM   150  N N   . PHE A 1 20  ? -5.692  -3.116  -11.257 1.00 9.01  ? 16  PHE A N   1 
ATOM   151  C CA  . PHE A 1 20  ? -5.715  -3.661  -9.901  1.00 9.13  ? 16  PHE A CA  1 
ATOM   152  C C   . PHE A 1 20  ? -6.409  -4.972  -9.876  1.00 9.64  ? 16  PHE A C   1 
ATOM   153  O O   . PHE A 1 20  ? -6.057  -5.845  -9.070  1.00 9.56  ? 16  PHE A O   1 
ATOM   154  C CB  . PHE A 1 20  ? -6.338  -2.666  -8.921  1.00 9.91  ? 16  PHE A CB  1 
ATOM   155  C CG  . PHE A 1 20  ? -6.074  -2.934  -7.460  1.00 10.10 ? 16  PHE A CG  1 
ATOM   156  C CD1 . PHE A 1 20  ? -4.807  -3.053  -7.001  1.00 12.44 ? 16  PHE A CD1 1 
ATOM   157  C CD2 . PHE A 1 20  ? -7.067  -2.979  -6.544  1.00 11.85 ? 16  PHE A CD2 1 
ATOM   158  C CE1 . PHE A 1 20  ? -4.518  -3.272  -5.603  1.00 12.49 ? 16  PHE A CE1 1 
ATOM   159  C CE2 . PHE A 1 20  ? -6.804  -3.195  -5.164  1.00 11.09 ? 16  PHE A CE2 1 
ATOM   160  C CZ  . PHE A 1 20  ? -5.545  -3.365  -4.722  1.00 12.49 ? 16  PHE A CZ  1 
ATOM   161  N N   . ASP A 1 21  ? -7.405  -5.205  -10.734 1.00 10.49 ? 17  ASP A N   1 
ATOM   162  C CA  . ASP A 1 21  ? -8.073  -6.502  -10.743 1.00 11.29 ? 17  ASP A CA  1 
ATOM   163  C C   . ASP A 1 21  ? -7.084  -7.641  -11.117 1.00 10.56 ? 17  ASP A C   1 
ATOM   164  O O   . ASP A 1 21  ? -7.046  -8.658  -10.484 1.00 10.35 ? 17  ASP A O   1 
ATOM   165  C CB  . ASP A 1 21  ? -9.296  -6.486  -11.649 1.00 13.87 ? 17  ASP A CB  1 
ATOM   166  C CG  . ASP A 1 21  ? -10.160 -7.713  -11.430 1.00 15.66 ? 17  ASP A CG  1 
ATOM   167  O OD1 . ASP A 1 21  ? -10.635 -8.029  -10.344 1.00 16.70 ? 17  ASP A OD1 1 
ATOM   168  O OD2 . ASP A 1 21  ? -10.330 -8.461  -12.405 1.00 21.11 ? 17  ASP A OD2 1 
ATOM   169  N N   . ASP A 1 22  ? -6.302  -7.420  -12.148 1.00 10.97 ? 18  ASP A N   1 
ATOM   170  C CA  . ASP A 1 22  ? -5.320  -8.400  -12.590 1.00 11.48 ? 18  ASP A CA  1 
ATOM   171  C C   . ASP A 1 22  ? -4.248  -8.598  -11.532 1.00 10.00 ? 18  ASP A C   1 
ATOM   172  O O   . ASP A 1 22  ? -3.820  -9.733  -11.320 1.00 10.48 ? 18  ASP A O   1 
ATOM   173  C CB  . ASP A 1 22  ? -4.710  -8.031  -13.941 1.00 13.72 ? 18  ASP A CB  1 
ATOM   174  C CG  . ASP A 1 22  ? -5.486  -8.662  -15.128 1.00 17.75 ? 18  ASP A CG  1 
ATOM   175  O OD1 . ASP A 1 22  ? -6.626  -8.233  -15.293 1.00 20.64 ? 18  ASP A OD1 1 
ATOM   176  O OD2 . ASP A 1 22  ? -4.924  -9.456  -15.923 1.00 24.68 ? 18  ASP A OD2 1 
ATOM   177  N N   . TYR A 1 23  ? -3.834  -7.563  -10.838 1.00 9.02  ? 19  TYR A N   1 
ATOM   178  C CA  . TYR A 1 23  ? -2.875  -7.696  -9.772  1.00 8.29  ? 19  TYR A CA  1 
ATOM   179  C C   . TYR A 1 23  ? -3.484  -8.556  -8.658  1.00 8.13  ? 19  TYR A C   1 
ATOM   180  O O   . TYR A 1 23  ? -2.848  -9.480  -8.179  1.00 8.27  ? 19  TYR A O   1 
ATOM   181  C CB  . TYR A 1 23  ? -2.474  -6.312  -9.225  1.00 9.03  ? 19  TYR A CB  1 
ATOM   182  C CG  . TYR A 1 23  ? -1.666  -6.435  -7.963  1.00 7.98  ? 19  TYR A CG  1 
ATOM   183  C CD1 . TYR A 1 23  ? -0.302  -6.742  -7.949  1.00 7.97  ? 19  TYR A CD1 1 
ATOM   184  C CD2 . TYR A 1 23  ? -2.266  -6.240  -6.718  1.00 8.67  ? 19  TYR A CD2 1 
ATOM   185  C CE1 . TYR A 1 23  ? 0.350   -6.920  -6.780  1.00 8.05  ? 19  TYR A CE1 1 
ATOM   186  C CE2 . TYR A 1 23  ? -1.593  -6.401  -5.548  1.00 9.10  ? 19  TYR A CE2 1 
ATOM   187  C CZ  . TYR A 1 23  ? -0.255  -6.724  -5.546  1.00 8.23  ? 19  TYR A CZ  1 
ATOM   188  O OH  . TYR A 1 23  ? 0.401   -6.888  -4.337  1.00 9.32  ? 19  TYR A OH  1 
ATOM   189  N N   . MET A 1 24  ? -4.715  -8.235  -8.226  1.00 7.73  ? 20  MET A N   1 
ATOM   190  C CA  . MET A 1 24  ? -5.381  -9.023  -7.214  1.00 7.95  ? 20  MET A CA  1 
ATOM   191  C C   . MET A 1 24  ? -5.525  -10.475 -7.626  1.00 8.33  ? 20  MET A C   1 
ATOM   192  O O   . MET A 1 24  ? -5.346  -11.376 -6.802  1.00 9.02  ? 20  MET A O   1 
ATOM   193  C CB  . MET A 1 24  ? -6.756  -8.461  -6.850  1.00 8.36  ? 20  MET A CB  1 
ATOM   194  C CG  . MET A 1 24  ? -6.725  -7.151  -6.012  1.00 8.70  ? 20  MET A CG  1 
ATOM   195  S SD  . MET A 1 24  ? -8.281  -6.622  -5.426  1.00 10.92 ? 20  MET A SD  1 
ATOM   196  C CE  . MET A 1 24  ? -9.114  -6.098  -6.991  1.00 13.32 ? 20  MET A CE  1 
ATOM   197  N N   . LYS A 1 25  ? -5.852  -10.750 -8.871  1.00 9.83  ? 21  LYS A N   1 
ATOM   198  C CA  . LYS A 1 25  ? -5.893  -12.151 -9.354  1.00 10.96 ? 21  LYS A CA  1 
ATOM   199  C C   . LYS A 1 25  ? -4.557  -12.818 -9.206  1.00 11.30 ? 21  LYS A C   1 
ATOM   200  O O   . LYS A 1 25  ? -4.523  -13.974 -8.737  1.00 13.00 ? 21  LYS A O   1 
ATOM   201  C CB  . LYS A 1 25  ? -6.342  -12.220 -10.818 1.00 11.72 ? 21  LYS A CB  1 
ATOM   202  C CG  . LYS A 1 25  ? -7.834  -11.911 -11.062 1.00 12.13 ? 21  LYS A CG  1 
ATOM   203  C CD  . LYS A 1 25  ? -8.193  -12.195 -12.503 1.00 13.54 ? 21  LYS A CD  1 
ATOM   204  C CE  . LYS A 1 25  ? -9.608  -11.826 -12.802 1.00 15.96 ? 21  LYS A CE  1 
ATOM   205  N NZ  . LYS A 1 25  ? -10.007 -12.255 -14.164 1.00 19.49 ? 21  LYS A NZ  1 
ATOM   206  N N   . GLU A 1 26  ? -3.479  -12.120 -9.558  1.00 11.02 ? 22  GLU A N   1 
ATOM   207  C CA  . GLU A 1 26  ? -2.144  -12.675 -9.483  1.00 12.41 ? 22  GLU A CA  1 
ATOM   208  C C   . GLU A 1 26  ? -1.820  -13.045 -8.044  1.00 11.93 ? 22  GLU A C   1 
ATOM   209  O O   . GLU A 1 26  ? -1.125  -14.073 -7.805  1.00 13.00 ? 22  GLU A O   1 
ATOM   210  C CB  . GLU A 1 26  ? -1.101  -11.752 -10.097 1.00 12.14 ? 22  GLU A CB  1 
ATOM   211  C CG  . GLU A 1 26  ? 0.167   -12.446 -10.664 1.00 14.58 ? 22  GLU A CG  1 
ATOM   212  C CD  . GLU A 1 26  ? -0.046  -13.278 -11.931 1.00 15.24 ? 22  GLU A CD  1 
ATOM   213  O OE1 . GLU A 1 26  ? -1.171  -13.374 -12.420 1.00 17.16 ? 22  GLU A OE1 1 
ATOM   214  O OE2 . GLU A 1 26  ? 0.957   -13.883 -12.480 1.00 19.15 ? 22  GLU A OE2 1 
ATOM   215  N N   . VAL A 1 27  ? -2.246  -12.245 -7.050  1.00 11.60 ? 23  VAL A N   1 
ATOM   216  C CA  . VAL A 1 27  ? -2.023  -12.422 -5.698  1.00 11.92 ? 23  VAL A CA  1 
ATOM   217  C C   . VAL A 1 27  ? -2.835  -13.593 -5.147  1.00 12.72 ? 23  VAL A C   1 
ATOM   218  O O   . VAL A 1 27  ? -2.357  -14.279 -4.258  1.00 16.13 ? 23  VAL A O   1 
ATOM   219  C CB  . VAL A 1 27  ? -2.333  -11.104 -4.964  1.00 12.57 ? 23  VAL A CB  1 
ATOM   220  C CG1 . VAL A 1 27  ? -2.399  -11.309 -3.466  1.00 14.85 ? 23  VAL A CG1 1 
ATOM   221  C CG2 . VAL A 1 27  ? -1.286  -10.033 -5.266  1.00 13.29 ? 23  VAL A CG2 1 
ATOM   222  N N   . GLY A 1 28  ? -3.949  -13.915 -5.742  1.00 11.76 ? 24  GLY A N   1 
ATOM   223  C CA  . GLY A 1 28  ? -4.821  -15.001 -5.290  1.00 11.94 ? 24  GLY A CA  1 
ATOM   224  C C   . GLY A 1 28  ? -6.113  -14.507 -4.639  1.00 11.25 ? 24  GLY A C   1 
ATOM   225  O O   . GLY A 1 28  ? -6.819  -15.293 -4.048  1.00 12.90 ? 24  GLY A O   1 
ATOM   226  N N   . VAL A 1 29  ? -6.464  -13.232 -4.801  1.00 9.99  ? 25  VAL A N   1 
ATOM   227  C CA  . VAL A 1 29  ? -7.699  -12.732 -4.230  1.00 9.94  ? 25  VAL A CA  1 
ATOM   228  C C   . VAL A 1 29  ? -8.907  -13.310 -4.948  1.00 9.22  ? 25  VAL A C   1 
ATOM   229  O O   . VAL A 1 29  ? -8.934  -13.326 -6.160  1.00 10.01 ? 25  VAL A O   1 
ATOM   230  C CB  . VAL A 1 29  ? -7.727  -11.180 -4.280  1.00 9.43  ? 25  VAL A CB  1 
ATOM   231  C CG1 . VAL A 1 29  ? -8.933  -10.600 -3.595  1.00 10.24 ? 25  VAL A CG1 1 
ATOM   232  C CG2 . VAL A 1 29  ? -6.412  -10.581 -3.703  1.00 9.91  ? 25  VAL A CG2 1 
ATOM   233  N N   . GLY A 1 30  ? -9.895  -13.741 -4.186  1.00 10.23 ? 26  GLY A N   1 
ATOM   234  C CA  . GLY A 1 30  ? -11.093 -14.350 -4.752  1.00 11.15 ? 26  GLY A CA  1 
ATOM   235  C C   . GLY A 1 30  ? -12.035 -13.322 -5.341  1.00 10.38 ? 26  GLY A C   1 
ATOM   236  O O   . GLY A 1 30  ? -11.942 -12.114 -5.094  1.00 10.48 ? 26  GLY A O   1 
ATOM   237  N N   . PHE A 1 31  ? -13.033 -13.813 -6.078  1.00 9.97  ? 27  PHE A N   1 
ATOM   238  C CA  . PHE A 1 31  ? -13.941 -12.976 -6.872  1.00 9.78  ? 27  PHE A CA  1 
ATOM   239  C C   . PHE A 1 31  ? -14.644 -11.912 -6.033  1.00 8.26  ? 27  PHE A C   1 
ATOM   240  O O   . PHE A 1 31  ? -14.598 -10.744 -6.397  1.00 9.10  ? 27  PHE A O   1 
ATOM   241  C CB  . PHE A 1 31  ? -14.985 -13.891 -7.533  1.00 9.93  ? 27  PHE A CB  1 
ATOM   242  C CG  . PHE A 1 31  ? -15.999 -13.106 -8.360  1.00 9.86  ? 27  PHE A CG  1 
ATOM   243  C CD1 . PHE A 1 31  ? -17.179 -12.583 -7.787  1.00 11.33 ? 27  PHE A CD1 1 
ATOM   244  C CD2 . PHE A 1 31  ? -15.784 -12.858 -9.696  1.00 12.35 ? 27  PHE A CD2 1 
ATOM   245  C CE1 . PHE A 1 31  ? -18.055 -11.826 -8.519  1.00 11.98 ? 27  PHE A CE1 1 
ATOM   246  C CE2 . PHE A 1 31  ? -16.693 -12.102 -10.423 1.00 12.60 ? 27  PHE A CE2 1 
ATOM   247  C CZ  . PHE A 1 31  ? -17.842 -11.567 -9.816  1.00 13.16 ? 27  PHE A CZ  1 
ATOM   248  N N   . ALA A 1 32  ? -15.279 -12.311 -4.963  1.00 9.33  ? 28  ALA A N   1 
ATOM   249  C CA  . ALA A 1 32  ? -16.110 -11.365 -4.267  1.00 8.99  ? 28  ALA A CA  1 
ATOM   250  C C   . ALA A 1 32  ? -15.256 -10.261 -3.674  1.00 8.88  ? 28  ALA A C   1 
ATOM   251  O O   . ALA A 1 32  ? -15.639 -9.055  -3.696  1.00 9.48  ? 28  ALA A O   1 
ATOM   252  C CB  . ALA A 1 32  ? -16.948 -12.065 -3.200  1.00 11.45 ? 28  ALA A CB  1 
ATOM   253  N N   . THR A 1 33  ? -14.126 -10.636 -3.064  1.00 8.92  ? 29  THR A N   1 
ATOM   254  C CA  . THR A 1 33  ? -13.229 -9.612  -2.544  1.00 8.88  ? 29  THR A CA  1 
ATOM   255  C C   . THR A 1 33  ? -12.715 -8.743  -3.631  1.00 8.70  ? 29  THR A C   1 
ATOM   256  O O   . THR A 1 33  ? -12.649 -7.506  -3.400  1.00 8.95  ? 29  THR A O   1 
ATOM   257  C CB  . THR A 1 33  ? -12.107 -10.261 -1.724  1.00 9.71  ? 29  THR A CB  1 
ATOM   258  O OG1 . THR A 1 33  ? -12.649 -10.976 -0.657  1.00 12.55 ? 29  THR A OG1 1 
ATOM   259  C CG2 . THR A 1 33  ? -11.095 -9.224  -1.212  1.00 11.26 ? 29  THR A CG2 1 
ATOM   260  N N   . ARG A 1 34  ? -12.357 -9.268  -4.790  1.00 8.78  ? 30  ARG A N   1 
ATOM   261  C CA  . ARG A 1 34  ? -11.869 -8.400  -5.853  1.00 8.22  ? 30  ARG A CA  1 
ATOM   262  C C   . ARG A 1 34  ? -12.926 -7.363  -6.234  1.00 7.92  ? 30  ARG A C   1 
ATOM   263  O O   . ARG A 1 34  ? -12.611 -6.203  -6.492  1.00 8.18  ? 30  ARG A O   1 
ATOM   264  C CB  . ARG A 1 34  ? -11.490 -9.177  -7.126  1.00 8.70  ? 30  ARG A CB  1 
ATOM   265  C CG  . ARG A 1 34  ? -10.244 -10.059 -6.979  1.00 8.88  ? 30  ARG A CG  1 
ATOM   266  C CD  . ARG A 1 34  ? -9.603  -10.374 -8.302  1.00 9.99  ? 30  ARG A CD  1 
ATOM   267  N NE  . ARG A 1 34  ? -10.591 -10.835 -9.248  1.00 10.02 ? 30  ARG A NE  1 
ATOM   268  C CZ  . ARG A 1 34  ? -11.087 -12.068 -9.292  1.00 10.06 ? 30  ARG A CZ  1 
ATOM   269  N NH1 . ARG A 1 34  ? -10.705 -12.990 -8.447  1.00 10.42 ? 30  ARG A NH1 1 
ATOM   270  N NH2 . ARG A 1 34  ? -12.005 -12.386 -10.200 1.00 11.06 ? 30  ARG A NH2 1 
ATOM   271  N N   . LYS A 1 35  ? -14.185 -7.801  -6.330  1.00 7.92  ? 31  LYS A N   1 
ATOM   272  C CA  . LYS A 1 35  ? -15.244 -6.880  -6.743  1.00 8.73  ? 31  LYS A CA  1 
ATOM   273  C C   . LYS A 1 35  ? -15.436 -5.766  -5.772  1.00 8.93  ? 31  LYS A C   1 
ATOM   274  O O   . LYS A 1 35  ? -15.508 -4.572  -6.141  1.00 9.68  ? 31  LYS A O   1 
ATOM   275  C CB  . LYS A 1 35  ? -16.544 -7.594  -7.022  1.00 10.91 ? 31  LYS A CB  1 
ATOM   276  C CG  . LYS A 1 35  ? -16.421 -8.612  -8.156  1.00 13.95 ? 31  LYS A CG  1 
ATOM   277  C CD  . LYS A 1 35  ? -16.023 -8.024  -9.492  1.00 19.15 ? 31  LYS A CD  1 
ATOM   278  C CE  . LYS A 1 35  ? -15.768 -9.022  -10.640 1.00 19.85 ? 31  LYS A CE  1 
ATOM   279  N NZ  . LYS A 1 35  ? -14.861 -8.456  -11.686 1.00 25.53 ? 31  LYS A NZ  1 
ATOM   280  N N   . VAL A 1 36  ? -15.554 -6.088  -4.511  1.00 8.20  ? 32  VAL A N   1 
ATOM   281  C CA  . VAL A 1 36  ? -15.793 -5.052  -3.484  1.00 8.91  ? 32  VAL A CA  1 
ATOM   282  C C   . VAL A 1 36  ? -14.581 -4.240  -3.212  1.00 8.70  ? 32  VAL A C   1 
ATOM   283  O O   . VAL A 1 36  ? -14.655 -3.002  -3.051  1.00 9.47  ? 32  VAL A O   1 
ATOM   284  C CB  . VAL A 1 36  ? -16.353 -5.719  -2.212  1.00 10.52 ? 32  VAL A CB  1 
ATOM   285  C CG1 . VAL A 1 36  ? -16.407 -4.772  -1.062  1.00 14.73 ? 32  VAL A CG1 1 
ATOM   286  C CG2 . VAL A 1 36  ? -17.724 -6.326  -2.451  1.00 12.33 ? 32  VAL A CG2 1 
ATOM   287  N N   . ALA A 1 37  ? -13.438 -4.851  -3.165  1.00 8.74  ? 33  ALA A N   1 
ATOM   288  C CA  . ALA A 1 37  ? -12.189 -4.077  -2.920  1.00 9.12  ? 33  ALA A CA  1 
ATOM   289  C C   . ALA A 1 37  ? -11.915 -3.163  -4.097  1.00 9.64  ? 33  ALA A C   1 
ATOM   290  O O   . ALA A 1 37  ? -11.398 -2.028  -3.897  1.00 9.68  ? 33  ALA A O   1 
ATOM   291  C CB  . ALA A 1 37  ? -10.995 -4.985  -2.719  1.00 10.97 ? 33  ALA A CB  1 
ATOM   292  N N   . GLY A 1 38  ? -12.224 -3.574  -5.319  1.00 10.27 ? 34  GLY A N   1 
ATOM   293  C CA  . GLY A 1 38  ? -11.944 -2.744  -6.468  1.00 10.79 ? 34  GLY A CA  1 
ATOM   294  C C   . GLY A 1 38  ? -12.813 -1.531  -6.554  1.00 9.32  ? 34  GLY A C   1 
ATOM   295  O O   . GLY A 1 38  ? -12.380 -0.523  -7.132  1.00 10.46 ? 34  GLY A O   1 
ATOM   296  N N   . MET A 1 39  ? -14.008 -1.526  -5.904  1.00 9.40  ? 35  MET A N   1 
ATOM   297  C CA  . MET A 1 39  ? -14.817 -0.362  -5.820  1.00 8.79  ? 35  MET A CA  1 
ATOM   298  C C   . MET A 1 39  ? -14.278 0.706   -4.880  1.00 9.19  ? 35  MET A C   1 
ATOM   299  O O   . MET A 1 39  ? -14.688 1.852   -4.965  1.00 11.07 ? 35  MET A O   1 
ATOM   300  C CB  . MET A 1 39  ? -16.238 -0.687  -5.380  1.00 10.28 ? 35  MET A CB  1 
ATOM   301  C CG  . MET A 1 39  ? -17.013 -1.502  -6.383  1.00 10.43 ? 35  MET A CG  1 
ATOM   302  S SD  . MET A 1 39  ? -17.432 -0.606  -7.822  1.00 9.99  ? 35  MET A SD  1 
ATOM   303  C CE  . MET A 1 39  ? -18.275 0.830   -7.378  1.00 17.82 ? 35  MET A CE  1 
ATOM   304  N N   . ALA A 1 40  ? -13.469 0.325   -3.903  1.00 8.74  ? 36  ALA A N   1 
ATOM   305  C CA  . ALA A 1 40  ? -13.182 1.244   -2.815  1.00 8.65  ? 36  ALA A CA  1 
ATOM   306  C C   . ALA A 1 40  ? -12.330 2.426   -3.290  1.00 8.04  ? 36  ALA A C   1 
ATOM   307  O O   . ALA A 1 40  ? -11.465 2.270   -4.214  1.00 9.71  ? 36  ALA A O   1 
ATOM   308  C CB  . ALA A 1 40  ? -12.431 0.558   -1.708  1.00 11.02 ? 36  ALA A CB  1 
ATOM   309  N N   . LYS A 1 41  ? -12.537 3.544   -2.680  1.00 8.52  ? 37  LYS A N   1 
ATOM   310  C CA  . LYS A 1 41  ? -11.776 4.775   -2.904  1.00 9.50  ? 37  LYS A CA  1 
ATOM   311  C C   . LYS A 1 41  ? -11.183 5.202   -1.600  1.00 9.14  ? 37  LYS A C   1 
ATOM   312  O O   . LYS A 1 41  ? -11.682 6.069   -0.927  1.00 9.49  ? 37  LYS A O   1 
ATOM   313  C CB  . LYS A 1 41  ? -12.705 5.850   -3.469  1.00 11.49 ? 37  LYS A CB  1 
ATOM   314  C CG  . LYS A 1 41  ? -13.158 5.554   -4.853  1.00 15.98 ? 37  LYS A CG  1 
ATOM   315  C CD  . LYS A 1 41  ? -12.129 5.796   -5.939  1.00 18.26 ? 37  LYS A CD  1 
ATOM   316  C CE  . LYS A 1 41  ? -12.810 5.444   -7.265  1.00 22.26 ? 37  LYS A CE  1 
ATOM   317  N NZ  . LYS A 1 41  ? -12.086 5.958   -8.447  1.00 24.41 ? 37  LYS A NZ  1 
ATOM   318  N N   . PRO A 1 42  ? -10.093 4.565   -1.164  1.00 9.00  ? 38  PRO A N   1 
ATOM   319  C CA  . PRO A 1 42  ? -9.569  4.775   0.162   1.00 9.78  ? 38  PRO A CA  1 
ATOM   320  C C   . PRO A 1 42  ? -8.931  6.129   0.379   1.00 10.22 ? 38  PRO A C   1 
ATOM   321  O O   . PRO A 1 42  ? -8.490  6.763   -0.580  1.00 11.06 ? 38  PRO A O   1 
ATOM   322  C CB  . PRO A 1 42  ? -8.514  3.669   0.338   1.00 11.83 ? 38  PRO A CB  1 
ATOM   323  C CG  . PRO A 1 42  ? -8.817  2.697   -0.704  1.00 13.41 ? 38  PRO A CG  1 
ATOM   324  C CD  . PRO A 1 42  ? -9.405  3.459   -1.815  1.00 10.31 ? 38  PRO A CD  1 
ATOM   325  N N   . ASN A 1 43  ? -8.969  6.536   1.593   1.00 9.56  ? 39  ASN A N   1 
ATOM   326  C CA  . ASN A 1 43  ? -7.988  7.555   1.989   1.00 12.09 ? 39  ASN A CA  1 
ATOM   327  C C   . ASN A 1 43  ? -6.844  6.892   2.677   1.00 11.98 ? 39  ASN A C   1 
ATOM   328  O O   . ASN A 1 43  ? -6.999  5.994   3.520   1.00 15.97 ? 39  ASN A O   1 
ATOM   329  C CB  . ASN A 1 43  ? -8.614  8.479   2.904   1.00 16.17 ? 39  ASN A CB  1 
ATOM   330  C CG  . ASN A 1 43  ? -9.757  9.209   2.248   1.00 19.82 ? 39  ASN A CG  1 
ATOM   331  O OD1 . ASN A 1 43  ? -10.834 9.217   2.862   1.00 26.13 ? 39  ASN A OD1 1 
ATOM   332  N ND2 . ASN A 1 43  ? -9.641  9.573   0.945   1.00 17.36 ? 39  ASN A ND2 1 
ATOM   333  N N   . MET A 1 44  ? -5.655  7.353   2.411   1.00 10.40 ? 40  MET A N   1 
ATOM   334  C CA  A MET A 1 44  ? -4.452  6.883   3.042   0.50 10.41 ? 40  MET A CA  1 
ATOM   335  C CA  B MET A 1 44  ? -4.420  6.873   3.008   0.50 10.31 ? 40  MET A CA  1 
ATOM   336  C C   . MET A 1 44  ? -3.857  7.990   3.877   1.00 10.00 ? 40  MET A C   1 
ATOM   337  O O   . MET A 1 44  ? -3.692  9.144   3.396   1.00 11.21 ? 40  MET A O   1 
ATOM   338  C CB  A MET A 1 44  ? -3.545  6.493   1.972   0.50 11.48 ? 40  MET A CB  1 
ATOM   339  C CB  B MET A 1 44  ? -3.502  6.516   1.896   0.50 11.42 ? 40  MET A CB  1 
ATOM   340  C CG  A MET A 1 44  ? -2.286  5.925   2.585   0.50 12.59 ? 40  MET A CG  1 
ATOM   341  C CG  B MET A 1 44  ? -2.381  5.608   2.382   0.50 12.07 ? 40  MET A CG  1 
ATOM   342  S SD  A MET A 1 44  ? -1.079  5.388   1.406   0.50 14.09 ? 40  MET A SD  1 
ATOM   343  S SD  B MET A 1 44  ? -0.979  5.498   1.244   0.50 14.63 ? 40  MET A SD  1 
ATOM   344  C CE  A MET A 1 44  ? -1.036  6.643   0.148   0.50 15.30 ? 40  MET A CE  1 
ATOM   345  C CE  B MET A 1 44  ? -1.821  5.418   -0.317  0.50 12.37 ? 40  MET A CE  1 
ATOM   346  N N   . ILE A 1 45  ? -3.537  7.662   5.109   1.00 8.49  ? 41  ILE A N   1 
ATOM   347  C CA  . ILE A 1 45  ? -3.034  8.644   6.036   1.00 8.76  ? 41  ILE A CA  1 
ATOM   348  C C   . ILE A 1 45  ? -1.663  8.187   6.473   1.00 7.17  ? 41  ILE A C   1 
ATOM   349  O O   . ILE A 1 45  ? -1.532  7.084   7.072   1.00 8.38  ? 41  ILE A O   1 
ATOM   350  C CB  . ILE A 1 45  ? -3.968  8.777   7.268   1.00 10.82 ? 41  ILE A CB  1 
ATOM   351  C CG1 . ILE A 1 45  ? -5.429  9.026   6.811   1.00 14.08 ? 41  ILE A CG1 1 
ATOM   352  C CG2 . ILE A 1 45  ? -3.458  9.884   8.182   1.00 15.15 ? 41  ILE A CG2 1 
ATOM   353  C CD1 . ILE A 1 45  ? -6.354  7.805   6.877   1.00 17.25 ? 41  ILE A CD1 1 
ATOM   354  N N   . ILE A 1 46  ? -0.631  8.974   6.189   1.00 6.96  ? 42  ILE A N   1 
ATOM   355  C CA  . ILE A 1 46  ? 0.729   8.639   6.485   1.00 6.75  ? 42  ILE A CA  1 
ATOM   356  C C   . ILE A 1 46  ? 1.261   9.614   7.517   1.00 6.95  ? 42  ILE A C   1 
ATOM   357  O O   . ILE A 1 46  ? 1.114   10.825  7.370   1.00 7.46  ? 42  ILE A O   1 
ATOM   358  C CB  . ILE A 1 46  ? 1.612   8.642   5.223   1.00 7.23  ? 42  ILE A CB  1 
ATOM   359  C CG1 . ILE A 1 46  ? 1.073   7.669   4.166   1.00 8.22  ? 42  ILE A CG1 1 
ATOM   360  C CG2 . ILE A 1 46  ? 3.078   8.346   5.559   1.00 7.43  ? 42  ILE A CG2 1 
ATOM   361  C CD1 . ILE A 1 46  ? 1.811   7.693   2.861   1.00 9.30  ? 42  ILE A CD1 1 
ATOM   362  N N   . SER A 1 47  ? 1.876   9.098   8.560   1.00 6.66  ? 43  SER A N   1 
ATOM   363  C CA  . SER A 1 47  ? 2.445   9.911   9.601   1.00 7.71  ? 43  SER A CA  1 
ATOM   364  C C   . SER A 1 47  ? 3.731   9.300   10.089  1.00 6.93  ? 43  SER A C   1 
ATOM   365  O O   . SER A 1 47  ? 4.020   8.103   9.888   1.00 7.49  ? 43  SER A O   1 
ATOM   366  C CB  . SER A 1 47  ? 1.429   10.045  10.755  1.00 9.22  ? 43  SER A CB  1 
ATOM   367  O OG  . SER A 1 47  ? 1.129   8.847   11.318  1.00 10.85 ? 43  SER A OG  1 
ATOM   368  N N   . VAL A 1 48  ? 4.589   10.134  10.710  1.00 7.34  ? 44  VAL A N   1 
ATOM   369  C CA  . VAL A 1 48  ? 5.864   9.702   11.191  1.00 7.83  ? 44  VAL A CA  1 
ATOM   370  C C   . VAL A 1 48  ? 6.051   10.254  12.590  1.00 7.47  ? 44  VAL A C   1 
ATOM   371  O O   . VAL A 1 48  ? 5.832   11.460  12.793  1.00 10.14 ? 44  VAL A O   1 
ATOM   372  C CB  . VAL A 1 48  ? 7.039   10.212  10.304  1.00 9.19  ? 44  VAL A CB  1 
ATOM   373  C CG1 . VAL A 1 48  ? 8.380   9.759   10.854  1.00 12.81 ? 44  VAL A CG1 1 
ATOM   374  C CG2 . VAL A 1 48  ? 6.875   9.670   8.876   1.00 11.06 ? 44  VAL A CG2 1 
ATOM   375  N N   . ASN A 1 49  ? 6.483   9.446   13.525  1.00 7.36  ? 45  ASN A N   1 
ATOM   376  C CA  . ASN A 1 49  ? 6.773   9.871   14.905  1.00 8.13  ? 45  ASN A CA  1 
ATOM   377  C C   . ASN A 1 49  ? 8.093   9.192   15.252  1.00 8.04  ? 45  ASN A C   1 
ATOM   378  O O   . ASN A 1 49  ? 8.177   7.979   15.431  1.00 7.66  ? 45  ASN A O   1 
ATOM   379  C CB  . ASN A 1 49  ? 5.647   9.487   15.793  1.00 7.96  ? 45  ASN A CB  1 
ATOM   380  C CG  . ASN A 1 49  ? 5.868   9.912   17.216  1.00 8.39  ? 45  ASN A CG  1 
ATOM   381  O OD1 . ASN A 1 49  ? 7.004   9.888   17.681  1.00 9.53  ? 45  ASN A OD1 1 
ATOM   382  N ND2 . ASN A 1 49  ? 4.779   10.214  17.943  1.00 9.04  ? 45  ASN A ND2 1 
ATOM   383  N N   . GLY A 1 50  ? 9.168   9.994   15.299  1.00 9.29  ? 46  GLY A N   1 
ATOM   384  C CA  . GLY A 1 50  ? 10.527  9.411   15.491  1.00 9.79  ? 46  GLY A CA  1 
ATOM   385  C C   . GLY A 1 50  ? 10.902  8.473   14.365  1.00 9.98  ? 46  GLY A C   1 
ATOM   386  O O   . GLY A 1 50  ? 10.787  8.848   13.205  1.00 12.04 ? 46  GLY A O   1 
ATOM   387  N N   . ASP A 1 51  ? 11.266  7.257   14.660  1.00 9.03  ? 47  ASP A N   1 
ATOM   388  C CA  . ASP A 1 51  ? 11.587  6.282   13.637  1.00 9.43  ? 47  ASP A CA  1 
ATOM   389  C C   . ASP A 1 51  ? 10.390  5.498   13.170  1.00 7.37  ? 47  ASP A C   1 
ATOM   390  O O   . ASP A 1 51  ? 10.538  4.640   12.309  1.00 9.20  ? 47  ASP A O   1 
ATOM   391  C CB  . ASP A 1 51  ? 12.639  5.356   14.225  1.00 12.30 ? 47  ASP A CB  1 
ATOM   392  C CG  . ASP A 1 51  ? 14.027  6.034   14.384  1.00 16.40 ? 47  ASP A CG  1 
ATOM   393  O OD1 . ASP A 1 51  ? 14.228  7.057   13.815  1.00 18.66 ? 47  ASP A OD1 1 
ATOM   394  O OD2 . ASP A 1 51  ? 14.841  5.463   15.111  1.00 21.74 ? 47  ASP A OD2 1 
ATOM   395  N N   . VAL A 1 52  ? 9.187   5.731   13.765  1.00 7.08  ? 48  VAL A N   1 
ATOM   396  C CA  . VAL A 1 52  ? 8.040   4.889   13.443  1.00 6.50  ? 48  VAL A CA  1 
ATOM   397  C C   . VAL A 1 52  ? 7.178   5.570   12.379  1.00 6.13  ? 48  VAL A C   1 
ATOM   398  O O   . VAL A 1 52  ? 6.707   6.679   12.604  1.00 6.69  ? 48  VAL A O   1 
ATOM   399  C CB  . VAL A 1 52  ? 7.195   4.590   14.685  1.00 7.32  ? 48  VAL A CB  1 
ATOM   400  C CG1 . VAL A 1 52  ? 6.063   3.684   14.346  1.00 9.01  ? 48  VAL A CG1 1 
ATOM   401  C CG2 . VAL A 1 52  ? 8.057   3.936   15.782  1.00 9.88  ? 48  VAL A CG2 1 
ATOM   402  N N   . ILE A 1 53  ? 6.970   4.893   11.281  1.00 5.84  ? 49  ILE A N   1 
ATOM   403  C CA  . ILE A 1 53  ? 6.081   5.331   10.227  1.00 6.29  ? 49  ILE A CA  1 
ATOM   404  C C   . ILE A 1 53  ? 4.794   4.588   10.368  1.00 5.68  ? 49  ILE A C   1 
ATOM   405  O O   . ILE A 1 53  ? 4.787   3.371   10.574  1.00 6.60  ? 49  ILE A O   1 
ATOM   406  C CB  . ILE A 1 53  ? 6.735   5.075   8.834   1.00 6.67  ? 49  ILE A CB  1 
ATOM   407  C CG1 . ILE A 1 53  ? 8.102   5.729   8.730   1.00 7.51  ? 49  ILE A CG1 1 
ATOM   408  C CG2 . ILE A 1 53  ? 5.786   5.485   7.745   1.00 7.59  ? 49  ILE A CG2 1 
ATOM   409  C CD1 . ILE A 1 53  ? 8.948   5.206   7.591   1.00 10.05 ? 49  ILE A CD1 1 
ATOM   410  N N   . THR A 1 54  ? 3.669   5.293   10.221  1.00 5.93  ? 50  THR A N   1 
ATOM   411  C CA  . THR A 1 54  ? 2.334   4.654   10.231  1.00 6.56  ? 50  THR A CA  1 
ATOM   412  C C   . THR A 1 54  ? 1.643   4.984   8.920   1.00 6.36  ? 50  THR A C   1 
ATOM   413  O O   . THR A 1 54  ? 1.607   6.142   8.491   1.00 7.28  ? 50  THR A O   1 
ATOM   414  C CB  . THR A 1 54  ? 1.494   5.150   11.438  1.00 7.55  ? 50  THR A CB  1 
ATOM   415  O OG1 . THR A 1 54  ? 2.171   4.860   12.663  1.00 8.19  ? 50  THR A OG1 1 
ATOM   416  C CG2 . THR A 1 54  ? 0.103   4.573   11.493  1.00 8.46  ? 50  THR A CG2 1 
ATOM   417  N N   . ILE A 1 55  ? 1.111   3.947   8.288   1.00 6.46  ? 51  ILE A N   1 
ATOM   418  C CA  . ILE A 1 55  ? 0.290   4.091   7.099   1.00 6.95  ? 51  ILE A CA  1 
ATOM   419  C C   . ILE A 1 55  ? -1.070  3.467   7.392   1.00 6.62  ? 51  ILE A C   1 
ATOM   420  O O   . ILE A 1 55  ? -1.179  2.259   7.653   1.00 7.40  ? 51  ILE A O   1 
ATOM   421  C CB  . ILE A 1 55  ? 0.939   3.415   5.889   1.00 7.49  ? 51  ILE A CB  1 
ATOM   422  C CG1 . ILE A 1 55  ? 2.323   3.928   5.601   1.00 7.75  ? 51  ILE A CG1 1 
ATOM   423  C CG2 . ILE A 1 55  ? 0.008   3.547   4.663   1.00 8.97  ? 51  ILE A CG2 1 
ATOM   424  C CD1 . ILE A 1 55  ? 3.035   3.236   4.438   1.00 9.47  ? 51  ILE A CD1 1 
ATOM   425  N N   . LYS A 1 56  ? -2.096  4.299   7.378   1.00 7.34  ? 52  LYS A N   1 
ATOM   426  C CA  . LYS A 1 56  ? -3.471  3.859   7.555   1.00 8.29  ? 52  LYS A CA  1 
ATOM   427  C C   . LYS A 1 56  ? -4.200  3.965   6.252   1.00 9.51  ? 52  LYS A C   1 
ATOM   428  O O   . LYS A 1 56  ? -4.002  4.929   5.491   1.00 11.09 ? 52  LYS A O   1 
ATOM   429  C CB  . LYS A 1 56  ? -4.179  4.808   8.498   1.00 11.20 ? 52  LYS A CB  1 
ATOM   430  C CG  . LYS A 1 56  ? -3.722  4.855   9.852   1.00 15.23 ? 52  LYS A CG  1 
ATOM   431  C CD  . LYS A 1 56  ? -4.612  5.728   10.759  1.00 18.97 ? 52  LYS A CD  1 
ATOM   432  C CE  . LYS A 1 56  ? -3.942  5.844   12.130  1.00 23.04 ? 52  LYS A CE  1 
ATOM   433  N NZ  . LYS A 1 56  ? -4.800  6.508   13.169  1.00 27.27 ? 52  LYS A NZ  1 
ATOM   434  N N   . SER A 1 57  ? -5.031  2.982   5.980   1.00 9.58  ? 53  SER A N   1 
ATOM   435  C CA  . SER A 1 57  ? -5.953  2.970   4.838   1.00 10.88 ? 53  SER A CA  1 
ATOM   436  C C   . SER A 1 57  ? -7.382  2.907   5.366   1.00 11.34 ? 53  SER A C   1 
ATOM   437  O O   . SER A 1 57  ? -7.725  1.934   6.067   1.00 12.51 ? 53  SER A O   1 
ATOM   438  C CB  . SER A 1 57  ? -5.667  1.869   3.951   1.00 12.00 ? 53  SER A CB  1 
ATOM   439  O OG  . SER A 1 57  ? -6.601  1.955   2.864   1.00 14.46 ? 53  SER A OG  1 
ATOM   440  N N   . GLU A 1 58  ? -8.167  3.959   5.161   1.00 13.59 ? 54  GLU A N   1 
ATOM   441  C CA  . GLU A 1 58  ? -9.582  3.959   5.482   1.00 15.04 ? 54  GLU A CA  1 
ATOM   442  C C   . GLU A 1 58  ? -10.481 3.911   4.227   1.00 11.82 ? 54  GLU A C   1 
ATOM   443  O O   . GLU A 1 58  ? -10.368 4.690   3.367   1.00 11.14 ? 54  GLU A O   1 
ATOM   444  C CB  . GLU A 1 58  ? -9.838  5.183   6.251   1.00 17.41 ? 54  GLU A CB  1 
ATOM   445  C CG  . GLU A 1 58  ? -8.960  5.310   7.463   1.00 22.80 ? 54  GLU A CG  1 
ATOM   446  C CD  . GLU A 1 58  ? -9.518  6.424   8.271   1.00 23.06 ? 54  GLU A CD  1 
ATOM   447  O OE1 . GLU A 1 58  ? -9.887  7.445   7.644   1.00 33.55 ? 54  GLU A OE1 1 
ATOM   448  O OE2 . GLU A 1 58  ? -9.638  6.283   9.525   1.00 35.94 ? 54  GLU A OE2 1 
ATOM   449  N N   . SER A 1 59  ? -11.343 2.875   4.150   1.00 12.27 ? 55  SER A N   1 
ATOM   450  C CA  . SER A 1 59  ? -12.255 2.786   3.014   1.00 12.79 ? 55  SER A CA  1 
ATOM   451  C C   . SER A 1 59  ? -13.516 2.129   3.497   1.00 9.95  ? 55  SER A C   1 
ATOM   452  O O   . SER A 1 59  ? -13.653 1.616   4.611   1.00 11.32 ? 55  SER A O   1 
ATOM   453  C CB  . SER A 1 59  ? -11.787 2.058   1.697   1.00 13.40 ? 55  SER A CB  1 
ATOM   454  O OG  . SER A 1 59  ? -11.834 0.676   1.793   1.00 12.95 ? 55  SER A OG  1 
ATOM   455  N N   . THR A 1 60  ? -14.434 2.121   2.585   1.00 11.40 ? 56  THR A N   1 
ATOM   456  C CA  . THR A 1 60  ? -15.670 1.417   2.800   1.00 11.00 ? 56  THR A CA  1 
ATOM   457  C C   . THR A 1 60  ? -15.435 -0.065  2.823   1.00 11.78 ? 56  THR A C   1 
ATOM   458  O O   . THR A 1 60  ? -16.375 -0.741  3.435   1.00 15.94 ? 56  THR A O   1 
ATOM   459  C CB  . THR A 1 60  ? -16.805 1.819   1.823   1.00 13.99 ? 56  THR A CB  1 
ATOM   460  O OG1 . THR A 1 60  ? -16.619 1.281   0.571   1.00 15.91 ? 56  THR A OG1 1 
ATOM   461  C CG2 . THR A 1 60  ? -17.082 3.271   1.726   1.00 14.19 ? 56  THR A CG2 1 
ATOM   462  N N   . PHE A 1 61  ? -14.395 -0.602  2.196   1.00 11.70 ? 57  PHE A N   1 
ATOM   463  C CA  . PHE A 1 61  ? -14.098 -2.013  2.221   1.00 11.95 ? 57  PHE A CA  1 
ATOM   464  C C   . PHE A 1 61  ? -13.462 -2.459  3.537   1.00 10.65 ? 57  PHE A C   1 
ATOM   465  O O   . PHE A 1 61  ? -14.054 -3.255  4.291   1.00 11.72 ? 57  PHE A O   1 
ATOM   466  C CB  . PHE A 1 61  ? -13.365 -2.452  0.994   1.00 13.76 ? 57  PHE A CB  1 
ATOM   467  C CG  . PHE A 1 61  ? -12.895 -3.854  1.048   1.00 13.50 ? 57  PHE A CG  1 
ATOM   468  C CD1 . PHE A 1 61  ? -13.758 -4.927  1.193   1.00 15.33 ? 57  PHE A CD1 1 
ATOM   469  C CD2 . PHE A 1 61  ? -11.568 -4.090  0.954   1.00 17.36 ? 57  PHE A CD2 1 
ATOM   470  C CE1 . PHE A 1 61  ? -13.218 -6.233  1.295   1.00 16.70 ? 57  PHE A CE1 1 
ATOM   471  C CE2 . PHE A 1 61  ? -11.041 -5.357  1.034   1.00 17.36 ? 57  PHE A CE2 1 
ATOM   472  C CZ  . PHE A 1 61  ? -11.850 -6.408  1.218   1.00 16.70 ? 57  PHE A CZ  1 
ATOM   473  N N   A LYS A 1 62  ? -12.480 -1.635  3.966   0.50 9.20  ? 58  LYS A N   1 
ATOM   474  N N   B LYS A 1 62  ? -12.128 -2.319  3.687   0.50 9.42  ? 58  LYS A N   1 
ATOM   475  C CA  A LYS A 1 62  ? -11.665 -2.016  5.102   0.50 10.32 ? 58  LYS A CA  1 
ATOM   476  C CA  B LYS A 1 62  ? -11.510 -2.772  4.936   0.50 11.19 ? 58  LYS A CA  1 
ATOM   477  C C   A LYS A 1 62  ? -10.889 -0.846  5.595   0.50 9.44  ? 58  LYS A C   1 
ATOM   478  C C   B LYS A 1 62  ? -10.506 -1.743  5.409   0.50 10.85 ? 58  LYS A C   1 
ATOM   479  O O   A LYS A 1 62  ? -10.522 0.059   4.846   0.50 9.09  ? 58  LYS A O   1 
ATOM   480  O O   B LYS A 1 62  ? -9.579  -1.471  4.654   0.50 12.40 ? 58  LYS A O   1 
ATOM   481  C CB  A LYS A 1 62  ? -10.632 -3.064  4.673   0.50 13.25 ? 58  LYS A CB  1 
ATOM   482  C CB  B LYS A 1 62  ? -10.709 -4.047  4.707   0.50 13.64 ? 58  LYS A CB  1 
ATOM   483  C CG  A LYS A 1 62  ? -11.056 -4.517  4.633   0.50 15.21 ? 58  LYS A CG  1 
ATOM   484  C CG  B LYS A 1 62  ? -11.412 -5.318  4.251   0.50 16.07 ? 58  LYS A CG  1 
ATOM   485  C CD  A LYS A 1 62  ? -11.681 -5.079  5.892   0.50 18.42 ? 58  LYS A CD  1 
ATOM   486  C CD  B LYS A 1 62  ? -11.823 -6.154  5.446   0.50 18.90 ? 58  LYS A CD  1 
ATOM   487  C CE  A LYS A 1 62  ? -12.612 -6.229  5.523   0.50 19.96 ? 58  LYS A CE  1 
ATOM   488  C CE  B LYS A 1 62  ? -12.996 -7.071  5.137   0.50 21.42 ? 58  LYS A CE  1 
ATOM   489  N NZ  A LYS A 1 62  ? -13.631 -6.463  6.584   0.50 21.82 ? 58  LYS A NZ  1 
ATOM   490  N NZ  B LYS A 1 62  ? -13.835 -7.343  6.346   0.50 24.52 ? 58  LYS A NZ  1 
ATOM   491  N N   A ASN A 1 63  ? -10.665 -0.936  6.853   0.50 10.04 ? 59  ASN A N   1 
ATOM   492  N N   B ASN A 1 63  ? -10.659 -1.223  6.631   0.50 10.46 ? 59  ASN A N   1 
ATOM   493  C CA  A ASN A 1 63  ? -9.627  -0.241  7.381   0.50 10.87 ? 59  ASN A CA  1 
ATOM   494  C CA  B ASN A 1 63  ? -9.734  -0.180  7.260   0.50 11.50 ? 59  ASN A CA  1 
ATOM   495  C C   A ASN A 1 63  ? -8.439  -1.111  7.689   0.50 10.28 ? 59  ASN A C   1 
ATOM   496  C C   B ASN A 1 63  ? -8.518  -0.823  7.902   0.50 10.47 ? 59  ASN A C   1 
ATOM   497  O O   A ASN A 1 63  ? -8.524  -2.277  8.149   0.50 9.93  ? 59  ASN A O   1 
ATOM   498  O O   B ASN A 1 63  ? -8.763  -1.574  8.849   0.50 10.64 ? 59  ASN A O   1 
ATOM   499  C CB  A ASN A 1 63  ? -10.158 0.382   8.592   0.50 12.51 ? 59  ASN A CB  1 
ATOM   500  C CB  B ASN A 1 63  ? -10.381 0.565   8.460   0.50 13.36 ? 59  ASN A CB  1 
ATOM   501  C CG  A ASN A 1 63  ? -11.436 1.111   8.307   0.50 13.23 ? 59  ASN A CG  1 
ATOM   502  C CG  B ASN A 1 63  ? -11.489 1.564   8.094   0.50 13.28 ? 59  ASN A CG  1 
ATOM   503  O OD1 A ASN A 1 63  ? -11.546 1.916   7.383   0.50 12.50 ? 59  ASN A OD1 1 
ATOM   504  O OD1 B ASN A 1 63  ? -11.510 2.175   7.055   0.50 14.03 ? 59  ASN A OD1 1 
ATOM   505  N ND2 A ASN A 1 63  ? -12.464 0.838   9.132   0.50 15.40 ? 59  ASN A ND2 1 
ATOM   506  N ND2 B ASN A 1 63  ? -12.442 1.735   9.045   0.50 13.98 ? 59  ASN A ND2 1 
ATOM   507  N N   A THR A 1 64  ? -7.312  -0.423  7.552   0.50 8.94  ? 60  THR A N   1 
ATOM   508  N N   B THR A 1 64  ? -7.293  -0.641  7.312   0.50 8.68  ? 60  THR A N   1 
ATOM   509  C CA  A THR A 1 64  ? -6.098  -1.068  7.923   0.50 9.51  ? 60  THR A CA  1 
ATOM   510  C CA  B THR A 1 64  ? -6.049  -1.245  7.768   0.50 9.45  ? 60  THR A CA  1 
ATOM   511  C C   A THR A 1 64  ? -5.132  -0.053  8.468   0.50 8.16  ? 60  THR A C   1 
ATOM   512  C C   B THR A 1 64  ? -5.116  -0.133  8.372   0.50 8.26  ? 60  THR A C   1 
ATOM   513  O O   A THR A 1 64  ? -5.225  1.129   8.208   0.50 8.37  ? 60  THR A O   1 
ATOM   514  O O   B THR A 1 64  ? -5.191  1.044   8.011   0.50 8.21  ? 60  THR A O   1 
ATOM   515  C CB  A THR A 1 64  ? -5.465  -1.811  6.704   0.50 11.69 ? 60  THR A CB  1 
ATOM   516  C CB  B THR A 1 64  ? -5.282  -1.895  6.584   0.50 11.51 ? 60  THR A CB  1 
ATOM   517  O OG1 A THR A 1 64  ? -4.887  -0.894  5.757   0.50 11.83 ? 60  THR A OG1 1 
ATOM   518  O OG1 B THR A 1 64  ? -4.992  -0.925  5.564   0.50 12.44 ? 60  THR A OG1 1 
ATOM   519  C CG2 A THR A 1 64  ? -6.481  -2.710  5.996   0.50 13.64 ? 60  THR A CG2 1 
ATOM   520  C CG2 B THR A 1 64  ? -6.056  -3.058  6.017   0.50 12.36 ? 60  THR A CG2 1 
ATOM   521  N N   . GLU A 1 65  ? -4.148  -0.590  9.189   1.00 9.06  ? 61  GLU A N   1 
ATOM   522  C CA  . GLU A 1 65  ? -3.095  0.283   9.700   1.00 8.74  ? 61  GLU A CA  1 
ATOM   523  C C   . GLU A 1 65  ? -1.861  -0.510  9.928   1.00 8.80  ? 61  GLU A C   1 
ATOM   524  O O   . GLU A 1 65  ? -1.938  -1.610  10.555  1.00 10.42 ? 61  GLU A O   1 
ATOM   525  C CB  . GLU A 1 65  ? -3.584  0.843   11.015  1.00 12.48 ? 61  GLU A CB  1 
ATOM   526  C CG  . GLU A 1 65  ? -2.573  1.570   11.819  1.00 13.94 ? 61  GLU A CG  1 
ATOM   527  C CD  . GLU A 1 65  ? -3.131  2.211   13.088  1.00 17.91 ? 61  GLU A CD  1 
ATOM   528  O OE1 . GLU A 1 65  ? -4.386  2.425   13.178  1.00 23.89 ? 61  GLU A OE1 1 
ATOM   529  O OE2 . GLU A 1 65  ? -2.338  2.495   13.998  1.00 18.48 ? 61  GLU A OE2 1 
ATOM   530  N N   . ILE A 1 66  ? -0.741  -0.013  9.455   1.00 7.01  ? 62  ILE A N   1 
ATOM   531  C CA  . ILE A 1 66  ? 0.577   -0.618  9.767   1.00 7.11  ? 62  ILE A CA  1 
ATOM   532  C C   . ILE A 1 66  ? 1.463   0.452   10.343  1.00 7.23  ? 62  ILE A C   1 
ATOM   533  O O   . ILE A 1 66  ? 1.436   1.599   9.910   1.00 8.45  ? 62  ILE A O   1 
ATOM   534  C CB  . ILE A 1 66  ? 1.217   -1.285  8.513   1.00 7.98  ? 62  ILE A CB  1 
ATOM   535  C CG1 . ILE A 1 66  ? 1.463   -0.286  7.363   1.00 8.71  ? 62  ILE A CG1 1 
ATOM   536  C CG2 . ILE A 1 66  ? 0.365   -2.451  8.068   1.00 9.11  ? 62  ILE A CG2 1 
ATOM   537  C CD1 . ILE A 1 66  ? 2.196   -0.899  6.199   1.00 10.53 ? 62  ILE A CD1 1 
ATOM   538  N N   . SER A 1 67  ? 2.237   0.094   11.349  1.00 6.18  ? 63  SER A N   1 
ATOM   539  C CA  . SER A 1 67  ? 3.323   0.902   11.895  1.00 6.42  ? 63  SER A CA  1 
ATOM   540  C C   . SER A 1 67  ? 4.587   0.100   11.849  1.00 5.96  ? 63  SER A C   1 
ATOM   541  O O   . SER A 1 67  ? 4.572   -1.115  12.102  1.00 7.38  ? 63  SER A O   1 
ATOM   542  C CB  . SER A 1 67  ? 3.048   1.328   13.308  1.00 7.45  ? 63  SER A CB  1 
ATOM   543  O OG  . SER A 1 67  ? 1.948   2.218   13.393  1.00 8.85  ? 63  SER A OG  1 
ATOM   544  N N   . PHE A 1 68  ? 5.698   0.745   11.496  1.00 5.79  ? 64  PHE A N   1 
ATOM   545  C CA  . PHE A 1 68  ? 6.936   0.042   11.214  1.00 6.03  ? 64  PHE A CA  1 
ATOM   546  C C   . PHE A 1 68  ? 8.121   0.994   11.287  1.00 6.08  ? 64  PHE A C   1 
ATOM   547  O O   . PHE A 1 68  ? 7.999   2.185   11.236  1.00 6.19  ? 64  PHE A O   1 
ATOM   548  C CB  . PHE A 1 68  ? 6.846   -0.663  9.845   1.00 6.80  ? 64  PHE A CB  1 
ATOM   549  C CG  . PHE A 1 68  ? 6.616   0.301   8.711   1.00 6.50  ? 64  PHE A CG  1 
ATOM   550  C CD1 . PHE A 1 68  ? 5.334   0.638   8.366   1.00 7.10  ? 64  PHE A CD1 1 
ATOM   551  C CD2 . PHE A 1 68  ? 7.665   0.895   8.054   1.00 6.91  ? 64  PHE A CD2 1 
ATOM   552  C CE1 . PHE A 1 68  ? 5.124   1.563   7.386   1.00 7.89  ? 64  PHE A CE1 1 
ATOM   553  C CE2 . PHE A 1 68  ? 7.430   1.785   7.076   1.00 7.56  ? 64  PHE A CE2 1 
ATOM   554  C CZ  . PHE A 1 68  ? 6.169   2.095   6.732   1.00 7.95  ? 64  PHE A CZ  1 
ATOM   555  N N   . ILE A 1 69  ? 9.272   0.334   11.466  1.00 5.92  ? 65  ILE A N   1 
ATOM   556  C CA  . ILE A 1 69  ? 10.580  0.964   11.364  1.00 5.70  ? 65  ILE A CA  1 
ATOM   557  C C   . ILE A 1 69  ? 11.252  0.462   10.079  1.00 6.19  ? 65  ILE A C   1 
ATOM   558  O O   . ILE A 1 69  ? 11.177  -0.722  9.786   1.00 6.04  ? 65  ILE A O   1 
ATOM   559  C CB  . ILE A 1 69  ? 11.424  0.688   12.633  1.00 6.55  ? 65  ILE A CB  1 
ATOM   560  C CG1 . ILE A 1 69  ? 10.699  1.310   13.861  1.00 7.92  ? 65  ILE A CG1 1 
ATOM   561  C CG2 . ILE A 1 69  ? 12.816  1.192   12.496  1.00 7.72  ? 65  ILE A CG2 1 
ATOM   562  C CD1 . ILE A 1 69  ? 11.346  0.963   15.176  1.00 9.84  ? 65  ILE A CD1 1 
ATOM   563  N N   . LEU A 1 70  ? 11.867  1.380   9.329   1.00 6.16  ? 66  LEU A N   1 
ATOM   564  C CA  . LEU A 1 70  ? 12.467  0.964   8.086   1.00 6.39  ? 66  LEU A CA  1 
ATOM   565  C C   . LEU A 1 70  ? 13.495  -0.116  8.321   1.00 6.82  ? 66  LEU A C   1 
ATOM   566  O O   . LEU A 1 70  ? 14.298  -0.053  9.266   1.00 7.35  ? 66  LEU A O   1 
ATOM   567  C CB  . LEU A 1 70  ? 13.117  2.170   7.402   1.00 7.57  ? 66  LEU A CB  1 
ATOM   568  C CG  . LEU A 1 70  ? 12.182  3.249   6.947   1.00 8.13  ? 66  LEU A CG  1 
ATOM   569  C CD1 . LEU A 1 70  ? 12.950  4.527   6.545   1.00 11.54 ? 66  LEU A CD1 1 
ATOM   570  C CD2 . LEU A 1 70  ? 11.285  2.791   5.782   1.00 8.92  ? 66  LEU A CD2 1 
ATOM   571  N N   . GLY A 1 71  ? 13.464  -1.142  7.499   1.00 6.76  ? 67  GLY A N   1 
ATOM   572  C CA  . GLY A 1 71  ? 14.360  -2.275  7.545   1.00 7.67  ? 67  GLY A CA  1 
ATOM   573  C C   . GLY A 1 71  ? 14.043  -3.335  8.518   1.00 6.77  ? 67  GLY A C   1 
ATOM   574  O O   . GLY A 1 71  ? 14.777  -4.343  8.578   1.00 7.76  ? 67  GLY A O   1 
ATOM   575  N N   . GLN A 1 72  ? 12.963  -3.213  9.308   1.00 6.55  ? 68  GLN A N   1 
ATOM   576  C CA  . GLN A 1 72  ? 12.642  -4.104  10.420  1.00 6.78  ? 68  GLN A CA  1 
ATOM   577  C C   . GLN A 1 72  ? 11.344  -4.846  10.130  1.00 6.19  ? 68  GLN A C   1 
ATOM   578  O O   . GLN A 1 72  ? 10.264  -4.242  10.037  1.00 6.53  ? 68  GLN A O   1 
ATOM   579  C CB  . GLN A 1 72  ? 12.568  -3.341  11.731  1.00 7.40  ? 68  GLN A CB  1 
ATOM   580  C CG  . GLN A 1 72  ? 13.886  -2.656  11.987  1.00 8.98  ? 68  GLN A CG  1 
ATOM   581  C CD  . GLN A 1 72  ? 14.079  -2.117  13.375  1.00 9.21  ? 68  GLN A CD  1 
ATOM   582  O OE1 . GLN A 1 72  ? 13.244  -2.314  14.290  1.00 11.51 ? 68  GLN A OE1 1 
ATOM   583  N NE2 . GLN A 1 72  ? 15.248  -1.496  13.546  1.00 11.78 ? 68  GLN A NE2 1 
ATOM   584  N N   . GLU A 1 73  ? 11.451  -6.117  9.919   1.00 6.63  ? 69  GLU A N   1 
ATOM   585  C CA  . GLU A 1 73  ? 10.321  -6.950  9.509   1.00 7.11  ? 69  GLU A CA  1 
ATOM   586  C C   . GLU A 1 73  ? 9.204   -6.920  10.536  1.00 6.85  ? 69  GLU A C   1 
ATOM   587  O O   . GLU A 1 73  ? 9.445   -6.871  11.760  1.00 7.41  ? 69  GLU A O   1 
ATOM   588  C CB  . GLU A 1 73  ? 10.801  -8.386  9.366   1.00 9.51  ? 69  GLU A CB  1 
ATOM   589  C CG  . GLU A 1 73  ? 9.749   -9.353  8.826   1.00 12.19 ? 69  GLU A CG  1 
ATOM   590  C CD  . GLU A 1 73  ? 10.307  -10.647 8.389   1.00 17.93 ? 69  GLU A CD  1 
ATOM   591  O OE1 . GLU A 1 73  ? 10.660  -11.364 9.295   1.00 22.73 ? 69  GLU A OE1 1 
ATOM   592  O OE2 . GLU A 1 73  ? 10.304  -10.953 7.168   1.00 20.16 ? 69  GLU A OE2 1 
ATOM   593  N N   . PHE A 1 74  ? 7.986   -7.001  10.050  1.00 7.02  ? 70  PHE A N   1 
ATOM   594  C CA  . PHE A 1 74  ? 6.780   -7.043  10.900  1.00 7.48  ? 70  PHE A CA  1 
ATOM   595  C C   . PHE A 1 74  ? 5.730   -7.938  10.298  1.00 7.48  ? 70  PHE A C   1 
ATOM   596  O O   . PHE A 1 74  ? 5.768   -8.296  9.140   1.00 8.80  ? 70  PHE A O   1 
ATOM   597  C CB  . PHE A 1 74  ? 6.269   -5.647  11.098  1.00 7.61  ? 70  PHE A CB  1 
ATOM   598  C CG  . PHE A 1 74  ? 5.843   -4.894  9.877   1.00 7.15  ? 70  PHE A CG  1 
ATOM   599  C CD1 . PHE A 1 74  ? 6.779   -4.217  9.077   1.00 6.56  ? 70  PHE A CD1 1 
ATOM   600  C CD2 . PHE A 1 74  ? 4.507   -4.864  9.492   1.00 8.71  ? 70  PHE A CD2 1 
ATOM   601  C CE1 . PHE A 1 74  ? 6.394   -3.503  7.985   1.00 7.24  ? 70  PHE A CE1 1 
ATOM   602  C CE2 . PHE A 1 74  ? 4.117   -4.119  8.389   1.00 9.64  ? 70  PHE A CE2 1 
ATOM   603  C CZ  . PHE A 1 74  ? 5.086   -3.475  7.623   1.00 8.32  ? 70  PHE A CZ  1 
ATOM   604  N N   A ASP A 1 75  ? 4.736   -8.205  11.184  0.80 8.32  ? 71  ASP A N   1 
ATOM   605  N N   B ASP A 1 75  ? 5.007   -8.737  11.080  0.20 6.20  ? 71  ASP A N   1 
ATOM   606  C CA  A ASP A 1 75  ? 3.529   -8.916  10.836  0.80 8.77  ? 71  ASP A CA  1 
ATOM   607  C CA  B ASP A 1 75  ? 3.842   -9.485  10.557  0.20 6.36  ? 71  ASP A CA  1 
ATOM   608  C C   A ASP A 1 75  ? 2.469   -8.009  10.332  0.80 9.19  ? 71  ASP A C   1 
ATOM   609  C C   B ASP A 1 75  ? 2.634   -8.436  10.301  0.20 7.25  ? 71  ASP A C   1 
ATOM   610  O O   A ASP A 1 75  ? 2.212   -6.900  10.903  0.80 9.91  ? 71  ASP A O   1 
ATOM   611  O O   B ASP A 1 75  ? 2.385   -7.643  11.146  0.20 7.55  ? 71  ASP A O   1 
ATOM   612  C CB  A ASP A 1 75  ? 2.970   -9.667  12.015  0.80 8.28  ? 71  ASP A CB  1 
ATOM   613  C CB  B ASP A 1 75  ? 3.469   -10.526 11.607  0.20 6.46  ? 71  ASP A CB  1 
ATOM   614  C CG  A ASP A 1 75  ? 3.887   -10.765 12.506  0.80 9.67  ? 71  ASP A CG  1 
ATOM   615  C CG  B ASP A 1 75  ? 4.451   -11.699 11.659  0.20 7.10  ? 71  ASP A CG  1 
ATOM   616  O OD1 A ASP A 1 75  ? 4.268   -11.632 11.674  0.80 10.97 ? 71  ASP A OD1 1 
ATOM   617  O OD1 B ASP A 1 75  ? 4.775   -12.266 10.582  0.20 8.13  ? 71  ASP A OD1 1 
ATOM   618  O OD2 A ASP A 1 75  ? 4.174   -10.785 13.745  0.80 9.51  ? 71  ASP A OD2 1 
ATOM   619  O OD2 B ASP A 1 75  ? 4.823   -12.089 12.786  0.20 7.40  ? 71  ASP A OD2 1 
ATOM   620  N N   . GLU A 1 76  ? 1.885   -8.453  9.180   1.00 9.82  ? 72  GLU A N   1 
ATOM   621  C CA  . GLU A 1 76  ? 0.857   -7.667  8.611   1.00 9.48  ? 72  GLU A CA  1 
ATOM   622  C C   . GLU A 1 76  ? -0.308  -8.595  8.193   1.00 10.00 ? 72  GLU A C   1 
ATOM   623  O O   . GLU A 1 76  ? -0.106  -9.560  7.633   1.00 11.43 ? 72  GLU A O   1 
ATOM   624  C CB  . GLU A 1 76  ? 1.384   -6.866  7.362   1.00 9.44  ? 72  GLU A CB  1 
ATOM   625  C CG  . GLU A 1 76  ? 0.336   -6.043  6.639   1.00 9.42  ? 72  GLU A CG  1 
ATOM   626  C CD  . GLU A 1 76  ? 0.865   -5.301  5.424   1.00 8.82  ? 72  GLU A CD  1 
ATOM   627  O OE1 . GLU A 1 76  ? 2.029   -5.528  4.978   1.00 9.16  ? 72  GLU A OE1 1 
ATOM   628  O OE2 . GLU A 1 76  ? 0.104   -4.498  4.868   1.00 10.63 ? 72  GLU A OE2 1 
ATOM   629  N N   . VAL A 1 77  ? -1.514  -8.192  8.507   1.00 11.23 ? 73  VAL A N   1 
ATOM   630  C CA  . VAL A 1 77  ? -2.716  -8.864  7.951   1.00 11.97 ? 73  VAL A CA  1 
ATOM   631  C C   . VAL A 1 77  ? -3.252  -7.879  6.881   1.00 11.14 ? 73  VAL A C   1 
ATOM   632  O O   . VAL A 1 77  ? -3.607  -6.815  7.172   1.00 12.28 ? 73  VAL A O   1 
ATOM   633  C CB  . VAL A 1 77  ? -3.771  -9.213  9.025   1.00 12.85 ? 73  VAL A CB  1 
ATOM   634  C CG1 . VAL A 1 77  ? -5.008  -9.769  8.345   1.00 15.65 ? 73  VAL A CG1 1 
ATOM   635  C CG2 . VAL A 1 77  ? -3.182  -10.137 10.084  1.00 15.69 ? 73  VAL A CG2 1 
ATOM   636  N N   . THR A 1 78  ? -3.258  -8.299  5.634   1.00 10.66 ? 74  THR A N   1 
ATOM   637  C CA  . THR A 1 78  ? -3.614  -7.451  4.504   1.00 10.51 ? 74  THR A CA  1 
ATOM   638  C C   . THR A 1 78  ? -5.121  -7.273  4.404   1.00 10.86 ? 74  THR A C   1 
ATOM   639  O O   . THR A 1 78  ? -5.891  -8.000  5.073   1.00 12.08 ? 74  THR A O   1 
ATOM   640  C CB  . THR A 1 78  ? -3.037  -8.014  3.211   1.00 9.85  ? 74  THR A CB  1 
ATOM   641  O OG1 . THR A 1 78  ? -3.707  -9.245  2.964   1.00 10.45 ? 74  THR A OG1 1 
ATOM   642  C CG2 . THR A 1 78  ? -1.509  -8.182  3.340   1.00 10.33 ? 74  THR A CG2 1 
ATOM   643  N N   . ALA A 1 79  ? -5.552  -6.341  3.572   1.00 10.80 ? 75  ALA A N   1 
ATOM   644  C CA  . ALA A 1 79  ? -7.006  -6.088  3.436   1.00 12.29 ? 75  ALA A CA  1 
ATOM   645  C C   . ALA A 1 79  ? -7.757  -7.329  2.955   1.00 12.13 ? 75  ALA A C   1 
ATOM   646  O O   . ALA A 1 79  ? -8.948  -7.486  3.303   1.00 13.86 ? 75  ALA A O   1 
ATOM   647  C CB  . ALA A 1 79  ? -7.207  -4.925  2.478   1.00 13.83 ? 75  ALA A CB  1 
ATOM   648  N N   . ASP A 1 80  ? -7.128  -8.163  2.161   1.00 12.47 ? 76  ASP A N   1 
ATOM   649  C CA  . ASP A 1 80  ? -7.680  -9.424  1.678   1.00 12.76 ? 76  ASP A CA  1 
ATOM   650  C C   . ASP A 1 80  ? -7.400  -10.594 2.598   1.00 14.22 ? 76  ASP A C   1 
ATOM   651  O O   . ASP A 1 80  ? -7.653  -11.745 2.263   1.00 16.68 ? 76  ASP A O   1 
ATOM   652  C CB  . ASP A 1 80  ? -7.185  -9.786  0.246   1.00 12.52 ? 76  ASP A CB  1 
ATOM   653  C CG  . ASP A 1 80  ? -5.688  -9.909  0.155   1.00 12.56 ? 76  ASP A CG  1 
ATOM   654  O OD1 . ASP A 1 80  ? -4.963  -8.962  0.620   1.00 11.53 ? 76  ASP A OD1 1 
ATOM   655  O OD2 . ASP A 1 80  ? -5.234  -10.895 -0.381  1.00 13.13 ? 76  ASP A OD2 1 
ATOM   656  N N   . ASP A 1 81  ? -6.913  -10.352 3.819   1.00 13.44 ? 77  ASP A N   1 
ATOM   657  C CA  . ASP A 1 81  ? -6.734  -11.388 4.856   1.00 15.32 ? 77  ASP A CA  1 
ATOM   658  C C   . ASP A 1 81  ? -5.612  -12.340 4.645   1.00 15.05 ? 77  ASP A C   1 
ATOM   659  O O   . ASP A 1 81  ? -5.622  -13.427 5.261   1.00 19.73 ? 77  ASP A O   1 
ATOM   660  C CB  . ASP A 1 81  ? -8.052  -12.132 5.178   1.00 16.35 ? 77  ASP A CB  1 
ATOM   661  C CG  . ASP A 1 81  ? -8.993  -11.299 5.923   1.00 22.60 ? 77  ASP A CG  1 
ATOM   662  O OD1 . ASP A 1 81  ? -8.581  -10.614 6.902   1.00 25.31 ? 77  ASP A OD1 1 
ATOM   663  O OD2 . ASP A 1 81  ? -10.199 -11.368 5.562   1.00 27.92 ? 77  ASP A OD2 1 
ATOM   664  N N   . ARG A 1 82  ? -4.573  -11.941 3.929   1.00 13.14 ? 78  ARG A N   1 
ATOM   665  C CA  . ARG A 1 82  ? -3.343  -12.693 3.976   1.00 12.10 ? 78  ARG A CA  1 
ATOM   666  C C   . ARG A 1 82  ? -2.597  -12.318 5.248   1.00 12.24 ? 78  ARG A C   1 
ATOM   667  O O   . ARG A 1 82  ? -2.605  -11.180 5.678   1.00 13.19 ? 78  ARG A O   1 
ATOM   668  C CB  . ARG A 1 82  ? -2.495  -12.375 2.788   1.00 11.34 ? 78  ARG A CB  1 
ATOM   669  C CG  . ARG A 1 82  ? -3.031  -12.968 1.489   1.00 12.29 ? 78  ARG A CG  1 
ATOM   670  C CD  . ARG A 1 82  ? -2.184  -12.552 0.287   1.00 12.66 ? 78  ARG A CD  1 
ATOM   671  N NE  . ARG A 1 82  ? -2.472  -11.138 -0.019  1.00 11.19 ? 78  ARG A NE  1 
ATOM   672  C CZ  . ARG A 1 82  ? -1.631  -10.123 -0.161  1.00 11.13 ? 78  ARG A CZ  1 
ATOM   673  N NH1 . ARG A 1 82  ? -0.319  -10.302 -0.137  1.00 11.16 ? 78  ARG A NH1 1 
ATOM   674  N NH2 . ARG A 1 82  ? -2.133  -8.899  -0.320  1.00 10.65 ? 78  ARG A NH2 1 
ATOM   675  N N   . LYS A 1 83  ? -1.936  -13.295 5.830   1.00 13.05 ? 79  LYS A N   1 
ATOM   676  C CA  . LYS A 1 83  ? -1.029  -13.081 6.956   1.00 12.18 ? 79  LYS A CA  1 
ATOM   677  C C   . LYS A 1 83  ? 0.348   -13.113 6.354   1.00 12.09 ? 79  LYS A C   1 
ATOM   678  O O   . LYS A 1 83  ? 0.836   -14.078 5.925   1.00 13.65 ? 79  LYS A O   1 
ATOM   679  C CB  . LYS A 1 83  ? -1.191  -14.197 7.995   1.00 15.38 ? 79  LYS A CB  1 
ATOM   680  C CG  . LYS A 1 83  ? -2.374  -14.095 8.912   1.00 22.55 ? 79  LYS A CG  1 
ATOM   681  C CD  . LYS A 1 83  ? -3.659  -13.730 8.268   1.00 25.35 ? 79  LYS A CD  1 
ATOM   682  C CE  . LYS A 1 83  ? -4.843  -13.927 9.227   1.00 29.94 ? 79  LYS A CE  1 
ATOM   683  N NZ  . LYS A 1 83  ? -6.125  -13.407 8.663   1.00 30.19 ? 79  LYS A NZ  1 
ATOM   684  N N   . VAL A 1 84  ? 1.010   -11.939 6.295   1.00 10.64 ? 80  VAL A N   1 
ATOM   685  C CA  . VAL A 1 84  ? 2.231   -11.780 5.595   1.00 9.35  ? 80  VAL A CA  1 
ATOM   686  C C   . VAL A 1 84  ? 3.343   -11.242 6.553   1.00 9.63  ? 80  VAL A C   1 
ATOM   687  O O   . VAL A 1 84  ? 3.060   -10.670 7.552   1.00 10.67 ? 80  VAL A O   1 
ATOM   688  C CB  . VAL A 1 84  ? 2.095   -10.856 4.343   1.00 9.32  ? 80  VAL A CB  1 
ATOM   689  C CG1 . VAL A 1 84  ? 0.938   -11.319 3.444   1.00 10.88 ? 80  VAL A CG1 1 
ATOM   690  C CG2 . VAL A 1 84  ? 1.945   -9.373  4.727   1.00 9.86  ? 80  VAL A CG2 1 
ATOM   691  N N   . LYS A 1 85  ? 4.570   -11.495 6.110   1.00 9.18  ? 81  LYS A N   1 
ATOM   692  C CA  A LYS A 1 85  ? 5.745   -10.896 6.740   0.80 9.26  ? 81  LYS A CA  1 
ATOM   693  C CA  B LYS A 1 85  ? 5.732   -10.888 6.740   0.20 9.07  ? 81  LYS A CA  1 
ATOM   694  C C   . LYS A 1 85  ? 6.256   -9.781  5.828   1.00 8.58  ? 81  LYS A C   1 
ATOM   695  O O   . LYS A 1 85  ? 6.575   -10.021 4.671   1.00 8.77  ? 81  LYS A O   1 
ATOM   696  C CB  A LYS A 1 85  ? 6.828   -11.956 6.914   0.80 11.23 ? 81  LYS A CB  1 
ATOM   697  C CB  B LYS A 1 85  ? 6.781   -11.950 7.024   0.20 9.68  ? 81  LYS A CB  1 
ATOM   698  C CG  A LYS A 1 85  ? 6.503   -13.147 7.782   0.80 13.05 ? 81  LYS A CG  1 
ATOM   699  C CG  B LYS A 1 85  ? 6.381   -12.896 8.141   0.20 10.32 ? 81  LYS A CG  1 
ATOM   700  C CD  A LYS A 1 85  ? 6.473   -12.756 9.268   0.80 14.85 ? 81  LYS A CD  1 
ATOM   701  C CD  B LYS A 1 85  ? 7.598   -13.553 8.758   0.20 10.83 ? 81  LYS A CD  1 
ATOM   702  C CE  A LYS A 1 85  ? 6.060   -13.995 10.056  0.80 15.65 ? 81  LYS A CE  1 
ATOM   703  C CE  B LYS A 1 85  ? 7.481   -13.598 10.260  0.20 11.27 ? 81  LYS A CE  1 
ATOM   704  N NZ  A LYS A 1 85  ? 6.051   -13.689 11.481  0.80 18.12 ? 81  LYS A NZ  1 
ATOM   705  N NZ  B LYS A 1 85  ? 6.528   -14.665 10.587  0.20 11.37 ? 81  LYS A NZ  1 
ATOM   706  N N   . SER A 1 86  ? 6.275   -8.571  6.347   1.00 7.91  ? 82  SER A N   1 
ATOM   707  C CA  . SER A 1 86  ? 6.537   -7.377  5.561   1.00 7.01  ? 82  SER A CA  1 
ATOM   708  C C   . SER A 1 86  ? 7.828   -6.705  6.010   1.00 6.93  ? 82  SER A C   1 
ATOM   709  O O   . SER A 1 86  ? 8.136   -6.618  7.212   1.00 7.04  ? 82  SER A O   1 
ATOM   710  C CB  . SER A 1 86  ? 5.403   -6.379  5.758   1.00 7.44  ? 82  SER A CB  1 
ATOM   711  O OG  . SER A 1 86  ? 4.264   -6.879  5.067   1.00 8.22  ? 82  SER A OG  1 
ATOM   712  N N   . THR A 1 87  ? 8.567   -6.192  5.039   1.00 6.12  ? 83  THR A N   1 
ATOM   713  C CA  . THR A 1 87  ? 9.703   -5.339  5.328   1.00 6.94  ? 83  THR A CA  1 
ATOM   714  C C   . THR A 1 87  ? 9.650   -4.131  4.428   1.00 6.54  ? 83  THR A C   1 
ATOM   715  O O   . THR A 1 87  ? 9.502   -4.317  3.183   1.00 7.24  ? 83  THR A O   1 
ATOM   716  C CB  . THR A 1 87  ? 11.036  -6.068  5.154   1.00 7.74  ? 83  THR A CB  1 
ATOM   717  O OG1 . THR A 1 87  ? 11.019  -7.317  5.841   1.00 9.68  ? 83  THR A OG1 1 
ATOM   718  C CG2 . THR A 1 87  ? 12.135  -5.250  5.673   1.00 10.81 ? 83  THR A CG2 1 
ATOM   719  N N   . ILE A 1 88  ? 9.797   -2.940  4.988   1.00 6.50  ? 84  ILE A N   1 
ATOM   720  C CA  . ILE A 1 88  ? 9.702   -1.685  4.237   1.00 6.60  ? 84  ILE A CA  1 
ATOM   721  C C   . ILE A 1 88  ? 11.001  -0.941  4.401   1.00 7.00  ? 84  ILE A C   1 
ATOM   722  O O   . ILE A 1 88  ? 11.484  -0.768  5.503   1.00 7.38  ? 84  ILE A O   1 
ATOM   723  C CB  . ILE A 1 88  ? 8.490   -0.844  4.647   1.00 6.64  ? 84  ILE A CB  1 
ATOM   724  C CG1 . ILE A 1 88  ? 7.230   -1.662  4.489   1.00 6.76  ? 84  ILE A CG1 1 
ATOM   725  C CG2 . ILE A 1 88  ? 8.455   0.414   3.822   1.00 7.93  ? 84  ILE A CG2 1 
ATOM   726  C CD1 . ILE A 1 88  ? 5.953   -0.939  4.881   1.00 7.23  ? 84  ILE A CD1 1 
ATOM   727  N N   . THR A 1 89  ? 11.586  -0.540  3.259   1.00 6.69  ? 85  THR A N   1 
ATOM   728  C CA  . THR A 1 89  ? 12.840  0.227   3.229   1.00 7.90  ? 85  THR A CA  1 
ATOM   729  C C   . THR A 1 89  ? 12.637  1.442   2.365   1.00 7.81  ? 85  THR A C   1 
ATOM   730  O O   . THR A 1 89  ? 11.643  1.562   1.632   1.00 8.46  ? 85  THR A O   1 
ATOM   731  C CB  . THR A 1 89  ? 13.976  -0.640  2.680   1.00 8.94  ? 85  THR A CB  1 
ATOM   732  O OG1 . THR A 1 89  ? 13.576  -1.157  1.406   1.00 10.94 ? 85  THR A OG1 1 
ATOM   733  C CG2 . THR A 1 89  ? 14.355  -1.738  3.661   1.00 10.73 ? 85  THR A CG2 1 
ATOM   734  N N   . LEU A 1 90  ? 13.581  2.383   2.462   1.00 8.75  ? 86  LEU A N   1 
ATOM   735  C CA  . LEU A 1 90  ? 13.659  3.524   1.503   1.00 11.64 ? 86  LEU A CA  1 
ATOM   736  C C   . LEU A 1 90  ? 14.758  3.265   0.477   1.00 12.07 ? 86  LEU A C   1 
ATOM   737  O O   . LEU A 1 90  ? 15.905  2.823   0.843   1.00 16.11 ? 86  LEU A O   1 
ATOM   738  C CB  . LEU A 1 90  ? 14.050  4.848   2.122   1.00 14.40 ? 86  LEU A CB  1 
ATOM   739  C CG  . LEU A 1 90  ? 12.870  5.630   2.635   1.00 15.78 ? 86  LEU A CG  1 
ATOM   740  C CD1 . LEU A 1 90  ? 13.276  6.822   3.524   1.00 15.49 ? 86  LEU A CD1 1 
ATOM   741  C CD2 . LEU A 1 90  ? 11.953  6.164   1.509   1.00 12.77 ? 86  LEU A CD2 1 
ATOM   742  N N   . ASP A 1 91  ? 14.461  3.324   -0.730  1.00 12.85 ? 87  ASP A N   1 
ATOM   743  C CA  . ASP A 1 91  ? 15.482  3.137   -1.760  1.00 13.85 ? 87  ASP A CA  1 
ATOM   744  C C   . ASP A 1 91  ? 15.380  4.334   -2.631  1.00 11.63 ? 87  ASP A C   1 
ATOM   745  O O   . ASP A 1 91  ? 14.484  4.480   -3.380  1.00 11.60 ? 87  ASP A O   1 
ATOM   746  C CB  . ASP A 1 91  ? 15.182  1.883   -2.584  1.00 18.16 ? 87  ASP A CB  1 
ATOM   747  C CG  . ASP A 1 91  ? 15.962  1.765   -3.946  1.00 22.94 ? 87  ASP A CG  1 
ATOM   748  O OD1 . ASP A 1 91  ? 17.111  2.244   -4.063  1.00 26.15 ? 87  ASP A OD1 1 
ATOM   749  O OD2 . ASP A 1 91  ? 15.408  1.159   -4.927  1.00 26.99 ? 87  ASP A OD2 1 
ATOM   750  N N   . GLY A 1 92  ? 16.414  5.188   -2.555  1.00 11.62 ? 88  GLY A N   1 
ATOM   751  C CA  . GLY A 1 92  ? 16.399  6.312   -3.440  1.00 13.30 ? 88  GLY A CA  1 
ATOM   752  C C   . GLY A 1 92  ? 15.108  7.143   -3.409  1.00 13.83 ? 88  GLY A C   1 
ATOM   753  O O   . GLY A 1 92  ? 14.586  7.585   -4.411  1.00 16.10 ? 88  GLY A O   1 
ATOM   754  N N   . GLY A 1 93  ? 14.629  7.387   -2.223  1.00 12.71 ? 89  GLY A N   1 
ATOM   755  C CA  . GLY A 1 93  ? 13.410  8.196   -2.055  1.00 11.91 ? 89  GLY A CA  1 
ATOM   756  C C   . GLY A 1 93  ? 12.074  7.470   -2.269  1.00 10.69 ? 89  GLY A C   1 
ATOM   757  O O   . GLY A 1 93  ? 11.021  8.077   -2.090  1.00 11.78 ? 89  GLY A O   1 
ATOM   758  N N   . VAL A 1 94  ? 12.093  6.170   -2.584  1.00 9.26  ? 90  VAL A N   1 
ATOM   759  C CA  . VAL A 1 94  ? 10.910  5.344   -2.770  1.00 8.10  ? 90  VAL A CA  1 
ATOM   760  C C   . VAL A 1 94  ? 10.781  4.409   -1.612  1.00 7.20  ? 90  VAL A C   1 
ATOM   761  O O   . VAL A 1 94  ? 11.717  3.750   -1.208  1.00 7.93  ? 90  VAL A O   1 
ATOM   762  C CB  . VAL A 1 94  ? 11.080  4.546   -4.090  1.00 9.01  ? 90  VAL A CB  1 
ATOM   763  C CG1 . VAL A 1 94  ? 9.907   3.603   -4.281  1.00 9.73  ? 90  VAL A CG1 1 
ATOM   764  C CG2 . VAL A 1 94  ? 11.257  5.491   -5.312  1.00 11.84 ? 90  VAL A CG2 1 
ATOM   765  N N   . LEU A 1 95  ? 9.562   4.357   -1.022  1.00 7.44  ? 91  LEU A N   1 
ATOM   766  C CA  . LEU A 1 95  ? 9.276   3.353   -0.013  1.00 7.15  ? 91  LEU A CA  1 
ATOM   767  C C   . LEU A 1 95  ? 9.028   2.021   -0.731  1.00 6.95  ? 91  LEU A C   1 
ATOM   768  O O   . LEU A 1 95  ? 8.102   1.955   -1.533  1.00 7.28  ? 91  LEU A O   1 
ATOM   769  C CB  . LEU A 1 95  ? 8.035   3.719   0.836   1.00 7.91  ? 91  LEU A CB  1 
ATOM   770  C CG  . LEU A 1 95  ? 8.274   4.834   1.854   1.00 9.01  ? 91  LEU A CG  1 
ATOM   771  C CD1 . LEU A 1 95  ? 6.942   5.381   2.300   1.00 10.65 ? 91  LEU A CD1 1 
ATOM   772  C CD2 . LEU A 1 95  ? 9.097   4.258   2.994   1.00 9.54  ? 91  LEU A CD2 1 
ATOM   773  N N   . VAL A 1 96  ? 9.781   1.025   -0.386  1.00 6.76  ? 92  VAL A N   1 
ATOM   774  C CA  . VAL A 1 96  ? 9.722   -0.309  -1.009  1.00 6.55  ? 92  VAL A CA  1 
ATOM   775  C C   . VAL A 1 96  ? 9.252   -1.303  0.034   1.00 6.90  ? 92  VAL A C   1 
ATOM   776  O O   . VAL A 1 96  ? 9.935   -1.524  1.039   1.00 7.90  ? 92  VAL A O   1 
ATOM   777  C CB  . VAL A 1 96  ? 11.083  -0.713  -1.596  1.00 7.59  ? 92  VAL A CB  1 
ATOM   778  C CG1 . VAL A 1 96  ? 10.959  -2.052  -2.237  1.00 9.53  ? 92  VAL A CG1 1 
ATOM   779  C CG2 . VAL A 1 96  ? 11.610  0.309   -2.601  1.00 8.25  ? 92  VAL A CG2 1 
ATOM   780  N N   . HIS A 1 97  ? 8.088   -1.892  -0.184  1.00 6.48  ? 93  HIS A N   1 
ATOM   781  C CA  . HIS A 1 97  ? 7.399   -2.761  0.794   1.00 6.88  ? 93  HIS A CA  1 
ATOM   782  C C   . HIS A 1 97  ? 7.286   -4.133  0.209   1.00 6.62  ? 93  HIS A C   1 
ATOM   783  O O   . HIS A 1 97  ? 6.598   -4.331  -0.807  1.00 7.81  ? 93  HIS A O   1 
ATOM   784  C CB  . HIS A 1 97  ? 6.040   -2.125  1.034   1.00 7.20  ? 93  HIS A CB  1 
ATOM   785  C CG  . HIS A 1 97  ? 5.128   -2.873  1.935   1.00 7.53  ? 93  HIS A CG  1 
ATOM   786  N ND1 . HIS A 1 97  ? 3.945   -2.360  2.224   1.00 8.74  ? 93  HIS A ND1 1 
ATOM   787  C CD2 . HIS A 1 97  ? 5.251   -4.072  2.650   1.00 8.13  ? 93  HIS A CD2 1 
ATOM   788  C CE1 . HIS A 1 97  ? 3.329   -3.235  3.114   1.00 9.05  ? 93  HIS A CE1 1 
ATOM   789  N NE2 . HIS A 1 97  ? 4.086   -4.232  3.340   1.00 9.38  ? 93  HIS A NE2 1 
ATOM   790  N N   . VAL A 1 98  ? 7.968   -5.103  0.749   1.00 6.81  ? 94  VAL A N   1 
ATOM   791  C CA  . VAL A 1 98  ? 7.928   -6.489  0.305   1.00 7.74  ? 94  VAL A CA  1 
ATOM   792  C C   . VAL A 1 98  ? 7.083   -7.293  1.291   1.00 7.04  ? 94  VAL A C   1 
ATOM   793  O O   . VAL A 1 98  ? 7.314   -7.203  2.529   1.00 8.68  ? 94  VAL A O   1 
ATOM   794  C CB  . VAL A 1 98  ? 9.344   -7.087  0.144   1.00 9.49  ? 94  VAL A CB  1 
ATOM   795  C CG1 . VAL A 1 98  ? 9.296   -8.531  -0.379  1.00 11.91 ? 94  VAL A CG1 1 
ATOM   796  C CG2 . VAL A 1 98  ? 10.215  -6.181  -0.747  1.00 13.17 ? 94  VAL A CG2 1 
ATOM   797  N N   . GLN A 1 99  ? 6.121   -8.030  0.786   1.00 7.13  ? 95  GLN A N   1 
ATOM   798  C CA  . GLN A 1 99  ? 5.280   -8.929  1.573   1.00 7.30  ? 95  GLN A CA  1 
ATOM   799  C C   . GLN A 1 99  ? 5.568   -10.361 1.156   1.00 8.23  ? 95  GLN A C   1 
ATOM   800  O O   . GLN A 1 99  ? 5.531   -10.685 -0.048  1.00 9.12  ? 95  GLN A O   1 
ATOM   801  C CB  . GLN A 1 99  ? 3.822   -8.685  1.287   1.00 7.83  ? 95  GLN A CB  1 
ATOM   802  C CG  . GLN A 1 99  ? 3.321   -7.302  1.697   1.00 8.07  ? 95  GLN A CG  1 
ATOM   803  C CD  . GLN A 1 99  ? 1.879   -7.077  1.366   1.00 7.93  ? 95  GLN A CD  1 
ATOM   804  O OE1 . GLN A 1 99  ? 1.356   -7.706  0.404   1.00 9.95  ? 95  GLN A OE1 1 
ATOM   805  N NE2 . GLN A 1 99  ? 1.218   -6.198  2.067   1.00 8.90  ? 95  GLN A NE2 1 
ATOM   806  N N   . LYS A 1 100 ? 5.825   -11.219 2.123   1.00 8.51  ? 96  LYS A N   1 
ATOM   807  C CA  . LYS A 1 100 ? 6.121   -12.633 1.932   1.00 10.21 ? 96  LYS A CA  1 
ATOM   808  C C   . LYS A 1 100 ? 5.078   -13.458 2.662   1.00 10.76 ? 96  LYS A C   1 
ATOM   809  O O   . LYS A 1 100 ? 4.741   -13.226 3.797   1.00 10.38 ? 96  LYS A O   1 
ATOM   810  C CB  . LYS A 1 100 ? 7.488   -12.993 2.570   1.00 12.08 ? 96  LYS A CB  1 
ATOM   811  C CG  . LYS A 1 100 ? 8.674   -12.257 2.108   1.00 13.12 ? 96  LYS A CG  1 
ATOM   812  C CD  . LYS A 1 100 ? 8.945   -12.456 0.649   1.00 14.35 ? 96  LYS A CD  1 
ATOM   813  C CE  . LYS A 1 100 ? 10.321  -11.915 0.344   1.00 14.75 ? 96  LYS A CE  1 
ATOM   814  N NZ  . LYS A 1 100 ? 10.656  -12.033 -1.131  1.00 15.73 ? 96  LYS A NZ  1 
ATOM   815  N N   . TRP A 1 101 ? 4.546   -14.464 1.944   1.00 12.07 ? 97  TRP A N   1 
ATOM   816  C CA  . TRP A 1 101 ? 3.578   -15.412 2.519   1.00 13.38 ? 97  TRP A CA  1 
ATOM   817  C C   . TRP A 1 101 ? 3.489   -16.637 1.620   1.00 14.23 ? 97  TRP A C   1 
ATOM   818  O O   . TRP A 1 101 ? 3.543   -16.534 0.420   1.00 13.95 ? 97  TRP A O   1 
ATOM   819  C CB  . TRP A 1 101 ? 2.199   -14.729 2.693   1.00 13.64 ? 97  TRP A CB  1 
ATOM   820  C CG  . TRP A 1 101 ? 1.362   -14.674 1.453   1.00 11.84 ? 97  TRP A CG  1 
ATOM   821  C CD1 . TRP A 1 101 ? 0.299   -15.467 1.159   1.00 12.19 ? 97  TRP A CD1 1 
ATOM   822  C CD2 . TRP A 1 101 ? 1.621   -13.865 0.269   1.00 11.19 ? 97  TRP A CD2 1 
ATOM   823  N NE1 . TRP A 1 101 ? -0.171  -15.203 -0.117  1.00 11.66 ? 97  TRP A NE1 1 
ATOM   824  C CE2 . TRP A 1 101 ? 0.598   -14.208 -0.699  1.00 11.56 ? 97  TRP A CE2 1 
ATOM   825  C CE3 . TRP A 1 101 ? 2.584   -12.856 -0.071  1.00 10.91 ? 97  TRP A CE3 1 
ATOM   826  C CZ2 . TRP A 1 101 ? 0.573   -13.629 -1.966  1.00 11.89 ? 97  TRP A CZ2 1 
ATOM   827  C CZ3 . TRP A 1 101 ? 2.501   -12.290 -1.345  1.00 11.74 ? 97  TRP A CZ3 1 
ATOM   828  C CH2 . TRP A 1 101 ? 1.541   -12.673 -2.272  1.00 11.41 ? 97  TRP A CH2 1 
ATOM   829  N N   . ASP A 1 102 ? 3.422   -17.814 2.244   1.00 16.55 ? 98  ASP A N   1 
ATOM   830  C CA  . ASP A 1 102 ? 3.172   -19.077 1.568   1.00 19.07 ? 98  ASP A CA  1 
ATOM   831  C C   . ASP A 1 102 ? 4.150   -19.271 0.441   1.00 18.18 ? 98  ASP A C   1 
ATOM   832  O O   . ASP A 1 102 ? 3.799   -19.794 -0.606  1.00 20.55 ? 98  ASP A O   1 
ATOM   833  C CB  . ASP A 1 102 ? 1.728   -19.133 1.078   1.00 21.77 ? 98  ASP A CB  1 
ATOM   834  C CG  . ASP A 1 102 ? 0.693   -19.216 2.234   1.00 24.64 ? 98  ASP A CG  1 
ATOM   835  O OD1 . ASP A 1 102 ? 1.065   -19.552 3.371   1.00 31.81 ? 98  ASP A OD1 1 
ATOM   836  O OD2 . ASP A 1 102 ? -0.509  -18.945 2.038   1.00 30.28 ? 98  ASP A OD2 1 
ATOM   837  N N   . GLY A 1 103 ? 5.389   -18.884 0.609   1.00 18.67 ? 99  GLY A N   1 
ATOM   838  C CA  . GLY A 1 103 ? 6.382   -19.015 -0.405  1.00 19.15 ? 99  GLY A CA  1 
ATOM   839  C C   . GLY A 1 103 ? 6.284   -18.056 -1.584  1.00 18.54 ? 99  GLY A C   1 
ATOM   840  O O   . GLY A 1 103 ? 7.097   -18.067 -2.453  1.00 19.54 ? 99  GLY A O   1 
ATOM   841  N N   . LYS A 1 104 ? 5.332   -17.114 -1.496  1.00 15.31 ? 100 LYS A N   1 
ATOM   842  C CA  . LYS A 1 104 ? 5.097   -16.060 -2.500  1.00 13.72 ? 100 LYS A CA  1 
ATOM   843  C C   . LYS A 1 104 ? 5.688   -14.741 -2.051  1.00 12.18 ? 100 LYS A C   1 
ATOM   844  O O   . LYS A 1 104 ? 5.898   -14.519 -0.851  1.00 12.08 ? 100 LYS A O   1 
ATOM   845  C CB  . LYS A 1 104 ? 3.632   -15.931 -2.765  1.00 15.06 ? 100 LYS A CB  1 
ATOM   846  C CG  . LYS A 1 104 ? 3.078   -17.238 -3.342  1.00 18.90 ? 100 LYS A CG  1 
ATOM   847  C CD  . LYS A 1 104 ? 1.621   -17.346 -2.985  1.00 21.37 ? 100 LYS A CD  1 
ATOM   848  C CE  . LYS A 1 104 ? 0.851   -18.486 -3.643  1.00 24.81 ? 100 LYS A CE  1 
ATOM   849  N NZ  . LYS A 1 104 ? -0.565  -18.337 -3.198  1.00 32.47 ? 100 LYS A NZ  1 
ATOM   850  N N   . SER A 1 105 ? 5.769   -13.796 -2.979  1.00 11.87 ? 101 SER A N   1 
ATOM   851  C CA  . SER A 1 105 ? 6.229   -12.444 -2.649  1.00 10.91 ? 101 SER A CA  1 
ATOM   852  C C   . SER A 1 105 ? 5.554   -11.421 -3.576  1.00 9.37  ? 101 SER A C   1 
ATOM   853  O O   . SER A 1 105 ? 5.341   -11.691 -4.784  1.00 11.54 ? 101 SER A O   1 
ATOM   854  C CB  . SER A 1 105 ? 7.726   -12.409 -2.894  1.00 13.17 ? 101 SER A CB  1 
ATOM   855  O OG  . SER A 1 105 ? 8.330   -11.177 -2.530  1.00 13.62 ? 101 SER A OG  1 
ATOM   856  N N   . THR A 1 106 ? 5.245   -10.229 -3.020  1.00 8.43  ? 102 THR A N   1 
ATOM   857  C CA  . THR A 1 106 ? 4.781   -9.092  -3.814  1.00 8.00  ? 102 THR A CA  1 
ATOM   858  C C   . THR A 1 106 ? 5.468   -7.880  -3.302  1.00 7.30  ? 102 THR A C   1 
ATOM   859  O O   . THR A 1 106 ? 5.775   -7.809  -2.096  1.00 8.23  ? 102 THR A O   1 
ATOM   860  C CB  . THR A 1 106 ? 3.263   -9.033  -3.797  1.00 7.97  ? 102 THR A CB  1 
ATOM   861  O OG1 . THR A 1 106 ? 2.804   -8.002  -4.684  1.00 8.94  ? 102 THR A OG1 1 
ATOM   862  C CG2 . THR A 1 106 ? 2.716   -8.734  -2.454  1.00 9.06  ? 102 THR A CG2 1 
ATOM   863  N N   . THR A 1 107 ? 5.681   -6.898  -4.162  1.00 7.42  ? 103 THR A N   1 
ATOM   864  C CA  . THR A 1 107 ? 6.359   -5.637  -3.831  1.00 7.77  ? 103 THR A CA  1 
ATOM   865  C C   . THR A 1 107 ? 5.460   -4.466  -4.143  1.00 7.03  ? 103 THR A C   1 
ATOM   866  O O   . THR A 1 107 ? 4.960   -4.362  -5.310  1.00 8.86  ? 103 THR A O   1 
ATOM   867  C CB  . THR A 1 107 ? 7.709   -5.555  -4.543  1.00 9.25  ? 103 THR A CB  1 
ATOM   868  O OG1 . THR A 1 107 ? 8.534   -6.614  -4.041  1.00 12.34 ? 103 THR A OG1 1 
ATOM   869  C CG2 . THR A 1 107 ? 8.414   -4.273  -4.230  1.00 11.89 ? 103 THR A CG2 1 
ATOM   870  N N   . ILE A 1 108 ? 5.324   -3.579  -3.199  1.00 7.09  ? 104 ILE A N   1 
ATOM   871  C CA  . ILE A 1 108 ? 4.536   -2.384  -3.315  1.00 7.35  ? 104 ILE A CA  1 
ATOM   872  C C   . ILE A 1 108 ? 5.497   -1.202  -3.167  1.00 6.92  ? 104 ILE A C   1 
ATOM   873  O O   . ILE A 1 108 ? 6.179   -1.085  -2.161  1.00 7.61  ? 104 ILE A O   1 
ATOM   874  C CB  . ILE A 1 108 ? 3.498   -2.330  -2.194  1.00 8.30  ? 104 ILE A CB  1 
ATOM   875  C CG1 . ILE A 1 108 ? 2.502   -3.507  -2.258  1.00 8.96  ? 104 ILE A CG1 1 
ATOM   876  C CG2 . ILE A 1 108 ? 2.727   -1.016  -2.243  1.00 9.74  ? 104 ILE A CG2 1 
ATOM   877  C CD1 . ILE A 1 108 ? 1.892   -3.901  -0.902  1.00 12.19 ? 104 ILE A CD1 1 
ATOM   878  N N   . LYS A 1 109 ? 5.582   -0.320  -4.162  1.00 6.52  ? 105 LYS A N   1 
ATOM   879  C CA  . LYS A 1 109 ? 6.442   0.850   -4.140  1.00 6.48  ? 105 LYS A CA  1 
ATOM   880  C C   . LYS A 1 109 ? 5.575   2.089   -4.045  1.00 6.69  ? 105 LYS A C   1 
ATOM   881  O O   . LYS A 1 109 ? 4.599   2.208   -4.777  1.00 8.83  ? 105 LYS A O   1 
ATOM   882  C CB  . LYS A 1 109 ? 7.309   0.912   -5.374  1.00 7.17  ? 105 LYS A CB  1 
ATOM   883  C CG  . LYS A 1 109 ? 8.379   -0.188  -5.369  1.00 9.44  ? 105 LYS A CG  1 
ATOM   884  C CD  . LYS A 1 109 ? 9.316   -0.143  -6.505  1.00 11.60 ? 105 LYS A CD  1 
ATOM   885  C CE  . LYS A 1 109 ? 10.337  -1.284  -6.504  1.00 13.22 ? 105 LYS A CE  1 
ATOM   886  N NZ  . LYS A 1 109 ? 11.389  -1.170  -7.575  1.00 17.28 ? 105 LYS A NZ  1 
ATOM   887  N N   . ARG A 1 110 ? 5.917   3.012   -3.171  1.00 6.99  ? 106 ARG A N   1 
ATOM   888  C CA  . ARG A 1 110 ? 5.191   4.270   -2.973  1.00 8.02  ? 106 ARG A CA  1 
ATOM   889  C C   . ARG A 1 110 ? 6.194   5.386   -3.233  1.00 8.14  ? 106 ARG A C   1 
ATOM   890  O O   . ARG A 1 110 ? 7.267   5.411   -2.633  1.00 8.62  ? 106 ARG A O   1 
ATOM   891  C CB  . ARG A 1 110 ? 4.653   4.358   -1.533  1.00 8.05  ? 106 ARG A CB  1 
ATOM   892  C CG  . ARG A 1 110 ? 3.604   3.281   -1.238  1.00 9.52  ? 106 ARG A CG  1 
ATOM   893  C CD  . ARG A 1 110 ? 3.174   3.157   0.272   1.00 10.15 ? 106 ARG A CD  1 
ATOM   894  N NE  . ARG A 1 110 ? 2.118   2.166   0.624   1.00 10.83 ? 106 ARG A NE  1 
ATOM   895  C CZ  . ARG A 1 110 ? 2.343   0.949   1.047   1.00 11.19 ? 106 ARG A CZ  1 
ATOM   896  N NH1 . ARG A 1 110 ? 3.535   0.487   1.235   1.00 10.97 ? 106 ARG A NH1 1 
ATOM   897  N NH2 . ARG A 1 110 ? 1.249   0.216   1.498   1.00 12.09 ? 106 ARG A NH2 1 
ATOM   898  N N   . LYS A 1 111 ? 5.846   6.345   -4.088  1.00 9.60  ? 107 LYS A N   1 
ATOM   899  C CA  . LYS A 1 111 ? 6.750   7.438   -4.419  1.00 10.89 ? 107 LYS A CA  1 
ATOM   900  C C   . LYS A 1 111 ? 5.949   8.715   -4.611  1.00 9.47  ? 107 LYS A C   1 
ATOM   901  O O   . LYS A 1 111 ? 4.758   8.695   -4.967  1.00 11.01 ? 107 LYS A O   1 
ATOM   902  C CB  . LYS A 1 111 ? 7.624   7.122   -5.539  1.00 14.22 ? 107 LYS A CB  1 
ATOM   903  C CG  . LYS A 1 111 ? 6.802   6.848   -6.696  1.00 16.34 ? 107 LYS A CG  1 
ATOM   904  C CD  . LYS A 1 111 ? 7.666   6.297   -7.867  1.00 20.88 ? 107 LYS A CD  1 
ATOM   905  C CE  . LYS A 1 111 ? 8.535   5.064   -7.588  1.00 25.63 ? 107 LYS A CE  1 
ATOM   906  N NZ  . LYS A 1 111 ? 8.137   3.681   -7.989  1.00 27.35 ? 107 LYS A NZ  1 
ATOM   907  N N   . ARG A 1 112 ? 6.618   9.833   -4.423  1.00 9.17  ? 108 ARG A N   1 
ATOM   908  C CA  . ARG A 1 112 ? 6.061   11.142  -4.684  1.00 9.40  ? 108 ARG A CA  1 
ATOM   909  C C   . ARG A 1 112 ? 6.435   11.531  -6.071  1.00 10.53 ? 108 ARG A C   1 
ATOM   910  O O   . ARG A 1 112 ? 7.636   11.467  -6.448  1.00 11.28 ? 108 ARG A O   1 
ATOM   911  C CB  . ARG A 1 112 ? 6.621   12.203  -3.784  1.00 11.99 ? 108 ARG A CB  1 
ATOM   912  C CG  . ARG A 1 112 ? 5.930   12.347  -2.464  1.00 12.75 ? 108 ARG A CG  1 
ATOM   913  C CD  . ARG A 1 112 ? 4.484   12.743  -2.566  1.00 13.71 ? 108 ARG A CD  1 
ATOM   914  N NE  . ARG A 1 112 ? 4.257   13.933  -3.343  1.00 14.33 ? 108 ARG A NE  1 
ATOM   915  C CZ  . ARG A 1 112 ? 4.347   15.184  -2.907  1.00 13.37 ? 108 ARG A CZ  1 
ATOM   916  N NH1 . ARG A 1 112 ? 4.667   15.447  -1.610  1.00 13.07 ? 108 ARG A NH1 1 
ATOM   917  N NH2 . ARG A 1 112 ? 4.112   16.204  -3.737  1.00 16.39 ? 108 ARG A NH2 1 
ATOM   918  N N   . GLU A 1 113 ? 5.437   11.925  -6.872  1.00 10.24 ? 109 GLU A N   1 
ATOM   919  C CA  A GLU A 1 113 ? 5.631   12.365  -8.266  0.50 11.02 ? 109 GLU A CA  1 
ATOM   920  C CA  B GLU A 1 113 ? 5.681   12.397  -8.211  0.50 11.01 ? 109 GLU A CA  1 
ATOM   921  C C   . GLU A 1 113 ? 4.752   13.577  -8.464  1.00 9.22  ? 109 GLU A C   1 
ATOM   922  O O   . GLU A 1 113 ? 3.523   13.459  -8.411  1.00 9.86  ? 109 GLU A O   1 
ATOM   923  C CB  A GLU A 1 113 ? 5.211   11.283  -9.279  0.50 13.40 ? 109 GLU A CB  1 
ATOM   924  C CB  B GLU A 1 113 ? 5.465   11.281  -9.212  0.50 13.45 ? 109 GLU A CB  1 
ATOM   925  C CG  A GLU A 1 113 ? 6.085   10.031  -9.244  0.50 15.13 ? 109 GLU A CG  1 
ATOM   926  C CG  B GLU A 1 113 ? 5.455   11.741  -10.641 0.50 15.25 ? 109 GLU A CG  1 
ATOM   927  C CD  A GLU A 1 113 ? 5.761   9.029   -10.324 0.50 17.99 ? 109 GLU A CD  1 
ATOM   928  C CD  B GLU A 1 113 ? 4.811   10.725  -11.597 0.50 18.64 ? 109 GLU A CD  1 
ATOM   929  O OE1 A GLU A 1 113 ? 4.936   9.333   -11.228 0.50 21.87 ? 109 GLU A OE1 1 
ATOM   930  O OE1 B GLU A 1 113 ? 5.240   9.559   -11.616 0.50 24.15 ? 109 GLU A OE1 1 
ATOM   931  O OE2 A GLU A 1 113 ? 6.305   7.909   -10.187 0.50 21.30 ? 109 GLU A OE2 1 
ATOM   932  O OE2 B GLU A 1 113 ? 3.879   11.087  -12.349 0.50 22.68 ? 109 GLU A OE2 1 
ATOM   933  N N   . ASP A 1 114 ? 5.342   14.776  -8.669  1.00 8.67  ? 110 ASP A N   1 
ATOM   934  C CA  . ASP A 1 114 ? 4.601   16.018  -8.724  1.00 9.71  ? 110 ASP A CA  1 
ATOM   935  C C   . ASP A 1 114 ? 3.795   16.094  -7.420  1.00 8.68  ? 110 ASP A C   1 
ATOM   936  O O   . ASP A 1 114 ? 4.331   15.905  -6.370  1.00 9.40  ? 110 ASP A O   1 
ATOM   937  C CB  . ASP A 1 114 ? 3.801   16.116  -10.016 1.00 11.21 ? 110 ASP A CB  1 
ATOM   938  C CG  . ASP A 1 114 ? 4.685   16.000  -11.234 1.00 13.84 ? 110 ASP A CG  1 
ATOM   939  O OD1 . ASP A 1 114 ? 5.759   16.657  -11.248 1.00 17.02 ? 110 ASP A OD1 1 
ATOM   940  O OD2 . ASP A 1 114 ? 4.383   15.334  -12.233 1.00 19.19 ? 110 ASP A OD2 1 
ATOM   941  N N   . ASP A 1 115 ? 2.488   16.443  -7.460  1.00 10.06 ? 111 ASP A N   1 
ATOM   942  C CA  . ASP A 1 115 ? 1.660   16.536  -6.311  1.00 11.16 ? 111 ASP A CA  1 
ATOM   943  C C   . ASP A 1 115 ? 0.974   15.221  -5.968  1.00 11.23 ? 111 ASP A C   1 
ATOM   944  O O   . ASP A 1 115 ? 0.094   15.194  -5.064  1.00 14.53 ? 111 ASP A O   1 
ATOM   945  C CB  . ASP A 1 115 ? 0.674   17.691  -6.471  1.00 11.41 ? 111 ASP A CB  1 
ATOM   946  C CG  . ASP A 1 115 ? 1.351   19.036  -6.270  1.00 12.64 ? 111 ASP A CG  1 
ATOM   947  O OD1 . ASP A 1 115 ? 2.182   19.157  -5.397  1.00 15.64 ? 111 ASP A OD1 1 
ATOM   948  O OD2 . ASP A 1 115 ? 0.941   19.959  -6.924  1.00 16.63 ? 111 ASP A OD2 1 
ATOM   949  N N   . LYS A 1 116 ? 1.370   14.141  -6.576  1.00 10.20 ? 112 LYS A N   1 
ATOM   950  C CA  . LYS A 1 116 ? 0.715   12.852  -6.377  1.00 9.86  ? 112 LYS A CA  1 
ATOM   951  C C   . LYS A 1 116 ? 1.623   11.912  -5.546  1.00 8.89  ? 112 LYS A C   1 
ATOM   952  O O   . LYS A 1 116 ? 2.838   12.060  -5.453  1.00 9.36  ? 112 LYS A O   1 
ATOM   953  C CB  . LYS A 1 116 ? 0.517   12.208  -7.733  1.00 12.60 ? 112 LYS A CB  1 
ATOM   954  C CG  . LYS A 1 116 ? -0.384  12.948  -8.714  1.00 16.51 ? 112 LYS A CG  1 
ATOM   955  C CD  . LYS A 1 116 ? -0.260  12.456  -10.139 1.00 21.93 ? 112 LYS A CD  1 
ATOM   956  C CE  . LYS A 1 116 ? -1.094  13.324  -11.099 1.00 27.32 ? 112 LYS A CE  1 
ATOM   957  N NZ  . LYS A 1 116 ? -1.861  12.483  -12.066 1.00 33.86 ? 112 LYS A NZ  1 
ATOM   958  N N   . LEU A 1 117 ? 0.937   10.951  -4.940  1.00 8.77  ? 113 LEU A N   1 
ATOM   959  C CA  . LEU A 1 117 ? 1.584   9.785   -4.369  1.00 9.48  ? 113 LEU A CA  1 
ATOM   960  C C   . LEU A 1 117 ? 1.213   8.621   -5.235  1.00 8.72  ? 113 LEU A C   1 
ATOM   961  O O   . LEU A 1 117 ? 0.036   8.314   -5.383  1.00 10.03 ? 113 LEU A O   1 
ATOM   962  C CB  . LEU A 1 117 ? 1.179   9.706   -2.903  1.00 11.54 ? 113 LEU A CB  1 
ATOM   963  C CG  . LEU A 1 117 ? 2.058   8.725   -2.042  1.00 15.23 ? 113 LEU A CG  1 
ATOM   964  C CD1 . LEU A 1 117 ? 1.775   9.027   -0.600  1.00 15.36 ? 113 LEU A CD1 1 
ATOM   965  C CD2 . LEU A 1 117 ? 1.690   7.317   -2.432  1.00 18.34 ? 113 LEU A CD2 1 
ATOM   966  N N   . VAL A 1 118 ? 2.179   8.009   -5.888  1.00 8.71  ? 114 VAL A N   1 
ATOM   967  C CA  . VAL A 1 118 ? 1.949   6.973   -6.861  1.00 9.60  ? 114 VAL A CA  1 
ATOM   968  C C   . VAL A 1 118 ? 2.364   5.647   -6.246  1.00 8.60  ? 114 VAL A C   1 
ATOM   969  O O   . VAL A 1 118 ? 3.473   5.544   -5.637  1.00 9.53  ? 114 VAL A O   1 
ATOM   970  C CB  . VAL A 1 118 ? 2.738   7.213   -8.138  1.00 10.55 ? 114 VAL A CB  1 
ATOM   971  C CG1 . VAL A 1 118 ? 2.558   6.087   -9.108  1.00 12.81 ? 114 VAL A CG1 1 
ATOM   972  C CG2 . VAL A 1 118 ? 2.337   8.526   -8.761  1.00 12.58 ? 114 VAL A CG2 1 
ATOM   973  N N   . VAL A 1 119 ? 1.485   4.662   -6.321  1.00 8.06  ? 115 VAL A N   1 
ATOM   974  C CA  . VAL A 1 119 ? 1.719   3.363   -5.689  1.00 7.61  ? 115 VAL A CA  1 
ATOM   975  C C   . VAL A 1 119 ? 1.716   2.297   -6.769  1.00 7.49  ? 115 VAL A C   1 
ATOM   976  O O   . VAL A 1 119 ? 0.702   2.150   -7.500  1.00 9.32  ? 115 VAL A O   1 
ATOM   977  C CB  . VAL A 1 119 ? 0.676   3.041   -4.625  1.00 8.87  ? 115 VAL A CB  1 
ATOM   978  C CG1 . VAL A 1 119 ? 1.093   1.724   -3.931  1.00 9.88  ? 115 VAL A CG1 1 
ATOM   979  C CG2 . VAL A 1 119 ? 0.501   4.210   -3.665  1.00 9.70  ? 115 VAL A CG2 1 
ATOM   980  N N   . GLU A 1 120 ? 2.790   1.540   -6.906  1.00 7.50  ? 116 GLU A N   1 
ATOM   981  C CA  . GLU A 1 120 ? 2.900   0.452   -7.858  1.00 8.48  ? 116 GLU A CA  1 
ATOM   982  C C   . GLU A 1 120 ? 2.971   -0.846  -7.128  1.00 7.39  ? 116 GLU A C   1 
ATOM   983  O O   . GLU A 1 120 ? 3.830   -1.050  -6.254  1.00 8.57  ? 116 GLU A O   1 
ATOM   984  C CB  . GLU A 1 120 ? 4.173   0.653   -8.647  1.00 9.87  ? 116 GLU A CB  1 
ATOM   985  C CG  . GLU A 1 120 ? 4.080   1.863   -9.556  1.00 14.66 ? 116 GLU A CG  1 
ATOM   986  C CD  . GLU A 1 120 ? 5.410   2.275   -10.136 1.00 17.95 ? 116 GLU A CD  1 
ATOM   987  O OE1 . GLU A 1 120 ? 6.486   1.727   -9.726  1.00 23.91 ? 116 GLU A OE1 1 
ATOM   988  O OE2 . GLU A 1 120 ? 5.388   3.269   -10.928 1.00 22.52 ? 116 GLU A OE2 1 
ATOM   989  N N   . CYS A 1 121 ? 2.048   -1.745  -7.437  1.00 7.70  ? 117 CYS A N   1 
ATOM   990  C CA  A CYS A 1 121 ? 1.970   -3.072  -6.826  0.50 7.32  ? 117 CYS A CA  1 
ATOM   991  C CA  B CYS A 1 121 ? 2.001   -3.059  -6.821  0.50 7.99  ? 117 CYS A CA  1 
ATOM   992  C C   . CYS A 1 121 ? 2.367   -4.082  -7.890  1.00 7.33  ? 117 CYS A C   1 
ATOM   993  O O   . CYS A 1 121 ? 1.744   -4.099  -8.969  1.00 7.94  ? 117 CYS A O   1 
ATOM   994  C CB  A CYS A 1 121 ? 0.539   -3.347  -6.334  0.50 7.87  ? 117 CYS A CB  1 
ATOM   995  C CB  B CYS A 1 121 ? 0.598   -3.329  -6.248  0.50 9.35  ? 117 CYS A CB  1 
ATOM   996  S SG  A CYS A 1 121 ? 0.025   -2.334  -4.985  0.50 7.41  ? 117 CYS A SG  1 
ATOM   997  S SG  B CYS A 1 121 ? -0.220  -1.917  -5.464  0.50 12.09 ? 117 CYS A SG  1 
ATOM   998  N N   . VAL A 1 122 ? 3.332   -4.968  -7.609  1.00 7.30  ? 118 VAL A N   1 
ATOM   999  C CA  . VAL A 1 122 ? 3.822   -5.915  -8.601  1.00 7.88  ? 118 VAL A CA  1 
ATOM   1000 C C   . VAL A 1 122 ? 3.781   -7.301  -8.028  1.00 8.02  ? 118 VAL A C   1 
ATOM   1001 O O   . VAL A 1 122 ? 4.251   -7.565  -6.892  1.00 8.10  ? 118 VAL A O   1 
ATOM   1002 C CB  . VAL A 1 122 ? 5.280   -5.583  -8.983  1.00 9.91  ? 118 VAL A CB  1 
ATOM   1003 C CG1 . VAL A 1 122 ? 5.866   -6.647  -9.899  1.00 12.00 ? 118 VAL A CG1 1 
ATOM   1004 C CG2 . VAL A 1 122 ? 5.373   -4.225  -9.638  1.00 11.80 ? 118 VAL A CG2 1 
ATOM   1005 N N   . MET A 1 123 ? 3.214   -8.202  -8.767  1.00 8.49  ? 119 MET A N   1 
ATOM   1006 C CA  A MET A 1 123 ? 3.131   -9.637  -8.440  0.70 9.95  ? 119 MET A CA  1 
ATOM   1007 C CA  B MET A 1 123 ? 3.476   -9.573  -8.502  0.30 9.33  ? 119 MET A CA  1 
ATOM   1008 C C   . MET A 1 123 ? 3.615   -10.344 -9.737  1.00 10.01 ? 119 MET A C   1 
ATOM   1009 O O   . MET A 1 123 ? 2.949   -10.212 -10.740 1.00 11.74 ? 119 MET A O   1 
ATOM   1010 C CB  A MET A 1 123 ? 1.698   -10.059 -8.002  0.70 9.67  ? 119 MET A CB  1 
ATOM   1011 C CB  B MET A 1 123 ? 2.361   -10.188 -7.783  0.30 9.41  ? 119 MET A CB  1 
ATOM   1012 C CG  A MET A 1 123 ? 1.605   -11.553 -7.693  0.70 10.52 ? 119 MET A CG  1 
ATOM   1013 C CG  B MET A 1 123 ? 2.505   -11.694 -7.622  0.30 9.83  ? 119 MET A CG  1 
ATOM   1014 S SD  A MET A 1 123 ? 2.620   -11.989 -6.279  0.70 11.75 ? 119 MET A SD  1 
ATOM   1015 S SD  B MET A 1 123 ? 1.713   -12.102 -6.070  0.30 10.87 ? 119 MET A SD  1 
ATOM   1016 C CE  A MET A 1 123 ? 2.485   -13.737 -6.211  0.70 13.23 ? 119 MET A CE  1 
ATOM   1017 C CE  B MET A 1 123 ? 1.906   -13.854 -5.775  0.30 10.47 ? 119 MET A CE  1 
ATOM   1018 N N   . LYS A 1 124 ? 4.798   -10.988 -9.734  1.00 12.58 ? 120 LYS A N   1 
ATOM   1019 C CA  . LYS A 1 124 ? 5.383   -11.620 -10.910 1.00 13.41 ? 120 LYS A CA  1 
ATOM   1020 C C   . LYS A 1 124 ? 5.432   -10.581 -12.004 1.00 12.78 ? 120 LYS A C   1 
ATOM   1021 O O   . LYS A 1 124 ? 6.057   -9.524  -11.901 1.00 13.85 ? 120 LYS A O   1 
ATOM   1022 C CB  . LYS A 1 124 ? 4.513   -12.868 -11.130 1.00 13.71 ? 120 LYS A CB  1 
ATOM   1023 C CG  . LYS A 1 124 ? 4.780   -13.959 -10.087 1.00 17.72 ? 120 LYS A CG  1 
ATOM   1024 C CD  . LYS A 1 124 ? 4.073   -15.236 -10.462 1.00 22.40 ? 120 LYS A CD  1 
ATOM   1025 C CE  . LYS A 1 124 ? 2.664   -15.314 -9.946  1.00 25.39 ? 120 LYS A CE  1 
ATOM   1026 N NZ  . LYS A 1 124 ? 2.080   -16.579 -10.493 1.00 29.79 ? 120 LYS A NZ  1 
ATOM   1027 N N   . GLY A 1 125 ? 4.792   -10.871 -13.104 1.00 13.51 ? 121 GLY A N   1 
ATOM   1028 C CA  . GLY A 1 125 ? 4.813   -10.008 -14.250 1.00 12.13 ? 121 GLY A CA  1 
ATOM   1029 C C   . GLY A 1 125 ? 3.714   -8.947  -14.294 1.00 10.12 ? 121 GLY A C   1 
ATOM   1030 O O   . GLY A 1 125 ? 3.634   -8.247  -15.270 1.00 10.79 ? 121 GLY A O   1 
ATOM   1031 N N   . VAL A 1 126 ? 2.854   -8.912  -13.254 1.00 9.44  ? 122 VAL A N   1 
ATOM   1032 C CA  . VAL A 1 126 ? 1.682   -8.044  -13.302 1.00 8.38  ? 122 VAL A CA  1 
ATOM   1033 C C   . VAL A 1 126 ? 1.839   -6.837  -12.388 1.00 8.65  ? 122 VAL A C   1 
ATOM   1034 O O   . VAL A 1 126 ? 2.150   -7.018  -11.161 1.00 9.34  ? 122 VAL A O   1 
ATOM   1035 C CB  . VAL A 1 126 ? 0.430   -8.826  -12.852 1.00 9.34  ? 122 VAL A CB  1 
ATOM   1036 C CG1 . VAL A 1 126 ? -0.773  -7.937  -12.847 1.00 10.75 ? 122 VAL A CG1 1 
ATOM   1037 C CG2 . VAL A 1 126 ? 0.241   -10.036 -13.819 1.00 11.90 ? 122 VAL A CG2 1 
ATOM   1038 N N   . THR A 1 127 ? 1.691   -5.650  -12.941 1.00 8.03  ? 123 THR A N   1 
ATOM   1039 C CA  . THR A 1 127 ? 1.763   -4.411  -12.167 1.00 8.82  ? 123 THR A CA  1 
ATOM   1040 C C   . THR A 1 127 ? 0.483   -3.680  -12.163 1.00 9.65  ? 123 THR A C   1 
ATOM   1041 O O   . THR A 1 127 ? -0.314  -3.707  -13.162 1.00 11.16 ? 123 THR A O   1 
ATOM   1042 C CB  . THR A 1 127 ? 2.824   -3.487  -12.763 1.00 10.82 ? 123 THR A CB  1 
ATOM   1043 O OG1 . THR A 1 127 ? 4.006   -4.170  -12.864 1.00 16.09 ? 123 THR A OG1 1 
ATOM   1044 C CG2 . THR A 1 127 ? 3.071   -2.262  -11.957 1.00 10.44 ? 123 THR A CG2 1 
ATOM   1045 N N   . SER A 1 128 ? 0.130   -3.073  -11.058 1.00 9.91  ? 124 SER A N   1 
ATOM   1046 C CA  . SER A 1 128 ? -0.990  -2.127  -10.965 1.00 9.27  ? 124 SER A CA  1 
ATOM   1047 C C   . SER A 1 128 ? -0.470  -0.819  -10.461 1.00 8.42  ? 124 SER A C   1 
ATOM   1048 O O   . SER A 1 128 ? 0.418   -0.757  -9.590  1.00 10.14 ? 124 SER A O   1 
ATOM   1049 C CB  . SER A 1 128 ? -2.024  -2.672  -10.047 1.00 10.05 ? 124 SER A CB  1 
ATOM   1050 O OG  . SER A 1 128 ? -2.988  -1.730  -9.642  1.00 10.63 ? 124 SER A OG  1 
ATOM   1051 N N   . THR A 1 129 ? -0.998  0.284   -10.994 1.00 8.50  ? 125 THR A N   1 
ATOM   1052 C CA  . THR A 1 129 ? -0.658  1.598   -10.563 1.00 8.78  ? 125 THR A CA  1 
ATOM   1053 C C   . THR A 1 129 ? -1.877  2.294   -9.981  1.00 8.79  ? 125 THR A C   1 
ATOM   1054 O O   . THR A 1 129 ? -2.941  2.361   -10.661 1.00 9.53  ? 125 THR A O   1 
ATOM   1055 C CB  . THR A 1 129 ? -0.157  2.416   -11.753 1.00 11.36 ? 125 THR A CB  1 
ATOM   1056 O OG1 . THR A 1 129 ? 1.043   1.766   -12.253 1.00 15.65 ? 125 THR A OG1 1 
ATOM   1057 C CG2 . THR A 1 129 ? 0.193   3.862   -11.381 1.00 14.48 ? 125 THR A CG2 1 
ATOM   1058 N N   . ARG A 1 130 ? -1.725  2.840   -8.759  1.00 8.49  ? 126 ARG A N   1 
ATOM   1059 C CA  . ARG A 1 130 ? -2.802  3.554   -8.042  1.00 9.30  ? 126 ARG A CA  1 
ATOM   1060 C C   . ARG A 1 130 ? -2.281  4.926   -7.707  1.00 8.68  ? 126 ARG A C   1 
ATOM   1061 O O   . ARG A 1 130 ? -1.156  5.067   -7.163  1.00 11.35 ? 126 ARG A O   1 
ATOM   1062 C CB  . ARG A 1 130 ? -3.220  2.784   -6.838  1.00 10.51 ? 126 ARG A CB  1 
ATOM   1063 C CG  . ARG A 1 130 ? -4.115  1.638   -7.367  1.00 12.67 ? 126 ARG A CG  1 
ATOM   1064 C CD  . ARG A 1 130 ? -4.399  0.566   -6.420  1.00 12.64 ? 126 ARG A CD  1 
ATOM   1065 N NE  . ARG A 1 130 ? -5.230  0.959   -5.295  1.00 12.60 ? 126 ARG A NE  1 
ATOM   1066 C CZ  . ARG A 1 130 ? -6.554  0.743   -5.204  1.00 12.57 ? 126 ARG A CZ  1 
ATOM   1067 N NH1 . ARG A 1 130 ? -7.305  0.476   -6.231  1.00 12.46 ? 126 ARG A NH1 1 
ATOM   1068 N NH2 . ARG A 1 130 ? -7.081  0.949   -4.029  1.00 14.01 ? 126 ARG A NH2 1 
ATOM   1069 N N   . VAL A 1 131 ? -3.021  5.955   -8.079  1.00 8.40  ? 127 VAL A N   1 
ATOM   1070 C CA  . VAL A 1 131 ? -2.584  7.329   -7.885  1.00 8.61  ? 127 VAL A CA  1 
ATOM   1071 C C   . VAL A 1 131 ? -3.410  8.004   -6.852  1.00 8.49  ? 127 VAL A C   1 
ATOM   1072 O O   . VAL A 1 131 ? -4.644  7.943   -6.918  1.00 8.95  ? 127 VAL A O   1 
ATOM   1073 C CB  . VAL A 1 131 ? -2.644  8.128   -9.200  1.00 10.00 ? 127 VAL A CB  1 
ATOM   1074 C CG1 . VAL A 1 131 ? -2.236  9.576   -8.969  1.00 12.19 ? 127 VAL A CG1 1 
ATOM   1075 C CG2 . VAL A 1 131 ? -1.805  7.457   -10.273 1.00 12.33 ? 127 VAL A CG2 1 
ATOM   1076 N N   . TYR A 1 132 ? -2.767  8.595   -5.878  1.00 8.14  ? 128 TYR A N   1 
ATOM   1077 C CA  . TYR A 1 132 ? -3.359  9.344   -4.798  1.00 8.36  ? 128 TYR A CA  1 
ATOM   1078 C C   . TYR A 1 132 ? -3.002  10.847  -4.906  1.00 9.28  ? 128 TYR A C   1 
ATOM   1079 O O   . TYR A 1 132 ? -1.896  11.199  -5.330  1.00 9.57  ? 128 TYR A O   1 
ATOM   1080 C CB  . TYR A 1 132 ? -2.932  8.853   -3.440  1.00 8.18  ? 128 TYR A CB  1 
ATOM   1081 C CG  . TYR A 1 132 ? -3.516  7.540   -3.014  1.00 8.28  ? 128 TYR A CG  1 
ATOM   1082 C CD1 . TYR A 1 132 ? -3.080  6.334   -3.564  1.00 8.68  ? 128 TYR A CD1 1 
ATOM   1083 C CD2 . TYR A 1 132 ? -4.534  7.518   -2.060  1.00 8.87  ? 128 TYR A CD2 1 
ATOM   1084 C CE1 . TYR A 1 132 ? -3.715  5.130   -3.140  1.00 10.09 ? 128 TYR A CE1 1 
ATOM   1085 C CE2 . TYR A 1 132 ? -5.132  6.326   -1.667  1.00 9.58  ? 128 TYR A CE2 1 
ATOM   1086 C CZ  . TYR A 1 132 ? -4.717  5.172   -2.227  1.00 11.03 ? 128 TYR A CZ  1 
ATOM   1087 O OH  . TYR A 1 132 ? -5.431  4.021   -1.829  1.00 12.51 ? 128 TYR A OH  1 
ATOM   1088 N N   . GLU A 1 133 ? -3.948  11.704  -4.533  1.00 9.94  ? 129 GLU A N   1 
ATOM   1089 C CA  A GLU A 1 133 ? -3.800  13.158  -4.451  0.70 11.01 ? 129 GLU A CA  1 
ATOM   1090 C CA  B GLU A 1 133 ? -3.564  13.133  -4.374  0.30 10.28 ? 129 GLU A CA  1 
ATOM   1091 C C   . GLU A 1 133 ? -4.050  13.587  -3.016  1.00 10.01 ? 129 GLU A C   1 
ATOM   1092 O O   . GLU A 1 133 ? -4.702  12.897  -2.270  1.00 9.20  ? 129 GLU A O   1 
ATOM   1093 C CB  A GLU A 1 133 ? -4.712  13.877  -5.462  0.70 13.71 ? 129 GLU A CB  1 
ATOM   1094 C CB  B GLU A 1 133 ? -4.137  14.020  -5.437  0.30 10.96 ? 129 GLU A CB  1 
ATOM   1095 C CG  A GLU A 1 133 ? -3.814  13.808  -6.747  0.70 18.11 ? 129 GLU A CG  1 
ATOM   1096 C CG  B GLU A 1 133 ? -5.633  13.999  -5.274  0.30 11.39 ? 129 GLU A CG  1 
ATOM   1097 C CD  A GLU A 1 133 ? -4.416  14.205  -8.077  0.70 21.28 ? 129 GLU A CD  1 
ATOM   1098 C CD  B GLU A 1 133 ? -6.362  14.823  -6.334  0.30 14.12 ? 129 GLU A CD  1 
ATOM   1099 O OE1 A GLU A 1 133 ? -5.602  14.560  -8.175  0.70 26.44 ? 129 GLU A OE1 1 
ATOM   1100 O OE1 B GLU A 1 133 ? -5.767  15.084  -7.376  0.30 15.45 ? 129 GLU A OE1 1 
ATOM   1101 O OE2 A GLU A 1 133 ? -3.632  14.112  -9.047  0.70 23.43 ? 129 GLU A OE2 1 
ATOM   1102 O OE2 B GLU A 1 133 ? -7.536  15.185  -6.172  0.30 17.29 ? 129 GLU A OE2 1 
ATOM   1103 N N   . ARG A 1 134 ? -3.592  14.781  -2.601  1.00 10.13 ? 130 ARG A N   1 
ATOM   1104 C CA  . ARG A 1 134 ? -3.834  15.254  -1.255  1.00 10.04 ? 130 ARG A CA  1 
ATOM   1105 C C   . ARG A 1 134 ? -5.297  15.440  -1.072  1.00 11.56 ? 130 ARG A C   1 
ATOM   1106 O O   . ARG A 1 134 ? -6.026  15.957  -1.953  1.00 12.57 ? 130 ARG A O   1 
ATOM   1107 C CB  . ARG A 1 134 ? -3.071  16.550  -0.953  1.00 13.84 ? 130 ARG A CB  1 
ATOM   1108 C CG  . ARG A 1 134 ? -1.572  16.292  -0.698  1.00 16.61 ? 130 ARG A CG  1 
ATOM   1109 C CD  . ARG A 1 134 ? -0.867  17.402  0.047   1.00 16.52 ? 130 ARG A CD  1 
ATOM   1110 N NE  . ARG A 1 134 ? 0.570   17.191  0.089   1.00 16.80 ? 130 ARG A NE  1 
ATOM   1111 C CZ  . ARG A 1 134 ? 1.214   16.476  1.020   1.00 14.48 ? 130 ARG A CZ  1 
ATOM   1112 N NH1 . ARG A 1 134 ? 0.590   15.865  2.034   1.00 12.67 ? 130 ARG A NH1 1 
ATOM   1113 N NH2 . ARG A 1 134 ? 2.546   16.430  0.940   1.00 15.82 ? 130 ARG A NH2 1 
ATOM   1114 N N   . ALA A 1 135 ? -5.754  15.057  0.073   1.00 12.10 ? 131 ALA A N   1 
ATOM   1115 C CA  . ALA A 1 135 ? -7.175  15.163  0.406   1.00 16.30 ? 131 ALA A CA  1 
ATOM   1116 C C   . ALA A 1 135 ? -7.529  16.595  0.777   1.00 20.08 ? 131 ALA A C   1 
ATOM   1117 O O   . ALA A 1 135 ? -6.692  17.440  0.992   1.00 23.20 ? 131 ALA A O   1 
ATOM   1118 C CB  . ALA A 1 135 ? -7.544  14.150  1.456   1.00 19.59 ? 131 ALA A CB  1 
ATOM   1119 O OXT . ALA A 1 135 ? -8.734  16.944  0.679   1.00 28.32 ? 131 ALA A OXT 1 
HETATM 1120 C C10 A IZ7 B 2 .   ? -5.065  -5.621  -1.647  0.50 14.06 ? 201 IZ7 A C10 1 
HETATM 1121 C C10 B IZ7 B 2 .   ? -5.147  -5.581  -1.446  0.50 14.59 ? 201 IZ7 A C10 1 
HETATM 1122 C C13 A IZ7 B 2 .   ? -7.361  -6.497  -2.194  0.50 15.62 ? 201 IZ7 A C13 1 
HETATM 1123 C C13 B IZ7 B 2 .   ? -7.647  -6.276  -1.717  0.50 16.51 ? 201 IZ7 A C13 1 
HETATM 1124 C C15 A IZ7 B 2 .   ? -4.507  -6.881  -2.281  0.50 14.30 ? 201 IZ7 A C15 1 
HETATM 1125 C C15 B IZ7 B 2 .   ? -4.716  -6.976  -1.784  0.50 15.86 ? 201 IZ7 A C15 1 
HETATM 1126 C C16 A IZ7 B 2 .   ? -2.257  -4.566  -2.464  0.50 15.75 ? 201 IZ7 A C16 1 
HETATM 1127 C C16 B IZ7 B 2 .   ? -2.243  -4.460  -2.397  0.50 15.54 ? 201 IZ7 A C16 1 
HETATM 1128 C C17 A IZ7 B 2 .   ? -1.881  -1.323  -1.286  0.50 13.69 ? 201 IZ7 A C17 1 
HETATM 1129 C C17 B IZ7 B 2 .   ? -2.204  -0.808  -1.983  0.50 10.76 ? 201 IZ7 A C17 1 
HETATM 1130 C C18 A IZ7 B 2 .   ? -1.345  -0.304  -2.203  0.50 13.69 ? 201 IZ7 A C18 1 
HETATM 1131 C C18 B IZ7 B 2 .   ? -2.157  0.161   -3.079  0.50 12.53 ? 201 IZ7 A C18 1 
HETATM 1132 C C19 A IZ7 B 2 .   ? -0.914  -1.802  -0.276  0.50 14.89 ? 201 IZ7 A C19 1 
HETATM 1133 C C19 B IZ7 B 2 .   ? -0.904  -1.026  -1.258  0.50 12.95 ? 201 IZ7 A C19 1 
HETATM 1134 C C20 A IZ7 B 2 .   ? -2.415  0.229   -3.101  0.50 13.82 ? 201 IZ7 A C20 1 
HETATM 1135 C C20 B IZ7 B 2 .   ? -2.041  1.535   -2.559  0.50 12.29 ? 201 IZ7 A C20 1 
HETATM 1136 C C21 A IZ7 B 2 .   ? -3.344  1.311   -2.367  0.50 12.83 ? 201 IZ7 A C21 1 
HETATM 1137 C C21 B IZ7 B 2 .   ? -3.327  1.864   -1.787  0.50 13.41 ? 201 IZ7 A C21 1 
HETATM 1138 C C23 A IZ7 B 2 .   ? -6.427  -0.964  0.589   0.50 18.01 ? 201 IZ7 A C23 1 
HETATM 1139 C C23 B IZ7 B 2 .   ? -6.500  -0.567  -0.213  0.50 13.95 ? 201 IZ7 A C23 1 
HETATM 1140 C C1  A IZ7 B 2 .   ? -6.090  -3.254  -0.556  0.50 15.54 ? 201 IZ7 A C1  1 
HETATM 1141 C C1  B IZ7 B 2 .   ? -6.071  -3.050  -0.807  0.50 13.99 ? 201 IZ7 A C1  1 
HETATM 1142 C C2  A IZ7 B 2 .   ? -4.706  -3.488  -0.600  0.50 14.73 ? 201 IZ7 A C2  1 
HETATM 1143 C C2  B IZ7 B 2 .   ? -4.690  -3.311  -0.813  0.50 13.50 ? 201 IZ7 A C2  1 
HETATM 1144 C C3  A IZ7 B 2 .   ? -6.951  -4.231  -1.049  0.50 16.29 ? 201 IZ7 A C3  1 
HETATM 1145 C C3  B IZ7 B 2 .   ? -6.950  -4.055  -1.122  0.50 15.24 ? 201 IZ7 A C3  1 
HETATM 1146 C C4  A IZ7 B 2 .   ? -6.842  -2.225  -0.070  0.50 18.54 ? 201 IZ7 A C4  1 
HETATM 1147 C C4  B IZ7 B 2 .   ? -6.839  -1.956  -0.576  0.50 14.04 ? 201 IZ7 A C4  1 
HETATM 1148 C C5  A IZ7 B 2 .   ? -4.241  -4.656  -1.139  0.50 14.06 ? 201 IZ7 A C5  1 
HETATM 1149 C C5  B IZ7 B 2 .   ? -4.261  -4.580  -1.111  0.50 13.67 ? 201 IZ7 A C5  1 
HETATM 1150 C C6  A IZ7 B 2 .   ? -3.711  -2.438  -0.062  0.50 14.70 ? 201 IZ7 A C6  1 
HETATM 1151 C C6  B IZ7 B 2 .   ? -3.649  -2.216  -0.484  0.50 13.70 ? 201 IZ7 A C6  1 
HETATM 1152 C C7  A IZ7 B 2 .   ? -6.430  -5.412  -1.603  0.50 14.56 ? 201 IZ7 A C7  1 
HETATM 1153 C C7  B IZ7 B 2 .   ? -6.502  -5.300  -1.423  0.50 14.69 ? 201 IZ7 A C7  1 
HETATM 1154 O O8  A IZ7 B 2 .   ? -8.210  -3.776  -0.859  0.50 18.35 ? 201 IZ7 A O8  1 
HETATM 1155 O O8  B IZ7 B 2 .   ? -8.201  -3.606  -1.063  0.50 16.87 ? 201 IZ7 A O8  1 
HETATM 1156 N N9  A IZ7 B 2 .   ? -8.167  -2.560  -0.247  0.50 19.71 ? 201 IZ7 A N9  1 
HETATM 1157 N N9  B IZ7 B 2 .   ? -8.156  -2.292  -0.740  0.50 16.75 ? 201 IZ7 A N9  1 
HETATM 1158 O O11 A IZ7 B 2 .   ? -2.884  -4.896  -1.217  0.50 14.65 ? 201 IZ7 A O11 1 
HETATM 1159 O O11 B IZ7 B 2 .   ? -2.896  -4.828  -1.165  0.50 14.27 ? 201 IZ7 A O11 1 
HETATM 1160 C C12 A IZ7 B 2 .   ? -3.241  -1.541  -1.196  0.50 14.86 ? 201 IZ7 A C12 1 
HETATM 1161 C C12 B IZ7 B 2 .   ? -3.471  -1.244  -1.629  0.50 12.88 ? 201 IZ7 A C12 1 
HETATM 1162 O O22 A IZ7 B 2 .   ? -4.410  1.696   -2.876  0.50 12.50 ? 201 IZ7 A O22 1 
HETATM 1163 O O22 B IZ7 B 2 .   ? -4.352  1.912   -2.482  0.50 12.43 ? 201 IZ7 A O22 1 
HETATM 1164 O O23 A IZ7 B 2 .   ? -3.056  1.832   -1.255  0.50 14.86 ? 201 IZ7 A O23 1 
HETATM 1165 O O23 B IZ7 B 2 .   ? -3.336  1.981   -0.554  0.50 12.96 ? 201 IZ7 A O23 1 
HETATM 1166 S S   . SO4 C 3 .   ? -8.752  -1.405  -11.718 1.00 19.41 ? 202 SO4 A S   1 
HETATM 1167 O O1  . SO4 C 3 .   ? -7.557  -0.854  -11.359 1.00 13.70 ? 202 SO4 A O1  1 
HETATM 1168 O O2  . SO4 C 3 .   ? -9.680  -0.882  -10.636 1.00 25.15 ? 202 SO4 A O2  1 
HETATM 1169 O O3  . SO4 C 3 .   ? -9.296  -0.796  -13.005 1.00 21.31 ? 202 SO4 A O3  1 
HETATM 1170 O O4  . SO4 C 3 .   ? -8.861  -2.906  -11.918 1.00 19.31 ? 202 SO4 A O4  1 
HETATM 1171 S S   . SO4 D 3 .   ? 3.788   19.191  -1.420  1.00 24.16 ? 203 SO4 A S   1 
HETATM 1172 O O1  . SO4 D 3 .   ? 2.329   19.193  -1.015  1.00 25.44 ? 203 SO4 A O1  1 
HETATM 1173 O O2  . SO4 D 3 .   ? 4.529   20.399  -1.032  1.00 23.38 ? 203 SO4 A O2  1 
HETATM 1174 O O3  . SO4 D 3 .   ? 3.826   18.923  -2.877  1.00 27.09 ? 203 SO4 A O3  1 
HETATM 1175 O O4  . SO4 D 3 .   ? 4.385   18.075  -0.573  1.00 23.22 ? 203 SO4 A O4  1 
HETATM 1176 C C   . FMT E 4 .   ? 8.228   -9.561  -5.941  1.00 14.11 ? 204 FMT A C   1 
HETATM 1177 O O1  . FMT E 4 .   ? 8.180   -9.312  -4.629  1.00 17.28 ? 204 FMT A O1  1 
HETATM 1178 O O2  . FMT E 4 .   ? 7.274   -8.886  -6.749  1.00 21.33 ? 204 FMT A O2  1 
HETATM 1179 O O   . HOH F 5 .   ? 5.019   -10.419 14.711  0.20 4.19  ? 301 HOH A O   1 
HETATM 1180 O O   . HOH F 5 .   ? 10.077  -11.776 5.489   1.00 26.13 ? 302 HOH A O   1 
HETATM 1181 O O   . HOH F 5 .   ? -13.505 8.976   -5.309  0.50 21.94 ? 303 HOH A O   1 
HETATM 1182 O O   . HOH F 5 .   ? 1.859   -0.108  -12.978 1.00 22.37 ? 304 HOH A O   1 
HETATM 1183 O O   . HOH F 5 .   ? -4.997  -10.562 -18.030 1.00 27.30 ? 305 HOH A O   1 
HETATM 1184 O O   . HOH F 5 .   ? 2.506   -12.505 9.722   1.00 18.15 ? 306 HOH A O   1 
HETATM 1185 O O   . HOH F 5 .   ? 8.599   13.108  8.854   1.00 20.76 ? 307 HOH A O   1 
HETATM 1186 O O   . HOH F 5 .   ? -10.992 8.737   -0.928  1.00 24.06 ? 308 HOH A O   1 
HETATM 1187 O O   . HOH F 5 .   ? 14.715  12.447  10.921  1.00 27.00 ? 309 HOH A O   1 
HETATM 1188 O O   . HOH F 5 .   ? -18.778 -0.009  3.678   1.00 16.47 ? 310 HOH A O   1 
HETATM 1189 O O   . HOH F 5 .   ? -9.914  -0.608  0.763   1.00 22.18 ? 311 HOH A O   1 
HETATM 1190 O O   . HOH F 5 .   ? 3.815   -5.710  -15.160 1.00 22.87 ? 312 HOH A O   1 
HETATM 1191 O O   . HOH F 5 .   ? 8.814   -7.372  -8.111  1.00 26.51 ? 313 HOH A O   1 
HETATM 1192 O O   . HOH F 5 .   ? -6.743  -5.746  -14.673 1.00 16.71 ? 314 HOH A O   1 
HETATM 1193 O O   . HOH F 5 .   ? 4.668   22.556  -2.427  1.00 17.66 ? 315 HOH A O   1 
HETATM 1194 O O   . HOH F 5 .   ? 5.803   17.935  -13.482 1.00 33.24 ? 316 HOH A O   1 
HETATM 1195 O O   . HOH F 5 .   ? 5.637   4.040   -7.479  1.00 25.81 ? 317 HOH A O   1 
HETATM 1196 O O   . HOH F 5 .   ? 2.464   13.627  -12.523 1.00 24.76 ? 318 HOH A O   1 
HETATM 1197 O O   . HOH F 5 .   ? 4.103   15.929  3.286   1.00 16.16 ? 319 HOH A O   1 
HETATM 1198 O O   . HOH F 5 .   ? 5.375   -12.606 15.261  1.00 20.99 ? 320 HOH A O   1 
HETATM 1199 O O   . HOH F 5 .   ? -5.049  3.153   1.016   1.00 16.32 ? 321 HOH A O   1 
HETATM 1200 O O   . HOH F 5 .   ? -2.817  -10.992 -15.889 1.00 18.88 ? 322 HOH A O   1 
HETATM 1201 O O   . HOH F 5 .   ? -0.139  0.789   14.137  1.00 17.55 ? 323 HOH A O   1 
HETATM 1202 O O   . HOH F 5 .   ? -4.844  -1.725  3.036   1.00 18.13 ? 324 HOH A O   1 
HETATM 1203 O O   . HOH F 5 .   ? -4.369  17.346  2.323   1.00 18.50 ? 325 HOH A O   1 
HETATM 1204 O O   . HOH F 5 .   ? -2.302  16.314  -4.644  1.00 19.69 ? 326 HOH A O   1 
HETATM 1205 O O   . HOH F 5 .   ? 2.309   8.692   13.720  1.00 11.80 ? 327 HOH A O   1 
HETATM 1206 O O   . HOH F 5 .   ? 14.148  -6.913  9.075   1.00 8.84  ? 328 HOH A O   1 
HETATM 1207 O O   . HOH F 5 .   ? 11.980  17.824  4.734   1.00 22.46 ? 329 HOH A O   1 
HETATM 1208 O O   . HOH F 5 .   ? -1.345  -19.041 -0.521  1.00 29.87 ? 330 HOH A O   1 
HETATM 1209 O O   . HOH F 5 .   ? -2.447  -3.854  5.461   1.00 16.71 ? 331 HOH A O   1 
HETATM 1210 O O   . HOH F 5 .   ? 4.714   13.082  14.638  1.00 21.66 ? 332 HOH A O   1 
HETATM 1211 O O   . HOH F 5 .   ? -15.675 3.607   -6.769  1.00 14.92 ? 333 HOH A O   1 
HETATM 1212 O O   . HOH F 5 .   ? 11.171  11.459  12.612  1.00 28.17 ? 334 HOH A O   1 
HETATM 1213 O O   . HOH F 5 .   ? -16.360 -4.650  4.034   1.00 22.21 ? 335 HOH A O   1 
HETATM 1214 O O   . HOH F 5 .   ? -6.462  -13.308 -0.633  1.00 21.71 ? 336 HOH A O   1 
HETATM 1215 O O   . HOH F 5 .   ? 11.226  -6.774  -4.392  1.00 22.03 ? 337 HOH A O   1 
HETATM 1216 O O   . HOH F 5 .   ? -3.427  0.456   1.700   1.00 21.85 ? 338 HOH A O   1 
HETATM 1217 O O   . HOH F 5 .   ? 6.112   -11.705 -7.397  1.00 27.05 ? 339 HOH A O   1 
HETATM 1218 O O   . HOH F 5 .   ? 14.623  6.510   -6.917  1.00 22.72 ? 340 HOH A O   1 
HETATM 1219 O O   . HOH F 5 .   ? 12.218  4.053   10.241  1.00 9.30  ? 341 HOH A O   1 
HETATM 1220 O O   . HOH F 5 .   ? 18.162  3.905   -5.958  1.00 25.71 ? 342 HOH A O   1 
HETATM 1221 O O   . HOH F 5 .   ? -4.415  -0.509  -17.324 1.00 20.54 ? 343 HOH A O   1 
HETATM 1222 O O   . HOH F 5 .   ? 16.527  -0.059  11.581  1.00 21.04 ? 344 HOH A O   1 
HETATM 1223 O O   . HOH F 5 .   ? -11.295 2.319   -6.961  1.00 25.43 ? 345 HOH A O   1 
HETATM 1224 O O   . HOH F 5 .   ? -16.378 1.027   -2.165  1.00 10.36 ? 346 HOH A O   1 
HETATM 1225 O O   . HOH F 5 .   ? -2.397  -15.871 -2.003  1.00 19.67 ? 347 HOH A O   1 
HETATM 1226 O O   . HOH F 5 .   ? -9.779  0.095   -4.600  1.00 12.35 ? 348 HOH A O   1 
HETATM 1227 O O   . HOH F 5 .   ? -10.929 -9.393  3.569   1.00 22.65 ? 349 HOH A O   1 
HETATM 1228 O O   . HOH F 5 .   ? -0.460  -7.008  -1.561  1.00 12.11 ? 350 HOH A O   1 
HETATM 1229 O O   . HOH F 5 .   ? -16.849 -1.590  -2.134  1.00 9.61  ? 351 HOH A O   1 
HETATM 1230 O O   . HOH F 5 .   ? 9.456   9.549   -3.831  1.00 18.83 ? 352 HOH A O   1 
HETATM 1231 O O   . HOH F 5 .   ? -4.300  9.677   -12.327 1.00 24.66 ? 353 HOH A O   1 
HETATM 1232 O O   . HOH F 5 .   ? -9.837  0.163   -7.976  1.00 18.99 ? 354 HOH A O   1 
HETATM 1233 O O   . HOH F 5 .   ? -7.598  -1.241  -15.149 1.00 20.16 ? 355 HOH A O   1 
HETATM 1234 O O   . HOH F 5 .   ? 8.229   17.642  -10.462 1.00 12.91 ? 356 HOH A O   1 
HETATM 1235 O O   . HOH F 5 .   ? 5.809   0.990   -0.271  1.00 8.51  ? 357 HOH A O   1 
HETATM 1236 O O   . HOH F 5 .   ? 14.109  9.268   15.489  1.00 29.55 ? 358 HOH A O   1 
HETATM 1237 O O   . HOH F 5 .   ? -5.533  17.824  -3.946  1.00 25.62 ? 359 HOH A O   1 
HETATM 1238 O O   . HOH F 5 .   ? 4.054   6.619   13.701  1.00 10.12 ? 360 HOH A O   1 
HETATM 1239 O O   . HOH F 5 .   ? 9.692   -1.504  -9.751  1.00 24.55 ? 361 HOH A O   1 
HETATM 1240 O O   . HOH F 5 .   ? -2.370  0.284   5.868   1.00 17.18 ? 362 HOH A O   1 
HETATM 1241 O O   . HOH F 5 .   ? 2.185   10.512  16.976  1.00 14.94 ? 363 HOH A O   1 
HETATM 1242 O O   . HOH F 5 .   ? -8.150  4.525   -14.124 1.00 26.43 ? 364 HOH A O   1 
HETATM 1243 O O   . HOH F 5 .   ? 6.534   -2.831  13.087  1.00 8.13  ? 365 HOH A O   1 
HETATM 1244 O O   A HOH F 5 .   ? -7.820  -0.553  2.893   0.50 13.39 ? 366 HOH A O   1 
HETATM 1245 O O   B HOH F 5 .   ? -8.673  0.431   2.829   0.50 15.88 ? 366 HOH A O   1 
HETATM 1246 O O   . HOH F 5 .   ? -3.284  -11.767 -13.291 1.00 15.16 ? 367 HOH A O   1 
HETATM 1247 O O   . HOH F 5 .   ? -13.548 4.013   6.523   1.00 24.94 ? 368 HOH A O   1 
HETATM 1248 O O   . HOH F 5 .   ? 6.932   -0.992  -9.251  1.00 16.60 ? 369 HOH A O   1 
HETATM 1249 O O   . HOH F 5 .   ? -8.211  -9.388  -17.289 1.00 25.44 ? 370 HOH A O   1 
HETATM 1250 O O   . HOH F 5 .   ? 13.361  -8.413  6.909   1.00 13.71 ? 371 HOH A O   1 
HETATM 1251 O O   . HOH F 5 .   ? 8.324   -9.048  -10.329 1.00 23.33 ? 372 HOH A O   1 
HETATM 1252 O O   . HOH F 5 .   ? 8.670   -6.068  14.330  1.00 13.84 ? 373 HOH A O   1 
HETATM 1253 O O   . HOH F 5 .   ? 13.971  10.157  -5.347  1.00 20.88 ? 374 HOH A O   1 
HETATM 1254 O O   . HOH F 5 .   ? -14.972 -3.800  -8.786  1.00 15.38 ? 375 HOH A O   1 
HETATM 1255 O O   . HOH F 5 .   ? 3.040   -12.961 -14.131 1.00 16.83 ? 376 HOH A O   1 
HETATM 1256 O O   . HOH F 5 .   ? 9.843   -2.521  7.848   1.00 6.80  ? 377 HOH A O   1 
HETATM 1257 O O   . HOH F 5 .   ? 10.518  -3.029  14.413  1.00 12.04 ? 378 HOH A O   1 
HETATM 1258 O O   . HOH F 5 .   ? -1.006  7.604   9.947   1.00 11.19 ? 379 HOH A O   1 
HETATM 1259 O O   . HOH F 5 .   ? 13.912  -1.302  16.846  1.00 23.69 ? 380 HOH A O   1 
HETATM 1260 O O   . HOH F 5 .   ? 3.366   -15.294 6.289   1.00 22.32 ? 381 HOH A O   1 
HETATM 1261 O O   . HOH F 5 .   ? -0.016  -2.703  2.681   1.00 15.28 ? 382 HOH A O   1 
HETATM 1262 O O   . HOH F 5 .   ? 11.892  -7.015  13.190  1.00 24.20 ? 383 HOH A O   1 
HETATM 1263 O O   . HOH F 5 .   ? 9.403   -9.399  4.785   1.00 11.99 ? 384 HOH A O   1 
HETATM 1264 O O   . HOH F 5 .   ? -0.716  2.352   0.670   1.00 18.16 ? 385 HOH A O   1 
HETATM 1265 O O   . HOH F 5 .   ? -5.392  -3.076  -17.494 1.00 16.31 ? 386 HOH A O   1 
HETATM 1266 O O   . HOH F 5 .   ? -10.361 7.402   -11.871 1.00 27.82 ? 387 HOH A O   1 
HETATM 1267 O O   . HOH F 5 .   ? 7.711   -16.172 0.609   1.00 19.93 ? 388 HOH A O   1 
HETATM 1268 O O   . HOH F 5 .   ? 9.567   11.730  -8.535  1.00 20.17 ? 389 HOH A O   1 
HETATM 1269 O O   . HOH F 5 .   ? 15.568  2.109   4.495   1.00 18.47 ? 390 HOH A O   1 
HETATM 1270 O O   . HOH F 5 .   ? -1.444  -5.046  1.286   1.00 13.00 ? 391 HOH A O   1 
HETATM 1271 O O   . HOH F 5 .   ? -3.714  4.774   -12.019 1.00 15.24 ? 392 HOH A O   1 
HETATM 1272 O O   . HOH F 5 .   ? -8.943  -17.154 -4.533  1.00 26.14 ? 393 HOH A O   1 
HETATM 1273 O O   . HOH F 5 .   ? -11.815 -5.670  -9.210  1.00 22.31 ? 394 HOH A O   1 
HETATM 1274 O O   . HOH F 5 .   ? -2.098  15.887  3.046   1.00 13.05 ? 395 HOH A O   1 
HETATM 1275 O O   . HOH F 5 .   ? 18.679  5.316   -0.788  1.00 24.17 ? 396 HOH A O   1 
HETATM 1276 O O   . HOH F 5 .   ? 12.083  -3.621  1.569   1.00 14.73 ? 397 HOH A O   1 
HETATM 1277 O O   . HOH F 5 .   ? -12.270 -2.641  8.565   1.00 19.62 ? 398 HOH A O   1 
HETATM 1278 O O   . HOH F 5 .   ? -9.160  4.821   -12.314 1.00 18.12 ? 399 HOH A O   1 
HETATM 1279 O O   . HOH F 5 .   ? 11.081  6.341   17.395  1.00 12.59 ? 400 HOH A O   1 
HETATM 1280 O O   . HOH F 5 .   ? -7.232  -15.075 -7.719  1.00 24.30 ? 401 HOH A O   1 
HETATM 1281 O O   . HOH F 5 .   ? 0.661   16.710  -9.695  1.00 15.27 ? 402 HOH A O   1 
HETATM 1282 O O   . HOH F 5 .   ? 16.261  6.974   0.143   1.00 27.46 ? 403 HOH A O   1 
HETATM 1283 O O   . HOH F 5 .   ? 3.837   12.940  10.655  1.00 12.18 ? 404 HOH A O   1 
HETATM 1284 O O   . HOH F 5 .   ? 7.201   17.681  -1.178  1.00 25.10 ? 405 HOH A O   1 
HETATM 1285 O O   . HOH F 5 .   ? 9.066   -2.543  12.073  1.00 7.47  ? 406 HOH A O   1 
HETATM 1286 O O   . HOH F 5 .   ? -3.605  -4.232  3.073   1.00 13.39 ? 407 HOH A O   1 
HETATM 1287 O O   . HOH F 5 .   ? -0.679  12.673  8.738   1.00 21.07 ? 408 HOH A O   1 
HETATM 1288 O O   . HOH F 5 .   ? 0.556   5.929   14.865  1.00 23.04 ? 409 HOH A O   1 
HETATM 1289 O O   . HOH F 5 .   ? -11.932 -1.084  11.295  1.00 23.87 ? 410 HOH A O   1 
HETATM 1290 O O   . HOH F 5 .   ? -7.273  2.696   9.645   1.00 21.20 ? 411 HOH A O   1 
HETATM 1291 O O   . HOH F 5 .   ? -1.310  -0.187  -7.260  1.00 16.74 ? 412 HOH A O   1 
HETATM 1292 O O   . HOH F 5 .   ? -10.449 -11.982 1.050   1.00 27.76 ? 413 HOH A O   1 
HETATM 1293 O O   . HOH F 5 .   ? -15.291 -15.112 -3.998  1.00 17.90 ? 414 HOH A O   1 
HETATM 1294 O O   . HOH F 5 .   ? -4.824  -3.357  10.043  1.00 20.69 ? 415 HOH A O   1 
HETATM 1295 O O   . HOH F 5 .   ? -13.448 -13.404 -2.176  1.00 17.93 ? 416 HOH A O   1 
HETATM 1296 O O   . HOH F 5 .   ? 3.189   -17.773 5.213   1.00 22.08 ? 417 HOH A O   1 
HETATM 1297 O O   . HOH F 5 .   ? 11.108  -11.260 12.240  1.00 24.99 ? 418 HOH A O   1 
HETATM 1298 O O   . HOH F 5 .   ? 6.641   -17.277 2.801   1.00 21.46 ? 419 HOH A O   1 
HETATM 1299 O O   . HOH F 5 .   ? -6.691  -14.600 2.265   1.00 32.44 ? 420 HOH A O   1 
HETATM 1300 O O   . HOH F 5 .   ? -2.464  -16.008 4.618   1.00 23.15 ? 421 HOH A O   1 
HETATM 1301 O O   . HOH F 5 .   ? 6.779   -2.647  -7.008  1.00 15.39 ? 422 HOH A O   1 
HETATM 1302 O O   . HOH F 5 .   ? 6.318   -15.488 5.040   1.00 24.62 ? 423 HOH A O   1 
HETATM 1303 O O   . HOH F 5 .   ? 5.690   -14.745 -5.868  1.00 22.67 ? 424 HOH A O   1 
HETATM 1304 O O   . HOH F 5 .   ? 6.903   -3.233  -12.909 1.00 31.24 ? 425 HOH A O   1 
HETATM 1305 O O   . HOH F 5 .   ? 16.427  2.132   9.414   1.00 20.12 ? 426 HOH A O   1 
HETATM 1306 O O   . HOH F 5 .   ? -13.172 -16.844 -5.407  1.00 16.81 ? 427 HOH A O   1 
HETATM 1307 O O   . HOH F 5 .   ? -3.347  16.288  6.132   1.00 18.64 ? 428 HOH A O   1 
HETATM 1308 O O   . HOH F 5 .   ? -6.387  20.537  1.544   1.00 25.23 ? 429 HOH A O   1 
HETATM 1309 O O   . HOH F 5 .   ? -0.002  -11.370 10.253  1.00 26.47 ? 430 HOH A O   1 
HETATM 1310 O O   . HOH F 5 .   ? -14.755 -0.705  6.520   1.00 28.31 ? 431 HOH A O   1 
HETATM 1311 O O   . HOH F 5 .   ? 12.844  10.457  1.146   1.00 14.04 ? 432 HOH A O   1 
HETATM 1312 O O   . HOH F 5 .   ? 15.434  1.161   15.422  1.00 28.00 ? 433 HOH A O   1 
HETATM 1313 O O   . HOH F 5 .   ? -0.752  -0.466  -14.157 1.00 18.75 ? 434 HOH A O   1 
HETATM 1314 O O   . HOH F 5 .   ? -1.478  -0.267  3.230   1.00 27.88 ? 435 HOH A O   1 
HETATM 1315 O O   . HOH F 5 .   ? -1.676  -4.844  10.095  1.00 20.54 ? 436 HOH A O   1 
HETATM 1316 O O   . HOH F 5 .   ? -17.868 -3.368  2.162   1.00 22.39 ? 437 HOH A O   1 
HETATM 1317 O O   . HOH F 5 .   ? -14.378 -0.580  -9.832  1.00 18.48 ? 438 HOH A O   1 
HETATM 1318 O O   . HOH F 5 .   ? 15.947  2.776   13.358  1.00 28.17 ? 439 HOH A O   1 
HETATM 1319 O O   . HOH F 5 .   ? 5.815   -1.423  -11.649 1.00 23.53 ? 440 HOH A O   1 
HETATM 1320 O O   . HOH F 5 .   ? -9.450  -13.245 -0.727  1.00 24.55 ? 441 HOH A O   1 
HETATM 1321 O O   . HOH F 5 .   ? -2.056  17.300  -9.002  1.00 29.37 ? 442 HOH A O   1 
HETATM 1322 O O   . HOH F 5 .   ? -2.551  9.352   11.514  1.00 24.02 ? 443 HOH A O   1 
HETATM 1323 O O   . HOH F 5 .   ? 2.416   11.467  14.410  1.00 17.83 ? 444 HOH A O   1 
HETATM 1324 O O   . HOH F 5 .   ? -2.667  1.223   -17.811 1.00 17.53 ? 445 HOH A O   1 
HETATM 1325 O O   . HOH F 5 .   ? -3.339  19.594  1.063   1.00 28.36 ? 446 HOH A O   1 
HETATM 1326 O O   . HOH F 5 .   ? -1.324  1.980   -15.498 1.00 18.61 ? 447 HOH A O   1 
HETATM 1327 O O   . HOH F 5 .   ? -1.967  9.286   13.922  1.00 31.05 ? 448 HOH A O   1 
HETATM 1328 O O   . HOH F 5 .   ? -5.224  17.557  4.790   1.00 28.08 ? 449 HOH A O   1 
HETATM 1329 O O   . HOH F 5 .   ? -1.280  17.629  5.194   1.00 24.54 ? 450 HOH A O   1 
HETATM 1330 O O   . HOH F 5 .   ? 13.070  8.154   18.201  1.00 24.39 ? 451 HOH A O   1 
HETATM 1331 O O   . HOH F 5 .   ? 14.897  4.202   10.850  1.00 20.97 ? 452 HOH A O   1 
HETATM 1332 O O   . HOH F 5 .   ? 15.789  -4.563  0.443   1.00 26.84 ? 453 HOH A O   1 
HETATM 1333 O O   . HOH F 5 .   ? -3.798  -16.379 2.288   1.00 32.77 ? 454 HOH A O   1 
HETATM 1334 O O   . HOH F 5 .   ? -2.108  4.433   -14.296 1.00 21.72 ? 455 HOH A O   1 
HETATM 1335 O O   . HOH F 5 .   ? 12.112  3.743   17.951  1.00 20.11 ? 456 HOH A O   1 
HETATM 1336 O O   . HOH F 5 .   ? 8.695   -4.538  -7.874  1.00 22.79 ? 457 HOH A O   1 
HETATM 1337 O O   . HOH F 5 .   ? -5.116  -13.623 -14.197 1.00 20.95 ? 458 HOH A O   1 
HETATM 1338 O O   . HOH F 5 .   ? -3.289  -14.937 -15.863 1.00 23.12 ? 459 HOH A O   1 
HETATM 1339 O O   . HOH F 5 .   ? 10.714  -16.272 0.240   1.00 32.01 ? 460 HOH A O   1 
HETATM 1340 O O   . HOH F 5 .   ? 9.120   -14.795 5.191   1.00 24.93 ? 461 HOH A O   1 
HETATM 1341 O O   . HOH F 5 .   ? -2.517  -5.698  12.322  1.00 22.10 ? 462 HOH A O   1 
HETATM 1342 O O   . HOH F 5 .   ? 16.392  4.191   5.754   1.00 32.36 ? 463 HOH A O   1 
HETATM 1343 O O   . HOH F 5 .   ? 0.174   5.897   -14.897 1.00 26.62 ? 464 HOH A O   1 
HETATM 1344 O O   . HOH F 5 .   ? 7.274   19.875  -14.945 1.00 26.86 ? 465 HOH A O   1 
# 
